data_2RQR
#
_entry.id   2RQR
#
_entity_poly.entity_id   1
_entity_poly.type   'polypeptide(L)'
_entity_poly.pdbx_seq_one_letter_code
;GSSGSSGRLLDLENIQIPDAPPPIPKEPSNYDFSGPSSGIEGRGSSGSSGSSGSSGDKERHGVAIYNFQGSGAPQLSLQI
GDVVRIQETCGDWYRGYLIKHKMLQGIFPKSFIHIKEVT
;
_entity_poly.pdbx_strand_id   A
#
# COMPACT_ATOMS: atom_id res chain seq x y z
N GLY A 1 -13.72 27.59 27.76
CA GLY A 1 -13.23 26.28 27.38
C GLY A 1 -12.51 25.58 28.52
N SER A 2 -12.29 24.28 28.37
CA SER A 2 -11.60 23.50 29.39
C SER A 2 -10.55 22.59 28.77
N SER A 3 -9.36 22.57 29.38
CA SER A 3 -8.27 21.75 28.88
C SER A 3 -7.50 21.11 30.04
N GLY A 4 -7.08 19.86 29.84
CA GLY A 4 -6.34 19.16 30.87
C GLY A 4 -4.84 19.39 30.77
N SER A 5 -4.07 18.42 31.27
CA SER A 5 -2.62 18.52 31.23
C SER A 5 -2.06 17.91 29.95
N SER A 6 -0.77 18.12 29.72
CA SER A 6 -0.12 17.61 28.52
C SER A 6 1.12 16.79 28.89
N GLY A 7 1.70 16.13 27.90
CA GLY A 7 2.88 15.32 28.12
C GLY A 7 3.55 14.87 26.85
N ARG A 8 3.58 15.76 25.86
CA ARG A 8 4.19 15.46 24.56
C ARG A 8 5.14 16.57 24.13
N LEU A 9 5.95 17.04 25.07
CA LEU A 9 6.91 18.10 24.79
C LEU A 9 8.35 17.61 24.97
N LEU A 10 9.00 17.29 23.86
CA LEU A 10 10.37 16.80 23.89
C LEU A 10 11.25 17.61 22.94
N ASP A 11 12.55 17.30 22.94
CA ASP A 11 13.49 17.99 22.07
C ASP A 11 13.98 17.08 20.95
N LEU A 12 13.54 15.82 20.99
CA LEU A 12 13.93 14.85 19.98
C LEU A 12 12.72 14.09 19.46
N GLU A 13 11.92 14.74 18.62
CA GLU A 13 10.73 14.13 18.06
C GLU A 13 11.08 12.84 17.31
N ASN A 14 10.32 11.79 17.58
CA ASN A 14 10.55 10.50 16.93
C ASN A 14 9.35 9.57 17.13
N ILE A 15 8.70 9.21 16.02
CA ILE A 15 7.55 8.33 16.08
C ILE A 15 7.81 7.12 16.97
N GLN A 16 6.77 6.65 17.64
CA GLN A 16 6.89 5.50 18.53
C GLN A 16 7.01 4.20 17.73
N ILE A 17 8.16 4.02 17.09
CA ILE A 17 8.40 2.82 16.29
C ILE A 17 9.23 1.80 17.06
N PRO A 18 8.86 0.51 16.94
CA PRO A 18 9.57 -0.57 17.62
C PRO A 18 10.95 -0.82 17.03
N ASP A 19 11.81 -1.46 17.81
CA ASP A 19 13.16 -1.77 17.37
C ASP A 19 13.16 -2.44 16.01
N ALA A 20 12.21 -3.35 15.81
CA ALA A 20 12.09 -4.08 14.54
C ALA A 20 10.63 -4.27 14.17
N PRO A 21 10.36 -4.33 12.86
CA PRO A 21 9.00 -4.53 12.34
C PRO A 21 8.46 -5.92 12.61
N PRO A 22 7.15 -6.01 12.86
CA PRO A 22 6.49 -7.28 13.16
C PRO A 22 6.41 -8.19 11.93
N PRO A 23 6.04 -9.46 12.15
CA PRO A 23 5.91 -10.44 11.06
C PRO A 23 4.73 -10.16 10.15
N ILE A 24 5.02 -9.74 8.92
CA ILE A 24 3.98 -9.44 7.95
C ILE A 24 2.78 -10.36 8.13
N PRO A 25 1.57 -9.79 8.02
CA PRO A 25 0.32 -10.55 8.15
C PRO A 25 0.08 -11.49 6.99
N LYS A 26 -1.00 -12.26 7.06
CA LYS A 26 -1.35 -13.20 6.00
C LYS A 26 -2.15 -12.53 4.90
N GLU A 27 -1.89 -12.91 3.66
CA GLU A 27 -2.60 -12.34 2.52
C GLU A 27 -4.11 -12.43 2.71
N PRO A 28 -4.83 -11.43 2.18
CA PRO A 28 -6.30 -11.38 2.29
C PRO A 28 -6.98 -12.46 1.45
N SER A 29 -8.21 -12.79 1.82
CA SER A 29 -8.97 -13.82 1.10
C SER A 29 -9.10 -13.45 -0.37
N ASN A 30 -9.68 -14.37 -1.15
CA ASN A 30 -9.87 -14.15 -2.57
C ASN A 30 -10.35 -12.73 -2.85
N TYR A 31 -9.47 -11.89 -3.36
CA TYR A 31 -9.81 -10.51 -3.67
C TYR A 31 -11.18 -10.42 -4.35
N ASP A 32 -11.86 -9.30 -4.15
CA ASP A 32 -13.17 -9.09 -4.74
C ASP A 32 -13.12 -7.99 -5.80
N PHE A 33 -12.12 -8.06 -6.68
CA PHE A 33 -11.97 -7.07 -7.74
C PHE A 33 -13.10 -7.17 -8.75
N SER A 34 -13.12 -6.25 -9.70
CA SER A 34 -14.15 -6.23 -10.73
C SER A 34 -13.66 -5.48 -11.98
N GLY A 35 -13.66 -6.18 -13.11
CA GLY A 35 -13.22 -5.58 -14.35
C GLY A 35 -12.99 -6.59 -15.45
N PRO A 36 -12.24 -6.20 -16.48
CA PRO A 36 -11.94 -7.08 -17.62
C PRO A 36 -11.00 -8.22 -17.24
N SER A 37 -11.36 -9.43 -17.65
CA SER A 37 -10.56 -10.61 -17.35
C SER A 37 -9.08 -10.34 -17.63
N SER A 38 -8.25 -10.52 -16.61
CA SER A 38 -6.81 -10.29 -16.76
C SER A 38 -6.11 -11.55 -17.26
N GLY A 39 -5.17 -11.37 -18.18
CA GLY A 39 -4.44 -12.50 -18.72
C GLY A 39 -3.58 -12.11 -19.91
N ILE A 40 -4.02 -11.12 -20.66
CA ILE A 40 -3.29 -10.65 -21.83
C ILE A 40 -2.31 -9.55 -21.46
N GLU A 41 -1.90 -9.53 -20.20
CA GLU A 41 -0.96 -8.52 -19.72
C GLU A 41 0.36 -8.58 -20.49
N GLY A 42 0.84 -9.80 -20.72
CA GLY A 42 2.08 -9.97 -21.45
C GLY A 42 2.00 -9.48 -22.88
N ARG A 43 0.89 -9.81 -23.55
CA ARG A 43 0.70 -9.40 -24.93
C ARG A 43 0.73 -7.88 -25.05
N GLY A 44 -0.01 -7.20 -24.18
CA GLY A 44 -0.05 -5.75 -24.21
C GLY A 44 -1.26 -5.23 -24.95
N SER A 45 -2.00 -4.32 -24.31
CA SER A 45 -3.19 -3.74 -24.91
C SER A 45 -3.51 -2.40 -24.28
N SER A 46 -3.69 -1.38 -25.12
CA SER A 46 -4.00 -0.04 -24.64
C SER A 46 -5.44 0.04 -24.13
N GLY A 47 -5.69 1.02 -23.27
CA GLY A 47 -7.03 1.18 -22.72
C GLY A 47 -7.02 1.34 -21.20
N SER A 48 -6.68 2.53 -20.74
CA SER A 48 -6.63 2.80 -19.30
C SER A 48 -7.65 3.87 -18.91
N SER A 49 -8.85 3.77 -19.48
CA SER A 49 -9.92 4.72 -19.21
C SER A 49 -10.82 4.21 -18.09
N GLY A 50 -11.28 5.13 -17.23
CA GLY A 50 -12.14 4.75 -16.14
C GLY A 50 -13.01 5.90 -15.66
N SER A 51 -12.76 6.36 -14.44
CA SER A 51 -13.53 7.45 -13.86
C SER A 51 -13.54 8.66 -14.80
N SER A 52 -14.73 9.00 -15.29
CA SER A 52 -14.88 10.13 -16.20
C SER A 52 -15.09 11.43 -15.44
N GLY A 53 -16.11 11.44 -14.59
CA GLY A 53 -16.41 12.63 -13.80
C GLY A 53 -15.69 12.63 -12.47
N SER A 54 -16.39 13.06 -11.42
CA SER A 54 -15.82 13.12 -10.09
C SER A 54 -16.45 12.07 -9.17
N SER A 55 -15.96 10.85 -9.25
CA SER A 55 -16.47 9.76 -8.43
C SER A 55 -16.03 9.91 -6.98
N GLY A 56 -14.73 10.14 -6.78
CA GLY A 56 -14.21 10.30 -5.44
C GLY A 56 -12.71 10.55 -5.44
N ASP A 57 -12.33 11.81 -5.61
CA ASP A 57 -10.91 12.18 -5.62
C ASP A 57 -10.39 12.41 -4.20
N LYS A 58 -10.67 11.47 -3.31
CA LYS A 58 -10.24 11.57 -1.93
C LYS A 58 -9.41 10.35 -1.53
N GLU A 59 -8.13 10.35 -1.91
CA GLU A 59 -7.25 9.24 -1.58
C GLU A 59 -6.54 9.48 -0.25
N ARG A 60 -5.82 8.47 0.22
CA ARG A 60 -5.10 8.57 1.48
C ARG A 60 -3.60 8.65 1.25
N HIS A 61 -2.93 9.53 2.00
CA HIS A 61 -1.49 9.69 1.87
C HIS A 61 -0.74 8.84 2.89
N GLY A 62 0.07 7.91 2.40
CA GLY A 62 0.83 7.05 3.29
C GLY A 62 2.32 7.10 3.01
N VAL A 63 3.10 6.51 3.90
CA VAL A 63 4.55 6.50 3.76
C VAL A 63 5.15 5.19 4.28
N ALA A 64 5.99 4.58 3.46
CA ALA A 64 6.64 3.32 3.83
C ALA A 64 7.63 3.53 4.96
N ILE A 65 7.48 2.74 6.03
CA ILE A 65 8.37 2.85 7.18
C ILE A 65 9.35 1.68 7.22
N TYR A 66 8.95 0.55 6.63
CA TYR A 66 9.78 -0.64 6.60
C TYR A 66 10.03 -1.10 5.16
N ASN A 67 11.27 -1.47 4.88
CA ASN A 67 11.65 -1.92 3.54
C ASN A 67 10.98 -3.26 3.21
N PHE A 68 10.04 -3.23 2.27
CA PHE A 68 9.33 -4.43 1.86
C PHE A 68 9.91 -5.00 0.58
N GLN A 69 10.09 -6.32 0.55
CA GLN A 69 10.65 -6.99 -0.61
C GLN A 69 9.67 -8.01 -1.18
N GLY A 70 9.14 -7.72 -2.36
CA GLY A 70 8.19 -8.62 -2.99
C GLY A 70 8.80 -9.39 -4.14
N SER A 71 7.97 -10.19 -4.82
CA SER A 71 8.43 -10.99 -5.94
C SER A 71 7.72 -10.61 -7.23
N GLY A 72 6.41 -10.38 -7.12
CA GLY A 72 5.62 -10.00 -8.27
C GLY A 72 4.15 -9.82 -7.94
N ALA A 73 3.47 -9.00 -8.74
CA ALA A 73 2.05 -8.73 -8.53
C ALA A 73 1.30 -10.02 -8.13
N PRO A 74 0.20 -9.85 -7.40
CA PRO A 74 -0.30 -8.53 -7.00
C PRO A 74 0.60 -7.86 -5.97
N GLN A 75 1.63 -8.57 -5.54
CA GLN A 75 2.57 -8.05 -4.54
C GLN A 75 3.42 -6.94 -5.14
N LEU A 76 3.55 -5.84 -4.40
CA LEU A 76 4.34 -4.71 -4.86
C LEU A 76 5.44 -4.37 -3.86
N SER A 77 6.62 -4.03 -4.37
CA SER A 77 7.76 -3.70 -3.52
C SER A 77 7.63 -2.28 -2.98
N LEU A 78 8.29 -2.00 -1.86
CA LEU A 78 8.25 -0.68 -1.24
C LEU A 78 9.57 -0.37 -0.56
N GLN A 79 9.89 0.92 -0.47
CA GLN A 79 11.13 1.36 0.16
C GLN A 79 10.86 2.44 1.21
N ILE A 80 11.47 2.29 2.38
CA ILE A 80 11.28 3.26 3.46
C ILE A 80 11.46 4.69 2.95
N GLY A 81 10.51 5.55 3.31
CA GLY A 81 10.58 6.94 2.88
C GLY A 81 9.88 7.17 1.56
N ASP A 82 9.06 6.20 1.14
CA ASP A 82 8.34 6.30 -0.12
C ASP A 82 6.85 6.49 0.13
N VAL A 83 6.23 7.35 -0.67
CA VAL A 83 4.79 7.62 -0.53
C VAL A 83 4.00 6.95 -1.65
N VAL A 84 2.87 6.36 -1.29
CA VAL A 84 2.01 5.68 -2.26
C VAL A 84 0.59 6.23 -2.22
N ARG A 85 -0.05 6.29 -3.39
CA ARG A 85 -1.41 6.80 -3.50
C ARG A 85 -2.42 5.71 -3.16
N ILE A 86 -2.94 5.76 -1.93
CA ILE A 86 -3.93 4.78 -1.50
C ILE A 86 -5.28 5.03 -2.14
N GLN A 87 -5.76 4.04 -2.89
CA GLN A 87 -7.05 4.16 -3.57
C GLN A 87 -8.11 3.32 -2.86
N GLU A 88 -7.74 2.12 -2.44
CA GLU A 88 -8.66 1.23 -1.75
C GLU A 88 -7.98 0.58 -0.55
N THR A 89 -8.77 -0.12 0.27
CA THR A 89 -8.25 -0.78 1.46
C THR A 89 -9.00 -2.09 1.72
N CYS A 90 -8.29 -3.21 1.58
CA CYS A 90 -8.88 -4.52 1.82
C CYS A 90 -8.17 -5.25 2.95
N GLY A 91 -8.95 -5.82 3.86
CA GLY A 91 -8.39 -6.54 4.98
C GLY A 91 -7.22 -5.81 5.61
N ASP A 92 -6.11 -6.51 5.80
CA ASP A 92 -4.92 -5.93 6.40
C ASP A 92 -3.89 -5.58 5.32
N TRP A 93 -4.38 -5.14 4.16
CA TRP A 93 -3.51 -4.77 3.06
C TRP A 93 -4.09 -3.60 2.28
N TYR A 94 -3.22 -2.70 1.84
CA TYR A 94 -3.65 -1.52 1.08
C TYR A 94 -3.55 -1.79 -0.42
N ARG A 95 -4.26 -0.98 -1.20
CA ARG A 95 -4.27 -1.11 -2.65
C ARG A 95 -3.95 0.21 -3.33
N GLY A 96 -2.85 0.24 -4.09
CA GLY A 96 -2.46 1.45 -4.78
C GLY A 96 -1.19 1.26 -5.59
N TYR A 97 -0.38 2.31 -5.67
CA TYR A 97 0.86 2.26 -6.42
C TYR A 97 1.84 3.32 -5.93
N LEU A 98 3.10 3.23 -6.37
CA LEU A 98 4.13 4.17 -5.98
C LEU A 98 3.99 5.49 -6.74
N ILE A 99 3.64 6.54 -6.02
CA ILE A 99 3.47 7.85 -6.62
C ILE A 99 4.73 8.28 -7.39
N LYS A 100 5.88 8.04 -6.78
CA LYS A 100 7.15 8.39 -7.41
C LYS A 100 7.43 7.51 -8.63
N HIS A 101 6.99 6.26 -8.56
CA HIS A 101 7.18 5.32 -9.65
C HIS A 101 5.91 4.53 -9.93
N LYS A 102 5.02 5.11 -10.73
CA LYS A 102 3.76 4.46 -11.07
C LYS A 102 4.00 3.20 -11.87
N MET A 103 5.15 3.11 -12.52
CA MET A 103 5.51 1.94 -13.30
C MET A 103 5.25 0.66 -12.53
N LEU A 104 5.18 0.78 -11.21
CA LEU A 104 4.94 -0.38 -10.35
C LEU A 104 3.66 -0.20 -9.54
N GLN A 105 2.76 -1.17 -9.64
CA GLN A 105 1.49 -1.11 -8.90
C GLN A 105 1.18 -2.46 -8.25
N GLY A 106 0.43 -2.42 -7.16
CA GLY A 106 0.08 -3.63 -6.46
C GLY A 106 -0.48 -3.37 -5.07
N ILE A 107 -0.20 -4.26 -4.14
CA ILE A 107 -0.69 -4.12 -2.77
C ILE A 107 0.46 -4.23 -1.77
N PHE A 108 0.19 -3.86 -0.52
CA PHE A 108 1.19 -3.92 0.54
C PHE A 108 0.54 -3.94 1.91
N PRO A 109 1.29 -4.39 2.92
CA PRO A 109 0.80 -4.47 4.30
C PRO A 109 0.61 -3.10 4.93
N LYS A 110 -0.54 -2.91 5.58
CA LYS A 110 -0.85 -1.65 6.24
C LYS A 110 0.13 -1.37 7.37
N SER A 111 0.67 -2.43 7.95
CA SER A 111 1.63 -2.29 9.06
C SER A 111 2.92 -1.63 8.58
N PHE A 112 3.08 -1.55 7.27
CA PHE A 112 4.27 -0.94 6.69
C PHE A 112 3.98 0.46 6.16
N ILE A 113 2.69 0.77 6.04
CA ILE A 113 2.27 2.08 5.54
C ILE A 113 1.89 3.00 6.69
N HIS A 114 2.52 4.18 6.74
CA HIS A 114 2.25 5.15 7.78
C HIS A 114 1.28 6.22 7.30
N ILE A 115 0.00 6.06 7.63
CA ILE A 115 -1.02 7.01 7.22
C ILE A 115 -0.83 8.36 7.92
N LYS A 116 -0.45 9.37 7.14
CA LYS A 116 -0.24 10.71 7.67
C LYS A 116 -1.54 11.48 7.74
N GLU A 117 -1.83 12.05 8.91
CA GLU A 117 -3.05 12.82 9.10
C GLU A 117 -2.75 14.16 9.76
N VAL A 118 -1.73 14.85 9.27
CA VAL A 118 -1.34 16.15 9.80
C VAL A 118 -2.45 17.17 9.64
N THR A 119 -3.47 16.81 8.87
CA THR A 119 -4.60 17.70 8.63
C THR A 119 -5.72 17.43 9.63
N GLY A 1 -27.40 13.48 8.74
CA GLY A 1 -26.39 12.51 8.36
C GLY A 1 -25.09 12.69 9.14
N SER A 2 -24.97 11.95 10.24
CA SER A 2 -23.77 12.03 11.07
C SER A 2 -22.52 12.24 10.23
N SER A 3 -22.01 13.46 10.23
CA SER A 3 -20.82 13.79 9.46
C SER A 3 -19.91 14.74 10.24
N GLY A 4 -18.64 14.74 9.88
CA GLY A 4 -17.67 15.61 10.55
C GLY A 4 -16.24 15.19 10.31
N SER A 5 -15.30 15.93 10.89
CA SER A 5 -13.88 15.63 10.74
C SER A 5 -13.34 14.91 11.96
N SER A 6 -13.54 13.60 12.01
CA SER A 6 -13.09 12.79 13.15
C SER A 6 -11.56 12.80 13.23
N GLY A 7 -11.04 12.91 14.44
CA GLY A 7 -9.59 12.92 14.63
C GLY A 7 -9.21 13.32 16.04
N ARG A 8 -7.99 13.85 16.19
CA ARG A 8 -7.49 14.27 17.49
C ARG A 8 -6.15 14.98 17.36
N LEU A 9 -5.92 15.98 18.19
CA LEU A 9 -4.67 16.74 18.16
C LEU A 9 -4.12 16.94 19.58
N LEU A 10 -2.98 16.33 19.85
CA LEU A 10 -2.35 16.44 21.16
C LEU A 10 -0.91 16.95 21.03
N ASP A 11 -0.56 17.94 21.85
CA ASP A 11 0.78 18.50 21.83
C ASP A 11 1.81 17.45 22.24
N LEU A 12 1.34 16.30 22.69
CA LEU A 12 2.22 15.21 23.10
C LEU A 12 2.60 14.33 21.91
N GLU A 13 2.81 14.96 20.75
CA GLU A 13 3.18 14.23 19.54
C GLU A 13 4.60 13.70 19.64
N ASN A 14 4.73 12.37 19.71
CA ASN A 14 6.04 11.73 19.80
C ASN A 14 5.93 10.25 19.49
N ILE A 15 6.40 9.86 18.32
CA ILE A 15 6.35 8.46 17.90
C ILE A 15 7.68 7.76 18.20
N GLN A 16 7.59 6.54 18.72
CA GLN A 16 8.78 5.77 19.05
C GLN A 16 8.85 4.49 18.23
N ILE A 17 9.52 4.56 17.08
CA ILE A 17 9.66 3.41 16.20
C ILE A 17 10.60 2.37 16.79
N PRO A 18 10.23 1.09 16.66
CA PRO A 18 11.03 -0.03 17.18
C PRO A 18 12.32 -0.21 16.39
N ASP A 19 13.16 -1.13 16.85
CA ASP A 19 14.43 -1.42 16.20
C ASP A 19 14.22 -2.29 14.96
N ALA A 20 13.35 -3.28 15.09
CA ALA A 20 13.06 -4.19 13.98
C ALA A 20 11.56 -4.19 13.66
N PRO A 21 11.24 -4.39 12.37
CA PRO A 21 9.84 -4.42 11.91
C PRO A 21 9.10 -5.68 12.39
N PRO A 22 7.82 -5.51 12.73
CA PRO A 22 6.98 -6.61 13.20
C PRO A 22 6.67 -7.62 12.10
N PRO A 23 6.10 -8.78 12.50
CA PRO A 23 5.74 -9.84 11.56
C PRO A 23 4.56 -9.46 10.68
N ILE A 24 4.73 -9.65 9.36
CA ILE A 24 3.67 -9.32 8.42
C ILE A 24 2.56 -10.35 8.47
N PRO A 25 1.30 -9.87 8.44
CA PRO A 25 0.11 -10.72 8.49
C PRO A 25 -0.07 -11.52 7.20
N LYS A 26 -1.19 -12.23 7.10
CA LYS A 26 -1.49 -13.03 5.92
C LYS A 26 -1.95 -12.15 4.76
N GLU A 27 -1.49 -12.47 3.56
CA GLU A 27 -1.85 -11.70 2.37
C GLU A 27 -3.25 -12.09 1.90
N PRO A 28 -4.03 -11.09 1.47
CA PRO A 28 -5.39 -11.29 0.97
C PRO A 28 -5.42 -12.02 -0.36
N SER A 29 -6.55 -12.66 -0.67
CA SER A 29 -6.71 -13.39 -1.91
C SER A 29 -7.20 -12.47 -3.03
N ASN A 30 -6.79 -12.77 -4.26
CA ASN A 30 -7.19 -11.98 -5.41
C ASN A 30 -8.61 -11.45 -5.25
N TYR A 31 -8.73 -10.15 -5.03
CA TYR A 31 -10.03 -9.51 -4.86
C TYR A 31 -10.70 -9.26 -6.20
N ASP A 32 -11.97 -8.87 -6.16
CA ASP A 32 -12.73 -8.59 -7.37
C ASP A 32 -12.00 -7.56 -8.25
N PHE A 33 -11.26 -8.06 -9.24
CA PHE A 33 -10.52 -7.18 -10.14
C PHE A 33 -11.05 -7.30 -11.57
N SER A 34 -10.69 -6.33 -12.40
CA SER A 34 -11.14 -6.31 -13.80
C SER A 34 -10.09 -5.65 -14.69
N GLY A 35 -9.67 -6.37 -15.73
CA GLY A 35 -8.68 -5.84 -16.64
C GLY A 35 -7.29 -6.40 -16.38
N PRO A 36 -6.34 -6.08 -17.28
CA PRO A 36 -4.96 -6.54 -17.16
C PRO A 36 -4.22 -5.88 -15.99
N SER A 37 -3.88 -6.67 -14.99
CA SER A 37 -3.18 -6.16 -13.82
C SER A 37 -1.69 -6.44 -13.92
N SER A 38 -0.98 -5.59 -14.65
CA SER A 38 0.46 -5.75 -14.82
C SER A 38 0.80 -7.18 -15.23
N GLY A 39 0.02 -7.73 -16.16
CA GLY A 39 0.25 -9.08 -16.62
C GLY A 39 -0.82 -10.05 -16.15
N ILE A 40 -0.77 -11.27 -16.66
CA ILE A 40 -1.74 -12.29 -16.28
C ILE A 40 -1.07 -13.65 -16.09
N GLU A 41 -1.76 -14.54 -15.39
CA GLU A 41 -1.23 -15.88 -15.14
C GLU A 41 -2.13 -16.95 -15.73
N GLY A 42 -1.88 -17.30 -16.99
CA GLY A 42 -2.68 -18.31 -17.65
C GLY A 42 -2.70 -18.13 -19.16
N ARG A 43 -3.77 -18.60 -19.80
CA ARG A 43 -3.91 -18.49 -21.24
C ARG A 43 -5.30 -18.00 -21.62
N GLY A 44 -5.40 -16.71 -21.93
CA GLY A 44 -6.68 -16.13 -22.30
C GLY A 44 -6.68 -14.62 -22.19
N SER A 45 -6.00 -13.95 -23.12
CA SER A 45 -5.93 -12.50 -23.12
C SER A 45 -6.41 -11.93 -24.45
N SER A 46 -7.32 -10.96 -24.37
CA SER A 46 -7.87 -10.33 -25.57
C SER A 46 -8.63 -9.06 -25.21
N GLY A 47 -9.02 -8.29 -26.24
CA GLY A 47 -9.74 -7.07 -26.01
C GLY A 47 -9.13 -6.22 -24.90
N SER A 48 -9.86 -6.12 -23.79
CA SER A 48 -9.38 -5.34 -22.65
C SER A 48 -8.64 -4.09 -23.12
N SER A 49 -9.21 -3.42 -24.12
CA SER A 49 -8.61 -2.21 -24.67
C SER A 49 -9.22 -0.96 -24.03
N GLY A 50 -8.64 -0.54 -22.92
CA GLY A 50 -9.15 0.64 -22.23
C GLY A 50 -8.54 0.80 -20.85
N SER A 51 -7.33 1.36 -20.79
CA SER A 51 -6.65 1.57 -19.52
C SER A 51 -7.17 2.82 -18.82
N SER A 52 -7.22 3.92 -19.55
CA SER A 52 -7.69 5.19 -19.00
C SER A 52 -9.03 5.00 -18.30
N GLY A 53 -9.13 5.52 -17.08
CA GLY A 53 -10.36 5.40 -16.32
C GLY A 53 -10.11 5.36 -14.82
N SER A 54 -9.75 6.50 -14.25
CA SER A 54 -9.48 6.58 -12.82
C SER A 54 -10.41 7.59 -12.15
N SER A 55 -10.70 7.37 -10.87
CA SER A 55 -11.57 8.26 -10.12
C SER A 55 -10.98 8.59 -8.76
N GLY A 56 -11.53 9.61 -8.10
CA GLY A 56 -11.04 9.99 -6.78
C GLY A 56 -11.99 9.58 -5.67
N ASP A 57 -11.60 8.58 -4.90
CA ASP A 57 -12.41 8.09 -3.80
C ASP A 57 -11.82 8.51 -2.45
N LYS A 58 -11.36 9.76 -2.38
CA LYS A 58 -10.77 10.28 -1.16
C LYS A 58 -9.48 9.55 -0.81
N GLU A 59 -8.61 9.40 -1.80
CA GLU A 59 -7.34 8.72 -1.61
C GLU A 59 -6.63 9.23 -0.36
N ARG A 60 -5.85 8.36 0.28
CA ARG A 60 -5.12 8.73 1.48
C ARG A 60 -3.62 8.76 1.22
N HIS A 61 -2.90 9.58 1.99
CA HIS A 61 -1.46 9.70 1.83
C HIS A 61 -0.73 8.88 2.89
N GLY A 62 0.06 7.91 2.43
CA GLY A 62 0.80 7.06 3.35
C GLY A 62 2.28 7.07 3.08
N VAL A 63 3.06 6.51 4.00
CA VAL A 63 4.50 6.46 3.86
C VAL A 63 5.07 5.16 4.41
N ALA A 64 5.93 4.51 3.62
CA ALA A 64 6.54 3.24 4.04
C ALA A 64 7.57 3.47 5.13
N ILE A 65 7.48 2.69 6.20
CA ILE A 65 8.40 2.81 7.32
C ILE A 65 9.37 1.63 7.36
N TYR A 66 9.01 0.56 6.65
CA TYR A 66 9.84 -0.64 6.60
C TYR A 66 9.94 -1.18 5.18
N ASN A 67 11.14 -1.63 4.82
CA ASN A 67 11.38 -2.18 3.49
C ASN A 67 10.59 -3.47 3.27
N PHE A 68 9.50 -3.37 2.51
CA PHE A 68 8.66 -4.53 2.23
C PHE A 68 9.12 -5.24 0.97
N GLN A 69 9.24 -6.57 1.05
CA GLN A 69 9.67 -7.37 -0.09
C GLN A 69 8.70 -8.51 -0.36
N GLY A 70 7.93 -8.39 -1.44
CA GLY A 70 6.97 -9.41 -1.79
C GLY A 70 7.48 -10.36 -2.86
N SER A 71 6.56 -10.94 -3.62
CA SER A 71 6.93 -11.87 -4.68
C SER A 71 6.41 -11.38 -6.03
N GLY A 72 5.17 -10.90 -6.04
CA GLY A 72 4.57 -10.42 -7.27
C GLY A 72 3.10 -10.07 -7.11
N ALA A 73 2.57 -9.29 -8.03
CA ALA A 73 1.17 -8.89 -7.99
C ALA A 73 0.29 -10.04 -7.51
N PRO A 74 -0.84 -9.68 -6.86
CA PRO A 74 -1.21 -8.29 -6.63
C PRO A 74 -0.31 -7.61 -5.62
N GLN A 75 0.62 -8.37 -5.05
CA GLN A 75 1.54 -7.83 -4.06
C GLN A 75 2.55 -6.88 -4.71
N LEU A 76 2.86 -5.80 -4.01
CA LEU A 76 3.81 -4.81 -4.52
C LEU A 76 4.87 -4.50 -3.48
N SER A 77 6.11 -4.32 -3.95
CA SER A 77 7.22 -4.01 -3.05
C SER A 77 7.20 -2.54 -2.64
N LEU A 78 7.91 -2.23 -1.57
CA LEU A 78 7.98 -0.86 -1.07
C LEU A 78 9.34 -0.57 -0.44
N GLN A 79 9.71 0.71 -0.39
CA GLN A 79 10.98 1.12 0.18
C GLN A 79 10.78 2.23 1.21
N ILE A 80 11.48 2.10 2.33
CA ILE A 80 11.37 3.09 3.41
C ILE A 80 11.53 4.51 2.86
N GLY A 81 10.54 5.35 3.14
CA GLY A 81 10.58 6.73 2.67
C GLY A 81 9.87 6.91 1.35
N ASP A 82 9.00 5.96 1.01
CA ASP A 82 8.26 6.03 -0.24
C ASP A 82 6.77 6.26 0.02
N VAL A 83 6.19 7.21 -0.72
CA VAL A 83 4.78 7.53 -0.56
C VAL A 83 3.95 6.89 -1.66
N VAL A 84 2.90 6.18 -1.26
CA VAL A 84 2.02 5.52 -2.22
C VAL A 84 0.59 6.03 -2.10
N ARG A 85 -0.08 6.17 -3.24
CA ARG A 85 -1.46 6.65 -3.26
C ARG A 85 -2.44 5.51 -2.99
N ILE A 86 -3.08 5.55 -1.82
CA ILE A 86 -4.04 4.52 -1.44
C ILE A 86 -5.40 4.77 -2.10
N GLN A 87 -5.92 3.75 -2.76
CA GLN A 87 -7.22 3.85 -3.43
C GLN A 87 -8.26 2.97 -2.75
N GLU A 88 -7.83 1.77 -2.35
CA GLU A 88 -8.73 0.83 -1.69
C GLU A 88 -8.04 0.18 -0.48
N THR A 89 -8.84 -0.16 0.53
CA THR A 89 -8.31 -0.79 1.73
C THR A 89 -8.93 -2.16 1.95
N CYS A 90 -8.10 -3.20 1.87
CA CYS A 90 -8.56 -4.57 2.05
C CYS A 90 -7.92 -5.20 3.29
N GLY A 91 -8.74 -5.54 4.27
CA GLY A 91 -8.23 -6.15 5.49
C GLY A 91 -6.96 -5.47 5.99
N ASP A 92 -5.96 -6.28 6.33
CA ASP A 92 -4.69 -5.75 6.82
C ASP A 92 -3.73 -5.47 5.67
N TRP A 93 -4.26 -4.88 4.59
CA TRP A 93 -3.44 -4.56 3.43
C TRP A 93 -4.06 -3.43 2.63
N TYR A 94 -3.23 -2.50 2.19
CA TYR A 94 -3.69 -1.35 1.41
C TYR A 94 -3.58 -1.62 -0.09
N ARG A 95 -4.37 -0.90 -0.87
CA ARG A 95 -4.37 -1.06 -2.32
C ARG A 95 -4.05 0.25 -3.02
N GLY A 96 -2.93 0.28 -3.73
CA GLY A 96 -2.53 1.48 -4.44
C GLY A 96 -1.33 1.26 -5.34
N TYR A 97 -0.49 2.27 -5.48
CA TYR A 97 0.68 2.18 -6.33
C TYR A 97 1.75 3.19 -5.90
N LEU A 98 2.98 2.98 -6.37
CA LEU A 98 4.08 3.88 -6.04
C LEU A 98 3.94 5.21 -6.78
N ILE A 99 3.71 6.28 -6.02
CA ILE A 99 3.56 7.60 -6.60
C ILE A 99 4.83 8.01 -7.35
N LYS A 100 5.98 7.78 -6.75
CA LYS A 100 7.25 8.12 -7.36
C LYS A 100 7.48 7.31 -8.64
N HIS A 101 6.63 6.32 -8.86
CA HIS A 101 6.73 5.48 -10.05
C HIS A 101 5.43 4.72 -10.29
N LYS A 102 4.69 5.13 -11.32
CA LYS A 102 3.41 4.49 -11.66
C LYS A 102 3.66 3.26 -12.53
N MET A 103 4.81 2.63 -12.37
CA MET A 103 5.15 1.44 -13.14
C MET A 103 5.01 0.18 -12.29
N LEU A 104 4.67 0.36 -11.02
CA LEU A 104 4.50 -0.76 -10.10
C LEU A 104 3.23 -0.60 -9.27
N GLN A 105 2.30 -1.52 -9.43
CA GLN A 105 1.05 -1.48 -8.69
C GLN A 105 0.80 -2.80 -7.96
N GLY A 106 0.09 -2.72 -6.84
CA GLY A 106 -0.20 -3.92 -6.07
C GLY A 106 -0.75 -3.60 -4.70
N ILE A 107 -0.44 -4.45 -3.73
CA ILE A 107 -0.91 -4.24 -2.36
C ILE A 107 0.23 -4.39 -1.35
N PHE A 108 -0.03 -4.00 -0.11
CA PHE A 108 0.98 -4.08 0.94
C PHE A 108 0.33 -4.04 2.32
N PRO A 109 1.08 -4.49 3.34
CA PRO A 109 0.59 -4.52 4.72
C PRO A 109 0.46 -3.12 5.31
N LYS A 110 -0.66 -2.87 6.00
CA LYS A 110 -0.91 -1.58 6.61
C LYS A 110 0.12 -1.28 7.70
N SER A 111 0.58 -2.34 8.36
CA SER A 111 1.57 -2.19 9.42
C SER A 111 2.85 -1.55 8.90
N PHE A 112 2.98 -1.49 7.58
CA PHE A 112 4.15 -0.91 6.94
C PHE A 112 3.85 0.48 6.40
N ILE A 113 2.57 0.76 6.20
CA ILE A 113 2.14 2.05 5.68
C ILE A 113 1.75 3.00 6.81
N HIS A 114 2.43 4.14 6.87
CA HIS A 114 2.15 5.14 7.91
C HIS A 114 1.20 6.20 7.40
N ILE A 115 -0.09 6.02 7.69
CA ILE A 115 -1.11 6.97 7.25
C ILE A 115 -0.91 8.32 7.92
N LYS A 116 -0.61 9.34 7.11
CA LYS A 116 -0.41 10.69 7.63
C LYS A 116 -1.68 11.52 7.50
N GLU A 117 -1.83 12.50 8.39
CA GLU A 117 -3.00 13.36 8.37
C GLU A 117 -2.60 14.83 8.38
N VAL A 118 -2.30 15.36 7.20
CA VAL A 118 -1.89 16.75 7.07
C VAL A 118 -3.10 17.69 7.16
N THR A 119 -4.06 17.49 6.28
CA THR A 119 -5.27 18.31 6.27
C THR A 119 -6.46 17.55 6.83
N GLY A 1 33.93 -21.52 15.24
CA GLY A 1 34.21 -20.13 15.53
C GLY A 1 33.36 -19.17 14.72
N SER A 2 32.48 -18.44 15.39
CA SER A 2 31.61 -17.48 14.71
C SER A 2 31.71 -16.11 15.36
N SER A 3 31.51 -15.07 14.55
CA SER A 3 31.58 -13.70 15.04
C SER A 3 30.86 -12.75 14.10
N GLY A 4 30.61 -11.53 14.57
CA GLY A 4 29.93 -10.54 13.75
C GLY A 4 29.60 -9.28 14.52
N SER A 5 30.48 -8.28 14.41
CA SER A 5 30.29 -7.01 15.10
C SER A 5 29.04 -6.31 14.61
N SER A 6 28.57 -5.33 15.38
CA SER A 6 27.37 -4.58 15.01
C SER A 6 27.41 -3.18 15.63
N GLY A 7 26.54 -2.31 15.13
CA GLY A 7 26.48 -0.95 15.63
C GLY A 7 25.06 -0.43 15.75
N ARG A 8 24.64 -0.12 16.98
CA ARG A 8 23.30 0.39 17.23
C ARG A 8 23.32 1.89 17.46
N LEU A 9 22.15 2.44 17.80
CA LEU A 9 22.04 3.88 18.05
C LEU A 9 20.73 4.20 18.75
N LEU A 10 20.80 5.02 19.79
CA LEU A 10 19.62 5.42 20.55
C LEU A 10 19.12 6.78 20.10
N ASP A 11 18.00 7.22 20.66
CA ASP A 11 17.41 8.50 20.33
C ASP A 11 16.34 8.90 21.34
N LEU A 12 16.63 9.89 22.16
CA LEU A 12 15.70 10.36 23.17
C LEU A 12 14.26 10.30 22.66
N GLU A 13 14.05 10.82 21.46
CA GLU A 13 12.73 10.81 20.85
C GLU A 13 11.97 9.53 21.20
N ASN A 14 10.65 9.65 21.32
CA ASN A 14 9.82 8.49 21.65
C ASN A 14 8.60 8.43 20.74
N ILE A 15 8.67 7.56 19.73
CA ILE A 15 7.58 7.40 18.78
C ILE A 15 6.85 6.08 19.01
N GLN A 16 5.75 5.88 18.29
CA GLN A 16 4.96 4.67 18.42
C GLN A 16 5.44 3.61 17.43
N ILE A 17 6.75 3.54 17.22
CA ILE A 17 7.34 2.57 16.30
C ILE A 17 8.14 1.53 17.06
N PRO A 18 7.96 0.25 16.67
CA PRO A 18 8.66 -0.87 17.29
C PRO A 18 10.15 -0.88 16.98
N ASP A 19 10.95 -1.40 17.90
CA ASP A 19 12.39 -1.46 17.72
C ASP A 19 12.75 -2.14 16.40
N ALA A 20 12.01 -3.19 16.07
CA ALA A 20 12.24 -3.92 14.82
C ALA A 20 10.93 -4.17 14.08
N PRO A 21 11.04 -4.44 12.77
CA PRO A 21 9.88 -4.69 11.92
C PRO A 21 9.20 -6.02 12.24
N PRO A 22 7.89 -5.97 12.51
CA PRO A 22 7.10 -7.16 12.83
C PRO A 22 6.93 -8.09 11.63
N PRO A 23 6.52 -9.34 11.90
CA PRO A 23 6.30 -10.34 10.85
C PRO A 23 5.08 -10.03 10.01
N ILE A 24 5.31 -9.75 8.72
CA ILE A 24 4.23 -9.44 7.80
C ILE A 24 3.02 -10.34 8.04
N PRO A 25 1.82 -9.74 7.99
CA PRO A 25 0.57 -10.47 8.20
C PRO A 25 0.25 -11.42 7.06
N LYS A 26 -0.93 -12.03 7.11
CA LYS A 26 -1.35 -12.97 6.08
C LYS A 26 -1.90 -12.23 4.86
N GLU A 27 -1.46 -12.64 3.67
CA GLU A 27 -1.91 -12.01 2.44
C GLU A 27 -3.43 -12.05 2.34
N PRO A 28 -4.01 -10.98 1.77
CA PRO A 28 -5.46 -10.87 1.59
C PRO A 28 -6.00 -11.83 0.55
N SER A 29 -7.23 -12.31 0.75
CA SER A 29 -7.85 -13.24 -0.18
C SER A 29 -9.25 -12.77 -0.56
N ASN A 30 -9.84 -13.42 -1.56
CA ASN A 30 -11.18 -13.07 -2.02
C ASN A 30 -11.28 -11.58 -2.32
N TYR A 31 -10.28 -11.05 -3.02
CA TYR A 31 -10.25 -9.64 -3.37
C TYR A 31 -11.60 -9.18 -3.89
N ASP A 32 -11.92 -7.90 -3.69
CA ASP A 32 -13.18 -7.34 -4.13
C ASP A 32 -13.07 -6.80 -5.55
N PHE A 33 -11.91 -6.22 -5.86
CA PHE A 33 -11.67 -5.66 -7.19
C PHE A 33 -11.19 -6.73 -8.16
N SER A 34 -11.72 -7.94 -8.00
CA SER A 34 -11.34 -9.06 -8.85
C SER A 34 -12.58 -9.71 -9.48
N GLY A 35 -12.83 -9.39 -10.75
CA GLY A 35 -13.97 -9.95 -11.44
C GLY A 35 -13.74 -11.37 -11.89
N PRO A 36 -14.72 -11.93 -12.61
CA PRO A 36 -14.64 -13.31 -13.12
C PRO A 36 -13.60 -13.47 -14.22
N SER A 37 -12.92 -12.37 -14.55
CA SER A 37 -11.91 -12.39 -15.59
C SER A 37 -12.52 -12.73 -16.95
N SER A 38 -13.70 -12.18 -17.23
CA SER A 38 -14.39 -12.43 -18.48
C SER A 38 -15.44 -11.36 -18.75
N GLY A 39 -15.84 -11.23 -20.01
CA GLY A 39 -16.83 -10.24 -20.37
C GLY A 39 -17.10 -10.20 -21.87
N ILE A 40 -17.89 -9.23 -22.31
CA ILE A 40 -18.22 -9.10 -23.72
C ILE A 40 -16.97 -8.80 -24.55
N GLU A 41 -15.86 -8.54 -23.86
CA GLU A 41 -14.60 -8.24 -24.53
C GLU A 41 -13.66 -9.45 -24.49
N GLY A 42 -13.60 -10.18 -25.60
CA GLY A 42 -12.74 -11.34 -25.66
C GLY A 42 -12.33 -11.68 -27.08
N ARG A 43 -12.69 -12.88 -27.53
CA ARG A 43 -12.35 -13.32 -28.88
C ARG A 43 -13.40 -12.85 -29.88
N GLY A 44 -13.22 -11.64 -30.40
CA GLY A 44 -14.15 -11.09 -31.36
C GLY A 44 -13.90 -9.63 -31.66
N SER A 45 -13.86 -9.29 -32.95
CA SER A 45 -13.62 -7.91 -33.35
C SER A 45 -14.32 -6.93 -32.43
N SER A 46 -15.56 -7.24 -32.07
CA SER A 46 -16.34 -6.38 -31.19
C SER A 46 -15.67 -6.26 -29.81
N GLY A 47 -15.60 -5.04 -29.31
CA GLY A 47 -14.99 -4.81 -28.02
C GLY A 47 -15.88 -4.02 -27.08
N SER A 48 -15.32 -3.60 -25.95
CA SER A 48 -16.08 -2.83 -24.95
C SER A 48 -15.40 -1.51 -24.67
N SER A 49 -16.18 -0.53 -24.22
CA SER A 49 -15.66 0.80 -23.91
C SER A 49 -16.74 1.68 -23.28
N GLY A 50 -16.30 2.69 -22.55
CA GLY A 50 -17.24 3.59 -21.90
C GLY A 50 -16.73 5.02 -21.85
N SER A 51 -17.34 5.83 -20.99
CA SER A 51 -16.95 7.23 -20.85
C SER A 51 -16.06 7.42 -19.61
N SER A 52 -16.52 6.93 -18.47
CA SER A 52 -15.78 7.04 -17.23
C SER A 52 -15.51 5.67 -16.63
N GLY A 53 -14.29 5.48 -16.12
CA GLY A 53 -13.93 4.22 -15.52
C GLY A 53 -13.82 4.30 -14.00
N SER A 54 -12.62 4.61 -13.52
CA SER A 54 -12.38 4.72 -12.09
C SER A 54 -12.29 6.18 -11.66
N SER A 55 -13.18 6.58 -10.76
CA SER A 55 -13.20 7.96 -10.27
C SER A 55 -12.73 8.03 -8.82
N GLY A 56 -11.44 8.28 -8.64
CA GLY A 56 -10.88 8.37 -7.30
C GLY A 56 -10.32 9.74 -7.00
N ASP A 57 -10.70 10.29 -5.85
CA ASP A 57 -10.22 11.62 -5.45
C ASP A 57 -10.02 11.67 -3.94
N LYS A 58 -9.39 12.75 -3.48
CA LYS A 58 -9.12 12.93 -2.05
C LYS A 58 -8.69 11.61 -1.41
N GLU A 59 -7.85 10.86 -2.12
CA GLU A 59 -7.37 9.58 -1.62
C GLU A 59 -6.54 9.78 -0.35
N ARG A 60 -6.09 8.67 0.23
CA ARG A 60 -5.28 8.72 1.45
C ARG A 60 -3.79 8.84 1.11
N HIS A 61 -3.03 9.40 2.03
CA HIS A 61 -1.60 9.58 1.84
C HIS A 61 -0.80 8.70 2.80
N GLY A 62 -0.01 7.78 2.24
CA GLY A 62 0.78 6.89 3.07
C GLY A 62 2.26 6.97 2.74
N VAL A 63 3.09 6.49 3.66
CA VAL A 63 4.54 6.52 3.48
C VAL A 63 5.18 5.26 4.04
N ALA A 64 5.98 4.58 3.22
CA ALA A 64 6.66 3.36 3.65
C ALA A 64 7.67 3.66 4.75
N ILE A 65 7.52 2.98 5.88
CA ILE A 65 8.42 3.16 7.01
C ILE A 65 9.40 1.99 7.14
N TYR A 66 9.04 0.86 6.53
CA TYR A 66 9.88 -0.33 6.57
C TYR A 66 10.16 -0.85 5.17
N ASN A 67 11.40 -1.29 4.95
CA ASN A 67 11.80 -1.81 3.65
C ASN A 67 11.12 -3.15 3.36
N PHE A 68 10.18 -3.13 2.42
CA PHE A 68 9.44 -4.33 2.05
C PHE A 68 9.95 -4.90 0.73
N GLN A 69 10.13 -6.22 0.69
CA GLN A 69 10.62 -6.88 -0.51
C GLN A 69 9.81 -8.13 -0.82
N GLY A 70 9.13 -8.13 -1.96
CA GLY A 70 8.32 -9.27 -2.35
C GLY A 70 8.91 -10.03 -3.52
N SER A 71 8.05 -10.70 -4.28
CA SER A 71 8.50 -11.48 -5.43
C SER A 71 7.86 -10.97 -6.71
N GLY A 72 6.54 -10.74 -6.67
CA GLY A 72 5.84 -10.26 -7.83
C GLY A 72 4.35 -10.12 -7.59
N ALA A 73 3.68 -9.29 -8.39
CA ALA A 73 2.25 -9.08 -8.26
C ALA A 73 1.54 -10.37 -7.86
N PRO A 74 0.39 -10.21 -7.18
CA PRO A 74 -0.16 -8.90 -6.84
C PRO A 74 0.66 -8.19 -5.78
N GLN A 75 1.71 -8.85 -5.29
CA GLN A 75 2.59 -8.27 -4.28
C GLN A 75 3.44 -7.16 -4.87
N LEU A 76 3.41 -6.00 -4.22
CA LEU A 76 4.19 -4.85 -4.68
C LEU A 76 5.29 -4.50 -3.68
N SER A 77 6.46 -4.16 -4.19
CA SER A 77 7.60 -3.81 -3.34
C SER A 77 7.45 -2.38 -2.81
N LEU A 78 8.16 -2.08 -1.74
CA LEU A 78 8.11 -0.75 -1.14
C LEU A 78 9.44 -0.41 -0.45
N GLN A 79 9.79 0.87 -0.45
CA GLN A 79 11.02 1.32 0.17
C GLN A 79 10.76 2.49 1.11
N ILE A 80 11.42 2.49 2.26
CA ILE A 80 11.27 3.55 3.25
C ILE A 80 11.38 4.92 2.60
N GLY A 81 10.49 5.83 3.00
CA GLY A 81 10.50 7.17 2.44
C GLY A 81 9.78 7.26 1.12
N ASP A 82 8.98 6.25 0.82
CA ASP A 82 8.22 6.22 -0.44
C ASP A 82 6.73 6.42 -0.18
N VAL A 83 6.11 7.28 -0.97
CA VAL A 83 4.69 7.56 -0.83
C VAL A 83 3.88 6.88 -1.92
N VAL A 84 2.73 6.32 -1.55
CA VAL A 84 1.86 5.65 -2.50
C VAL A 84 0.43 6.14 -2.39
N ARG A 85 -0.26 6.21 -3.54
CA ARG A 85 -1.64 6.67 -3.56
C ARG A 85 -2.60 5.54 -3.23
N ILE A 86 -3.07 5.51 -1.98
CA ILE A 86 -3.99 4.47 -1.54
C ILE A 86 -5.37 4.65 -2.19
N GLN A 87 -5.76 3.65 -2.97
CA GLN A 87 -7.05 3.68 -3.66
C GLN A 87 -8.02 2.69 -3.04
N GLU A 88 -7.51 1.52 -2.66
CA GLU A 88 -8.33 0.49 -2.05
C GLU A 88 -7.74 0.02 -0.73
N THR A 89 -8.53 -0.68 0.06
CA THR A 89 -8.09 -1.20 1.35
C THR A 89 -8.73 -2.54 1.67
N CYS A 90 -7.91 -3.57 1.75
CA CYS A 90 -8.39 -4.92 2.05
C CYS A 90 -7.71 -5.49 3.29
N GLY A 91 -8.52 -5.99 4.22
CA GLY A 91 -7.98 -6.56 5.45
C GLY A 91 -6.76 -5.79 5.94
N ASP A 92 -5.70 -6.52 6.26
CA ASP A 92 -4.48 -5.90 6.76
C ASP A 92 -3.51 -5.62 5.61
N TRP A 93 -4.04 -5.14 4.50
CA TRP A 93 -3.23 -4.83 3.33
C TRP A 93 -3.86 -3.73 2.50
N TYR A 94 -3.03 -2.86 1.93
CA TYR A 94 -3.52 -1.76 1.11
C TYR A 94 -3.52 -2.15 -0.37
N ARG A 95 -4.09 -1.27 -1.20
CA ARG A 95 -4.17 -1.52 -2.64
C ARG A 95 -4.02 -0.23 -3.42
N GLY A 96 -2.88 -0.07 -4.09
CA GLY A 96 -2.64 1.13 -4.87
C GLY A 96 -1.40 1.01 -5.73
N TYR A 97 -0.63 2.10 -5.82
CA TYR A 97 0.59 2.12 -6.62
C TYR A 97 1.54 3.21 -6.14
N LEU A 98 2.76 3.16 -6.63
CA LEU A 98 3.78 4.15 -6.26
C LEU A 98 3.57 5.46 -7.02
N ILE A 99 3.29 6.53 -6.28
CA ILE A 99 3.06 7.83 -6.89
C ILE A 99 4.27 8.27 -7.70
N LYS A 100 5.45 8.25 -7.08
CA LYS A 100 6.68 8.62 -7.75
C LYS A 100 6.90 7.80 -9.01
N HIS A 101 6.34 6.59 -9.03
CA HIS A 101 6.47 5.70 -10.17
C HIS A 101 5.18 4.91 -10.40
N LYS A 102 4.42 5.30 -11.43
CA LYS A 102 3.17 4.64 -11.75
C LYS A 102 3.41 3.39 -12.60
N MET A 103 4.65 2.89 -12.56
CA MET A 103 5.01 1.71 -13.33
C MET A 103 4.89 0.45 -12.46
N LEU A 104 4.72 0.64 -11.16
CA LEU A 104 4.59 -0.48 -10.24
C LEU A 104 3.27 -0.40 -9.47
N GLN A 105 2.43 -1.42 -9.62
CA GLN A 105 1.15 -1.45 -8.94
C GLN A 105 0.92 -2.81 -8.28
N GLY A 106 0.21 -2.80 -7.15
CA GLY A 106 -0.06 -4.04 -6.45
C GLY A 106 -0.60 -3.80 -5.05
N ILE A 107 -0.21 -4.65 -4.11
CA ILE A 107 -0.66 -4.53 -2.73
C ILE A 107 0.51 -4.61 -1.76
N PHE A 108 0.31 -4.09 -0.55
CA PHE A 108 1.34 -4.10 0.48
C PHE A 108 0.74 -4.07 1.87
N PRO A 109 1.53 -4.50 2.87
CA PRO A 109 1.09 -4.52 4.27
C PRO A 109 0.91 -3.13 4.85
N LYS A 110 -0.24 -2.91 5.49
CA LYS A 110 -0.53 -1.61 6.10
C LYS A 110 0.50 -1.27 7.17
N SER A 111 0.93 -2.28 7.92
CA SER A 111 1.91 -2.08 8.98
C SER A 111 3.18 -1.43 8.43
N PHE A 112 3.32 -1.46 7.11
CA PHE A 112 4.49 -0.87 6.46
C PHE A 112 4.19 0.54 5.98
N ILE A 113 2.92 0.82 5.72
CA ILE A 113 2.49 2.12 5.25
C ILE A 113 2.10 3.03 6.41
N HIS A 114 2.68 4.23 6.44
CA HIS A 114 2.39 5.20 7.50
C HIS A 114 1.36 6.22 7.03
N ILE A 115 0.11 6.03 7.44
CA ILE A 115 -0.97 6.94 7.06
C ILE A 115 -0.78 8.30 7.71
N LYS A 116 -0.38 9.28 6.90
CA LYS A 116 -0.16 10.64 7.39
C LYS A 116 -1.48 11.32 7.71
N GLU A 117 -1.65 11.74 8.97
CA GLU A 117 -2.87 12.40 9.40
C GLU A 117 -2.58 13.84 9.80
N VAL A 118 -2.51 14.72 8.80
CA VAL A 118 -2.25 16.13 9.05
C VAL A 118 -3.39 17.01 8.53
N THR A 119 -3.66 16.90 7.23
CA THR A 119 -4.72 17.67 6.61
C THR A 119 -6.00 17.64 7.45
N GLY A 1 27.40 7.81 -4.00
CA GLY A 1 26.20 8.16 -4.74
C GLY A 1 26.10 7.43 -6.07
N SER A 2 25.66 6.17 -6.02
CA SER A 2 25.53 5.36 -7.22
C SER A 2 24.12 5.49 -7.80
N SER A 3 23.12 5.29 -6.97
CA SER A 3 21.72 5.37 -7.40
C SER A 3 20.82 5.75 -6.23
N GLY A 4 19.79 6.54 -6.53
CA GLY A 4 18.86 6.96 -5.49
C GLY A 4 19.29 8.24 -4.81
N SER A 5 18.46 8.72 -3.88
CA SER A 5 18.76 9.95 -3.16
C SER A 5 19.35 9.65 -1.80
N SER A 6 20.35 10.44 -1.40
CA SER A 6 21.00 10.25 -0.11
C SER A 6 20.37 11.14 0.96
N GLY A 7 20.46 10.71 2.21
CA GLY A 7 19.89 11.47 3.30
C GLY A 7 20.94 12.19 4.13
N ARG A 8 20.73 13.47 4.40
CA ARG A 8 21.66 14.26 5.18
C ARG A 8 21.41 14.09 6.68
N LEU A 9 22.41 14.42 7.49
CA LEU A 9 22.29 14.31 8.93
C LEU A 9 20.90 14.76 9.41
N LEU A 10 20.41 15.85 8.81
CA LEU A 10 19.10 16.39 9.17
C LEU A 10 18.04 15.30 9.15
N ASP A 11 16.91 15.58 9.78
CA ASP A 11 15.80 14.62 9.83
C ASP A 11 14.58 15.24 10.51
N LEU A 12 13.53 15.44 9.73
CA LEU A 12 12.30 16.02 10.26
C LEU A 12 11.41 14.95 10.89
N GLU A 13 11.29 13.82 10.22
CA GLU A 13 10.48 12.71 10.72
C GLU A 13 11.14 12.05 11.93
N ASN A 14 10.60 12.31 13.11
CA ASN A 14 11.15 11.74 14.34
C ASN A 14 10.28 10.60 14.84
N ILE A 15 9.79 9.78 13.91
CA ILE A 15 8.94 8.65 14.24
C ILE A 15 9.60 7.77 15.31
N GLN A 16 8.79 7.25 16.22
CA GLN A 16 9.29 6.40 17.30
C GLN A 16 9.31 4.94 16.87
N ILE A 17 9.79 4.69 15.65
CA ILE A 17 9.86 3.33 15.12
C ILE A 17 10.54 2.39 16.11
N PRO A 18 9.99 1.18 16.24
CA PRO A 18 10.52 0.15 17.15
C PRO A 18 11.86 -0.40 16.68
N ASP A 19 12.35 -1.43 17.37
CA ASP A 19 13.61 -2.06 17.01
C ASP A 19 13.47 -2.88 15.74
N ALA A 20 12.37 -3.63 15.64
CA ALA A 20 12.12 -4.47 14.47
C ALA A 20 10.67 -4.37 14.03
N PRO A 21 10.43 -4.56 12.72
CA PRO A 21 9.09 -4.49 12.15
C PRO A 21 8.21 -5.66 12.58
N PRO A 22 6.88 -5.43 12.61
CA PRO A 22 5.92 -6.45 13.01
C PRO A 22 5.79 -7.56 11.96
N PRO A 23 5.24 -8.71 12.39
CA PRO A 23 5.04 -9.86 11.52
C PRO A 23 3.97 -9.63 10.46
N ILE A 24 4.37 -9.72 9.19
CA ILE A 24 3.44 -9.52 8.08
C ILE A 24 2.24 -10.46 8.20
N PRO A 25 1.03 -9.89 8.03
CA PRO A 25 -0.22 -10.66 8.10
C PRO A 25 -0.39 -11.60 6.92
N LYS A 26 -1.47 -12.37 6.93
CA LYS A 26 -1.75 -13.31 5.86
C LYS A 26 -2.31 -12.59 4.63
N GLU A 27 -1.65 -12.76 3.50
CA GLU A 27 -2.08 -12.13 2.26
C GLU A 27 -3.57 -12.37 2.01
N PRO A 28 -4.24 -11.36 1.44
CA PRO A 28 -5.68 -11.43 1.14
C PRO A 28 -5.98 -12.41 0.01
N SER A 29 -6.47 -13.59 0.37
CA SER A 29 -6.80 -14.60 -0.62
C SER A 29 -8.19 -14.36 -1.21
N ASN A 30 -8.44 -13.12 -1.62
CA ASN A 30 -9.72 -12.76 -2.21
C ASN A 30 -9.70 -11.31 -2.70
N TYR A 31 -9.70 -11.15 -4.02
CA TYR A 31 -9.68 -9.82 -4.62
C TYR A 31 -11.09 -9.35 -4.96
N ASP A 32 -11.36 -8.09 -4.71
CA ASP A 32 -12.67 -7.51 -4.99
C ASP A 32 -12.64 -6.67 -6.26
N PHE A 33 -11.45 -6.15 -6.59
CA PHE A 33 -11.29 -5.33 -7.78
C PHE A 33 -10.84 -6.18 -8.98
N SER A 34 -10.06 -7.22 -8.70
CA SER A 34 -9.56 -8.11 -9.73
C SER A 34 -9.27 -7.33 -11.02
N GLY A 35 -8.47 -6.27 -10.89
CA GLY A 35 -8.12 -5.46 -12.04
C GLY A 35 -9.28 -4.59 -12.51
N PRO A 36 -8.95 -3.42 -13.07
CA PRO A 36 -9.96 -2.47 -13.56
C PRO A 36 -10.66 -2.98 -14.81
N SER A 37 -11.60 -2.19 -15.33
CA SER A 37 -12.35 -2.56 -16.51
C SER A 37 -11.51 -2.36 -17.77
N SER A 38 -10.91 -3.44 -18.25
CA SER A 38 -10.06 -3.39 -19.44
C SER A 38 -10.91 -3.07 -20.68
N GLY A 39 -10.23 -2.71 -21.77
CA GLY A 39 -10.93 -2.40 -23.00
C GLY A 39 -10.82 -3.50 -24.03
N ILE A 40 -9.60 -3.87 -24.38
CA ILE A 40 -9.37 -4.92 -25.36
C ILE A 40 -8.13 -5.74 -25.02
N GLU A 41 -8.11 -6.99 -25.47
CA GLU A 41 -6.98 -7.87 -25.20
C GLU A 41 -6.07 -7.98 -26.43
N GLY A 42 -4.80 -8.28 -26.20
CA GLY A 42 -3.86 -8.41 -27.29
C GLY A 42 -2.44 -8.65 -26.81
N ARG A 43 -1.57 -9.06 -27.73
CA ARG A 43 -0.18 -9.34 -27.39
C ARG A 43 0.44 -8.15 -26.65
N GLY A 44 0.82 -8.38 -25.40
CA GLY A 44 1.42 -7.33 -24.60
C GLY A 44 0.43 -6.25 -24.22
N SER A 45 -0.42 -6.54 -23.24
CA SER A 45 -1.42 -5.59 -22.80
C SER A 45 -1.03 -4.96 -21.46
N SER A 46 -0.40 -3.79 -21.53
CA SER A 46 0.04 -3.08 -20.33
C SER A 46 -0.02 -1.58 -20.52
N GLY A 47 -0.77 -0.90 -19.66
CA GLY A 47 -0.90 0.54 -19.75
C GLY A 47 -2.28 1.03 -19.32
N SER A 48 -2.31 2.15 -18.62
CA SER A 48 -3.56 2.72 -18.14
C SER A 48 -4.33 3.39 -19.28
N SER A 49 -5.31 2.67 -19.82
CA SER A 49 -6.12 3.18 -20.92
C SER A 49 -7.42 3.77 -20.39
N GLY A 50 -7.56 5.09 -20.58
CA GLY A 50 -8.77 5.76 -20.12
C GLY A 50 -9.16 5.36 -18.72
N SER A 51 -8.55 5.98 -17.73
CA SER A 51 -8.83 5.67 -16.33
C SER A 51 -10.11 6.37 -15.87
N SER A 52 -10.77 5.80 -14.88
CA SER A 52 -12.01 6.36 -14.35
C SER A 52 -11.75 7.71 -13.67
N GLY A 53 -12.82 8.37 -13.24
CA GLY A 53 -12.69 9.65 -12.59
C GLY A 53 -13.81 9.92 -11.60
N SER A 54 -15.04 9.68 -12.03
CA SER A 54 -16.20 9.90 -11.18
C SER A 54 -15.91 9.48 -9.74
N SER A 55 -15.36 8.28 -9.57
CA SER A 55 -15.03 7.76 -8.25
C SER A 55 -13.53 7.53 -8.12
N GLY A 56 -13.06 7.48 -6.87
CA GLY A 56 -11.64 7.27 -6.64
C GLY A 56 -10.84 8.56 -6.69
N ASP A 57 -11.30 9.57 -5.95
CA ASP A 57 -10.62 10.85 -5.91
C ASP A 57 -9.97 11.09 -4.55
N LYS A 58 -10.72 10.84 -3.49
CA LYS A 58 -10.22 11.03 -2.14
C LYS A 58 -9.32 9.86 -1.73
N GLU A 59 -8.06 9.91 -2.16
CA GLU A 59 -7.11 8.86 -1.84
C GLU A 59 -6.42 9.14 -0.50
N ARG A 60 -6.05 8.08 0.20
CA ARG A 60 -5.39 8.21 1.49
C ARG A 60 -3.88 8.32 1.31
N HIS A 61 -3.26 9.20 2.09
CA HIS A 61 -1.81 9.40 2.01
C HIS A 61 -1.08 8.55 3.06
N GLY A 62 -0.17 7.71 2.60
CA GLY A 62 0.57 6.86 3.51
C GLY A 62 2.07 6.89 3.24
N VAL A 63 2.85 6.38 4.20
CA VAL A 63 4.30 6.35 4.06
C VAL A 63 4.88 5.04 4.59
N ALA A 64 5.68 4.39 3.76
CA ALA A 64 6.30 3.12 4.13
C ALA A 64 7.30 3.32 5.26
N ILE A 65 7.06 2.65 6.38
CA ILE A 65 7.94 2.74 7.54
C ILE A 65 8.93 1.59 7.58
N TYR A 66 8.50 0.43 7.08
CA TYR A 66 9.35 -0.76 7.06
C TYR A 66 9.67 -1.17 5.62
N ASN A 67 10.91 -1.58 5.40
CA ASN A 67 11.34 -2.01 4.07
C ASN A 67 10.67 -3.31 3.67
N PHE A 68 9.76 -3.25 2.71
CA PHE A 68 9.05 -4.43 2.24
C PHE A 68 9.69 -4.99 0.98
N GLN A 69 9.63 -6.30 0.81
CA GLN A 69 10.20 -6.96 -0.36
C GLN A 69 9.26 -8.02 -0.90
N GLY A 70 8.95 -7.93 -2.20
CA GLY A 70 8.07 -8.89 -2.83
C GLY A 70 8.68 -9.54 -4.05
N SER A 71 7.92 -10.41 -4.70
CA SER A 71 8.40 -11.12 -5.89
C SER A 71 7.70 -10.60 -7.14
N GLY A 72 6.41 -10.31 -7.01
CA GLY A 72 5.64 -9.80 -8.14
C GLY A 72 4.16 -9.68 -7.82
N ALA A 73 3.46 -8.88 -8.62
CA ALA A 73 2.03 -8.68 -8.42
C ALA A 73 1.33 -9.99 -8.05
N PRO A 74 0.22 -9.87 -7.30
CA PRO A 74 -0.31 -8.58 -6.87
C PRO A 74 0.58 -7.92 -5.81
N GLN A 75 1.63 -8.62 -5.40
CA GLN A 75 2.56 -8.10 -4.40
C GLN A 75 3.41 -6.97 -4.99
N LEU A 76 3.52 -5.88 -4.25
CA LEU A 76 4.31 -4.73 -4.69
C LEU A 76 5.41 -4.40 -3.68
N SER A 77 6.59 -4.08 -4.20
CA SER A 77 7.72 -3.75 -3.34
C SER A 77 7.60 -2.32 -2.80
N LEU A 78 8.23 -2.07 -1.67
CA LEU A 78 8.20 -0.75 -1.04
C LEU A 78 9.47 -0.47 -0.27
N GLN A 79 9.82 0.81 -0.13
CA GLN A 79 11.02 1.20 0.59
C GLN A 79 10.71 2.29 1.62
N ILE A 80 11.29 2.14 2.81
CA ILE A 80 11.07 3.10 3.88
C ILE A 80 11.24 4.54 3.38
N GLY A 81 10.33 5.41 3.76
CA GLY A 81 10.40 6.81 3.34
C GLY A 81 9.73 7.04 2.00
N ASP A 82 8.92 6.08 1.57
CA ASP A 82 8.22 6.20 0.30
C ASP A 82 6.72 6.38 0.52
N VAL A 83 6.09 7.16 -0.36
CA VAL A 83 4.66 7.43 -0.27
C VAL A 83 3.90 6.74 -1.40
N VAL A 84 2.71 6.26 -1.09
CA VAL A 84 1.87 5.59 -2.08
C VAL A 84 0.44 6.12 -2.05
N ARG A 85 -0.18 6.18 -3.23
CA ARG A 85 -1.55 6.67 -3.33
C ARG A 85 -2.54 5.55 -3.04
N ILE A 86 -3.06 5.52 -1.82
CA ILE A 86 -4.02 4.51 -1.42
C ILE A 86 -5.37 4.74 -2.09
N GLN A 87 -5.80 3.79 -2.90
CA GLN A 87 -7.07 3.88 -3.59
C GLN A 87 -8.12 2.99 -2.93
N GLU A 88 -7.72 1.78 -2.56
CA GLU A 88 -8.63 0.84 -1.92
C GLU A 88 -7.97 0.18 -0.71
N THR A 89 -8.79 -0.35 0.20
CA THR A 89 -8.28 -1.02 1.39
C THR A 89 -9.05 -2.30 1.67
N CYS A 90 -8.32 -3.39 1.84
CA CYS A 90 -8.94 -4.68 2.12
C CYS A 90 -8.32 -5.33 3.36
N GLY A 91 -9.15 -5.97 4.17
CA GLY A 91 -8.67 -6.61 5.38
C GLY A 91 -7.52 -5.86 6.02
N ASP A 92 -6.33 -6.44 5.97
CA ASP A 92 -5.15 -5.81 6.55
C ASP A 92 -4.09 -5.55 5.47
N TRP A 93 -4.54 -5.01 4.35
CA TRP A 93 -3.64 -4.70 3.23
C TRP A 93 -4.16 -3.53 2.41
N TYR A 94 -3.25 -2.69 1.95
CA TYR A 94 -3.62 -1.52 1.15
C TYR A 94 -3.55 -1.84 -0.34
N ARG A 95 -4.32 -1.11 -1.13
CA ARG A 95 -4.34 -1.31 -2.58
C ARG A 95 -4.07 -0.01 -3.31
N GLY A 96 -2.89 0.09 -3.93
CA GLY A 96 -2.53 1.29 -4.65
C GLY A 96 -1.26 1.11 -5.47
N TYR A 97 -0.47 2.17 -5.57
CA TYR A 97 0.78 2.12 -6.33
C TYR A 97 1.74 3.22 -5.87
N LEU A 98 3.02 3.04 -6.19
CA LEU A 98 4.04 4.02 -5.82
C LEU A 98 3.88 5.31 -6.61
N ILE A 99 3.56 6.40 -5.90
CA ILE A 99 3.40 7.70 -6.55
C ILE A 99 4.65 8.10 -7.31
N LYS A 100 5.78 8.12 -6.60
CA LYS A 100 7.06 8.49 -7.21
C LYS A 100 7.36 7.61 -8.41
N HIS A 101 6.87 6.37 -8.38
CA HIS A 101 7.08 5.43 -9.47
C HIS A 101 5.79 4.70 -9.83
N LYS A 102 5.03 5.27 -10.75
CA LYS A 102 3.78 4.68 -11.18
C LYS A 102 4.02 3.40 -11.99
N MET A 103 5.29 3.06 -12.17
CA MET A 103 5.66 1.86 -12.92
C MET A 103 5.55 0.63 -12.04
N LEU A 104 5.07 0.81 -10.82
CA LEU A 104 4.91 -0.30 -9.88
C LEU A 104 3.57 -0.22 -9.16
N GLN A 105 2.72 -1.21 -9.39
CA GLN A 105 1.41 -1.26 -8.76
C GLN A 105 1.16 -2.61 -8.12
N GLY A 106 0.37 -2.63 -7.05
CA GLY A 106 0.06 -3.86 -6.36
C GLY A 106 -0.56 -3.64 -5.00
N ILE A 107 -0.19 -4.48 -4.03
CA ILE A 107 -0.71 -4.36 -2.67
C ILE A 107 0.40 -4.50 -1.65
N PHE A 108 0.11 -4.10 -0.41
CA PHE A 108 1.09 -4.17 0.67
C PHE A 108 0.40 -4.16 2.03
N PRO A 109 1.12 -4.62 3.06
CA PRO A 109 0.60 -4.68 4.43
C PRO A 109 0.42 -3.29 5.04
N LYS A 110 -0.78 -3.00 5.49
CA LYS A 110 -1.09 -1.71 6.10
C LYS A 110 -0.14 -1.42 7.26
N SER A 111 0.23 -2.46 7.99
CA SER A 111 1.13 -2.32 9.13
C SER A 111 2.46 -1.73 8.69
N PHE A 112 2.68 -1.67 7.38
CA PHE A 112 3.92 -1.13 6.83
C PHE A 112 3.71 0.30 6.33
N ILE A 113 2.45 0.66 6.10
CA ILE A 113 2.11 2.00 5.61
C ILE A 113 1.63 2.88 6.75
N HIS A 114 2.19 4.08 6.83
CA HIS A 114 1.82 5.04 7.87
C HIS A 114 0.86 6.09 7.33
N ILE A 115 -0.41 5.98 7.72
CA ILE A 115 -1.43 6.92 7.28
C ILE A 115 -1.15 8.32 7.81
N LYS A 116 -0.91 9.26 6.91
CA LYS A 116 -0.64 10.64 7.28
C LYS A 116 -1.94 11.39 7.57
N GLU A 117 -2.21 11.63 8.85
CA GLU A 117 -3.42 12.33 9.25
C GLU A 117 -3.11 13.80 9.57
N VAL A 118 -2.39 14.45 8.66
CA VAL A 118 -2.04 15.85 8.84
C VAL A 118 -3.17 16.78 8.39
N THR A 119 -3.68 16.53 7.19
CA THR A 119 -4.77 17.33 6.65
C THR A 119 -5.85 16.46 6.02
N GLY A 1 23.27 -0.50 33.39
CA GLY A 1 22.57 -0.31 32.13
C GLY A 1 21.68 -1.49 31.77
N SER A 2 20.37 -1.25 31.76
CA SER A 2 19.42 -2.30 31.45
C SER A 2 18.52 -1.88 30.28
N SER A 3 17.76 -0.80 30.48
CA SER A 3 16.86 -0.30 29.45
C SER A 3 16.75 1.22 29.53
N GLY A 4 17.08 1.88 28.42
CA GLY A 4 17.01 3.32 28.37
C GLY A 4 15.61 3.83 28.13
N SER A 5 14.94 3.27 27.13
CA SER A 5 13.59 3.68 26.78
C SER A 5 12.80 4.05 28.04
N SER A 6 12.93 3.22 29.07
CA SER A 6 12.22 3.46 30.33
C SER A 6 12.18 4.95 30.65
N GLY A 7 10.97 5.49 30.76
CA GLY A 7 10.82 6.90 31.07
C GLY A 7 10.77 7.76 29.82
N ARG A 8 9.60 8.32 29.53
CA ARG A 8 9.44 9.17 28.35
C ARG A 8 9.91 10.60 28.64
N LEU A 9 11.03 10.72 29.34
CA LEU A 9 11.58 12.02 29.69
C LEU A 9 11.90 12.82 28.43
N LEU A 10 12.80 12.29 27.60
CA LEU A 10 13.20 12.95 26.37
C LEU A 10 13.02 12.02 25.18
N ASP A 11 12.25 12.48 24.20
CA ASP A 11 12.00 11.69 22.99
C ASP A 11 11.17 12.49 21.97
N LEU A 12 11.80 12.83 20.85
CA LEU A 12 11.13 13.60 19.81
C LEU A 12 10.39 12.67 18.85
N GLU A 13 9.71 11.67 19.40
CA GLU A 13 8.96 10.72 18.59
C GLU A 13 7.54 10.55 19.12
N ASN A 14 6.60 11.27 18.51
CA ASN A 14 5.19 11.20 18.92
C ASN A 14 4.61 9.83 18.65
N ILE A 15 5.07 9.19 17.58
CA ILE A 15 4.60 7.87 17.21
C ILE A 15 5.48 6.77 17.82
N GLN A 16 4.83 5.74 18.35
CA GLN A 16 5.56 4.63 18.96
C GLN A 16 5.80 3.51 17.96
N ILE A 17 7.02 3.46 17.41
CA ILE A 17 7.38 2.44 16.44
C ILE A 17 8.32 1.41 17.05
N PRO A 18 8.08 0.13 16.72
CA PRO A 18 8.90 -0.98 17.22
C PRO A 18 10.31 -0.98 16.62
N ASP A 19 11.30 -1.23 17.47
CA ASP A 19 12.69 -1.26 17.02
C ASP A 19 12.83 -2.08 15.73
N ALA A 20 12.13 -3.22 15.69
CA ALA A 20 12.18 -4.09 14.51
C ALA A 20 10.81 -4.21 13.86
N PRO A 21 10.80 -4.55 12.57
CA PRO A 21 9.55 -4.71 11.80
C PRO A 21 8.75 -5.93 12.24
N PRO A 22 7.43 -5.76 12.36
CA PRO A 22 6.52 -6.84 12.77
C PRO A 22 6.40 -7.93 11.70
N PRO A 23 5.95 -9.12 12.11
CA PRO A 23 5.77 -10.26 11.21
C PRO A 23 4.61 -10.05 10.24
N ILE A 24 4.94 -9.77 8.98
CA ILE A 24 3.93 -9.55 7.95
C ILE A 24 2.76 -10.53 8.11
N PRO A 25 1.54 -10.03 7.93
CA PRO A 25 0.32 -10.83 8.04
C PRO A 25 0.18 -11.83 6.90
N LYS A 26 -0.89 -12.61 6.94
CA LYS A 26 -1.14 -13.61 5.91
C LYS A 26 -1.81 -12.98 4.69
N GLU A 27 -1.08 -12.95 3.58
CA GLU A 27 -1.61 -12.37 2.35
C GLU A 27 -3.10 -12.68 2.19
N PRO A 28 -3.86 -11.68 1.72
CA PRO A 28 -5.31 -11.82 1.51
C PRO A 28 -5.63 -12.76 0.35
N SER A 29 -6.83 -13.35 0.40
CA SER A 29 -7.26 -14.26 -0.65
C SER A 29 -8.68 -13.91 -1.13
N ASN A 30 -9.13 -14.62 -2.16
CA ASN A 30 -10.47 -14.38 -2.70
C ASN A 30 -10.75 -12.89 -2.84
N TYR A 31 -9.73 -12.14 -3.27
CA TYR A 31 -9.88 -10.70 -3.45
C TYR A 31 -11.27 -10.35 -3.96
N ASP A 32 -11.84 -9.29 -3.40
CA ASP A 32 -13.17 -8.83 -3.80
C ASP A 32 -13.18 -8.38 -5.27
N PHE A 33 -12.30 -7.44 -5.59
CA PHE A 33 -12.21 -6.92 -6.95
C PHE A 33 -11.66 -7.98 -7.90
N SER A 34 -11.90 -7.79 -9.19
CA SER A 34 -11.43 -8.73 -10.20
C SER A 34 -10.36 -8.09 -11.09
N GLY A 35 -9.13 -8.08 -10.60
CA GLY A 35 -8.03 -7.50 -11.37
C GLY A 35 -7.79 -8.22 -12.67
N PRO A 36 -6.80 -7.74 -13.43
CA PRO A 36 -6.43 -8.34 -14.73
C PRO A 36 -5.78 -9.70 -14.57
N SER A 37 -4.80 -9.78 -13.69
CA SER A 37 -4.08 -11.04 -13.44
C SER A 37 -4.11 -11.39 -11.96
N SER A 38 -5.04 -12.27 -11.59
CA SER A 38 -5.17 -12.70 -10.20
C SER A 38 -3.84 -13.21 -9.66
N GLY A 39 -3.14 -14.00 -10.47
CA GLY A 39 -1.87 -14.55 -10.05
C GLY A 39 -1.16 -15.30 -11.18
N ILE A 40 -0.51 -16.40 -10.83
CA ILE A 40 0.21 -17.21 -11.82
C ILE A 40 -0.52 -17.20 -13.16
N GLU A 41 0.22 -16.93 -14.23
CA GLU A 41 -0.35 -16.90 -15.56
C GLU A 41 0.63 -17.47 -16.58
N GLY A 42 0.14 -18.36 -17.44
CA GLY A 42 0.98 -18.96 -18.45
C GLY A 42 0.19 -19.66 -19.53
N ARG A 43 -0.43 -20.78 -19.18
CA ARG A 43 -1.23 -21.55 -20.13
C ARG A 43 -2.72 -21.35 -19.87
N GLY A 44 -3.30 -20.29 -20.44
CA GLY A 44 -4.71 -20.02 -20.25
C GLY A 44 -5.49 -20.11 -21.54
N SER A 45 -6.80 -19.87 -21.45
CA SER A 45 -7.67 -19.93 -22.62
C SER A 45 -7.48 -18.70 -23.51
N SER A 46 -7.72 -17.53 -22.94
CA SER A 46 -7.59 -16.28 -23.67
C SER A 46 -6.62 -15.33 -22.96
N GLY A 47 -6.99 -14.94 -21.74
CA GLY A 47 -6.14 -14.04 -20.97
C GLY A 47 -6.15 -12.63 -21.52
N SER A 48 -6.90 -11.75 -20.88
CA SER A 48 -6.99 -10.36 -21.31
C SER A 48 -6.77 -9.41 -20.14
N SER A 49 -6.24 -8.22 -20.43
CA SER A 49 -5.97 -7.23 -19.41
C SER A 49 -6.65 -5.91 -19.75
N GLY A 50 -6.83 -5.06 -18.73
CA GLY A 50 -7.47 -3.77 -18.94
C GLY A 50 -6.85 -2.67 -18.11
N SER A 51 -5.81 -2.04 -18.65
CA SER A 51 -5.12 -0.97 -17.95
C SER A 51 -5.79 0.37 -18.21
N SER A 52 -7.12 0.38 -18.19
CA SER A 52 -7.89 1.59 -18.43
C SER A 52 -9.02 1.74 -17.41
N GLY A 53 -9.31 2.97 -17.02
CA GLY A 53 -10.37 3.22 -16.06
C GLY A 53 -9.83 3.56 -14.69
N SER A 54 -9.51 4.84 -14.48
CA SER A 54 -8.99 5.29 -13.20
C SER A 54 -9.94 6.29 -12.54
N SER A 55 -9.93 6.33 -11.21
CA SER A 55 -10.79 7.23 -10.46
C SER A 55 -10.36 7.30 -8.99
N GLY A 56 -10.93 8.26 -8.27
CA GLY A 56 -10.58 8.42 -6.86
C GLY A 56 -11.23 9.64 -6.24
N ASP A 57 -11.05 9.82 -4.94
CA ASP A 57 -11.62 10.95 -4.23
C ASP A 57 -11.12 11.00 -2.79
N LYS A 58 -10.40 12.06 -2.45
CA LYS A 58 -9.87 12.23 -1.10
C LYS A 58 -8.92 11.09 -0.75
N GLU A 59 -8.09 10.69 -1.72
CA GLU A 59 -7.14 9.61 -1.51
C GLU A 59 -6.28 9.87 -0.26
N ARG A 60 -5.76 8.80 0.31
CA ARG A 60 -4.93 8.91 1.51
C ARG A 60 -3.45 9.00 1.14
N HIS A 61 -2.65 9.51 2.07
CA HIS A 61 -1.22 9.66 1.85
C HIS A 61 -0.42 8.87 2.88
N GLY A 62 0.35 7.88 2.42
CA GLY A 62 1.15 7.08 3.32
C GLY A 62 2.62 7.12 2.98
N VAL A 63 3.46 6.57 3.87
CA VAL A 63 4.89 6.54 3.66
C VAL A 63 5.50 5.25 4.17
N ALA A 64 6.33 4.62 3.35
CA ALA A 64 6.99 3.37 3.73
C ALA A 64 7.96 3.59 4.88
N ILE A 65 7.77 2.83 5.96
CA ILE A 65 8.64 2.94 7.12
C ILE A 65 9.57 1.74 7.23
N TYR A 66 9.24 0.68 6.51
CA TYR A 66 10.05 -0.54 6.52
C TYR A 66 10.25 -1.08 5.11
N ASN A 67 11.49 -1.45 4.78
CA ASN A 67 11.80 -1.97 3.45
C ASN A 67 11.01 -3.25 3.18
N PHE A 68 10.00 -3.14 2.33
CA PHE A 68 9.16 -4.28 1.98
C PHE A 68 9.68 -4.97 0.71
N GLN A 69 9.64 -6.29 0.70
CA GLN A 69 10.09 -7.06 -0.44
C GLN A 69 9.17 -8.25 -0.71
N GLY A 70 8.37 -8.14 -1.77
CA GLY A 70 7.45 -9.20 -2.12
C GLY A 70 8.00 -10.12 -3.20
N SER A 71 7.11 -10.66 -4.01
CA SER A 71 7.52 -11.56 -5.09
C SER A 71 6.97 -11.09 -6.43
N GLY A 72 5.68 -10.74 -6.45
CA GLY A 72 5.06 -10.27 -7.68
C GLY A 72 3.59 -9.95 -7.49
N ALA A 73 3.06 -9.10 -8.37
CA ALA A 73 1.65 -8.72 -8.30
C ALA A 73 0.78 -9.90 -7.88
N PRO A 74 -0.37 -9.60 -7.26
CA PRO A 74 -0.79 -8.22 -7.00
C PRO A 74 0.08 -7.54 -5.94
N GLN A 75 1.01 -8.31 -5.38
CA GLN A 75 1.90 -7.79 -4.34
C GLN A 75 2.91 -6.82 -4.94
N LEU A 76 3.01 -5.64 -4.33
CA LEU A 76 3.95 -4.61 -4.81
C LEU A 76 4.99 -4.30 -3.75
N SER A 77 6.24 -4.14 -4.19
CA SER A 77 7.33 -3.84 -3.27
C SER A 77 7.32 -2.36 -2.87
N LEU A 78 8.04 -2.05 -1.78
CA LEU A 78 8.10 -0.67 -1.29
C LEU A 78 9.47 -0.38 -0.69
N GLN A 79 9.83 0.89 -0.64
CA GLN A 79 11.11 1.31 -0.09
C GLN A 79 10.93 2.40 0.96
N ILE A 80 11.64 2.28 2.06
CA ILE A 80 11.56 3.27 3.14
C ILE A 80 11.75 4.67 2.61
N GLY A 81 10.87 5.58 3.02
CA GLY A 81 10.96 6.96 2.57
C GLY A 81 10.25 7.19 1.26
N ASP A 82 9.45 6.22 0.83
CA ASP A 82 8.71 6.33 -0.41
C ASP A 82 7.22 6.48 -0.14
N VAL A 83 6.59 7.44 -0.82
CA VAL A 83 5.16 7.69 -0.66
C VAL A 83 4.35 7.02 -1.77
N VAL A 84 3.15 6.57 -1.43
CA VAL A 84 2.29 5.90 -2.39
C VAL A 84 0.85 6.43 -2.29
N ARG A 85 0.19 6.55 -3.43
CA ARG A 85 -1.19 7.04 -3.47
C ARG A 85 -2.17 5.92 -3.17
N ILE A 86 -2.69 5.90 -1.95
CA ILE A 86 -3.65 4.88 -1.54
C ILE A 86 -5.00 5.07 -2.25
N GLN A 87 -5.53 3.99 -2.79
CA GLN A 87 -6.81 4.04 -3.49
C GLN A 87 -7.84 3.17 -2.78
N GLU A 88 -7.39 2.06 -2.21
CA GLU A 88 -8.28 1.14 -1.50
C GLU A 88 -7.55 0.45 -0.35
N THR A 89 -8.31 -0.13 0.56
CA THR A 89 -7.74 -0.83 1.71
C THR A 89 -8.51 -2.10 2.03
N CYS A 90 -7.81 -3.22 2.02
CA CYS A 90 -8.44 -4.51 2.31
C CYS A 90 -7.87 -5.12 3.59
N GLY A 91 -8.76 -5.55 4.48
CA GLY A 91 -8.34 -6.14 5.73
C GLY A 91 -7.08 -5.50 6.28
N ASP A 92 -5.93 -6.14 6.04
CA ASP A 92 -4.66 -5.62 6.51
C ASP A 92 -3.69 -5.44 5.36
N TRP A 93 -4.13 -4.74 4.32
CA TRP A 93 -3.31 -4.50 3.14
C TRP A 93 -3.78 -3.27 2.39
N TYR A 94 -2.84 -2.40 2.03
CA TYR A 94 -3.17 -1.17 1.30
C TYR A 94 -3.01 -1.38 -0.21
N ARG A 95 -3.92 -0.78 -0.97
CA ARG A 95 -3.89 -0.90 -2.42
C ARG A 95 -3.56 0.45 -3.06
N GLY A 96 -2.71 0.42 -4.08
CA GLY A 96 -2.34 1.64 -4.78
C GLY A 96 -1.13 1.45 -5.66
N TYR A 97 -0.32 2.50 -5.80
CA TYR A 97 0.87 2.45 -6.65
C TYR A 97 1.88 3.50 -6.21
N LEU A 98 3.13 3.33 -6.65
CA LEU A 98 4.19 4.27 -6.31
C LEU A 98 4.04 5.57 -7.08
N ILE A 99 3.76 6.65 -6.37
CA ILE A 99 3.60 7.96 -6.99
C ILE A 99 4.81 8.32 -7.85
N LYS A 100 5.98 8.28 -7.24
CA LYS A 100 7.22 8.60 -7.94
C LYS A 100 7.34 7.77 -9.22
N HIS A 101 6.75 6.58 -9.21
CA HIS A 101 6.79 5.70 -10.37
C HIS A 101 5.49 4.91 -10.50
N LYS A 102 4.66 5.30 -11.46
CA LYS A 102 3.38 4.63 -11.68
C LYS A 102 3.56 3.40 -12.58
N MET A 103 4.76 2.83 -12.53
CA MET A 103 5.06 1.64 -13.34
C MET A 103 4.97 0.37 -12.50
N LEU A 104 4.79 0.54 -11.19
CA LEU A 104 4.68 -0.58 -10.28
C LEU A 104 3.42 -0.48 -9.43
N GLN A 105 2.43 -1.30 -9.75
CA GLN A 105 1.16 -1.31 -9.02
C GLN A 105 0.96 -2.65 -8.31
N GLY A 106 0.24 -2.61 -7.19
CA GLY A 106 -0.02 -3.82 -6.43
C GLY A 106 -0.54 -3.52 -5.03
N ILE A 107 -0.18 -4.37 -4.08
CA ILE A 107 -0.62 -4.20 -2.70
C ILE A 107 0.55 -4.29 -1.73
N PHE A 108 0.31 -3.90 -0.49
CA PHE A 108 1.35 -3.94 0.53
C PHE A 108 0.75 -3.95 1.94
N PRO A 109 1.53 -4.39 2.92
CA PRO A 109 1.09 -4.46 4.32
C PRO A 109 0.92 -3.09 4.94
N LYS A 110 -0.24 -2.85 5.54
CA LYS A 110 -0.54 -1.57 6.18
C LYS A 110 0.47 -1.27 7.28
N SER A 111 0.97 -2.32 7.92
CA SER A 111 1.95 -2.17 9.00
C SER A 111 3.24 -1.56 8.48
N PHE A 112 3.35 -1.45 7.16
CA PHE A 112 4.54 -0.90 6.53
C PHE A 112 4.27 0.52 6.02
N ILE A 113 2.99 0.86 5.87
CA ILE A 113 2.60 2.18 5.39
C ILE A 113 2.26 3.11 6.55
N HIS A 114 2.75 4.34 6.47
CA HIS A 114 2.50 5.32 7.52
C HIS A 114 1.47 6.36 7.05
N ILE A 115 0.21 6.16 7.43
CA ILE A 115 -0.85 7.07 7.05
C ILE A 115 -0.70 8.41 7.76
N LYS A 116 -0.25 9.43 7.02
CA LYS A 116 -0.06 10.76 7.58
C LYS A 116 -1.36 11.54 7.55
N GLU A 117 -2.10 11.50 8.66
CA GLU A 117 -3.37 12.21 8.76
C GLU A 117 -3.15 13.66 9.19
N VAL A 118 -2.63 14.47 8.28
CA VAL A 118 -2.37 15.88 8.56
C VAL A 118 -3.67 16.68 8.58
N THR A 119 -4.67 16.20 7.84
CA THR A 119 -5.96 16.87 7.78
C THR A 119 -7.04 16.06 8.48
N GLY A 1 -4.19 -0.48 22.73
CA GLY A 1 -3.54 0.78 23.08
C GLY A 1 -4.49 1.95 23.05
N SER A 2 -4.62 2.65 24.17
CA SER A 2 -5.51 3.79 24.26
C SER A 2 -4.76 5.02 24.77
N SER A 3 -5.19 6.20 24.33
CA SER A 3 -4.56 7.46 24.73
C SER A 3 -3.04 7.34 24.67
N GLY A 4 -2.55 6.55 23.72
CA GLY A 4 -1.12 6.37 23.56
C GLY A 4 -0.61 6.91 22.25
N SER A 5 -1.50 7.52 21.47
CA SER A 5 -1.12 8.07 20.18
C SER A 5 -1.23 9.60 20.19
N SER A 6 -1.17 10.17 21.38
CA SER A 6 -1.27 11.63 21.53
C SER A 6 0.10 12.28 21.40
N GLY A 7 1.05 11.85 22.23
CA GLY A 7 2.38 12.40 22.19
C GLY A 7 2.39 13.91 22.26
N ARG A 8 2.40 14.56 21.10
CA ARG A 8 2.41 16.02 21.04
C ARG A 8 3.19 16.60 22.21
N LEU A 9 4.40 16.11 22.42
CA LEU A 9 5.25 16.59 23.52
C LEU A 9 6.31 17.54 23.00
N LEU A 10 7.06 17.10 21.99
CA LEU A 10 8.12 17.92 21.41
C LEU A 10 8.62 17.30 20.10
N ASP A 11 9.22 18.13 19.25
CA ASP A 11 9.75 17.67 17.98
C ASP A 11 10.98 16.79 18.19
N LEU A 12 11.33 16.58 19.44
CA LEU A 12 12.49 15.76 19.79
C LEU A 12 12.10 14.28 19.88
N GLU A 13 11.03 14.00 20.61
CA GLU A 13 10.56 12.63 20.77
C GLU A 13 9.16 12.47 20.19
N ASN A 14 9.09 12.23 18.89
CA ASN A 14 7.80 12.06 18.21
C ASN A 14 7.68 10.65 17.64
N ILE A 15 8.71 10.22 16.92
CA ILE A 15 8.71 8.89 16.32
C ILE A 15 8.49 7.81 17.38
N GLN A 16 7.69 6.80 17.02
CA GLN A 16 7.40 5.71 17.94
C GLN A 16 7.58 4.36 17.26
N ILE A 17 8.75 4.16 16.67
CA ILE A 17 9.07 2.92 15.99
C ILE A 17 9.97 2.03 16.84
N PRO A 18 9.67 0.72 16.85
CA PRO A 18 10.45 -0.25 17.62
C PRO A 18 11.84 -0.49 17.04
N ASP A 19 12.49 -1.56 17.47
CA ASP A 19 13.82 -1.89 16.99
C ASP A 19 13.76 -2.80 15.77
N ALA A 20 12.66 -3.55 15.66
CA ALA A 20 12.47 -4.45 14.53
C ALA A 20 11.08 -4.30 13.93
N PRO A 21 10.95 -4.63 12.64
CA PRO A 21 9.67 -4.53 11.91
C PRO A 21 8.67 -5.58 12.38
N PRO A 22 7.38 -5.21 12.38
CA PRO A 22 6.29 -6.10 12.80
C PRO A 22 6.07 -7.24 11.81
N PRO A 23 5.51 -8.35 12.31
CA PRO A 23 5.23 -9.53 11.48
C PRO A 23 4.09 -9.28 10.50
N ILE A 24 4.43 -9.27 9.21
CA ILE A 24 3.42 -9.05 8.17
C ILE A 24 2.29 -10.05 8.28
N PRO A 25 1.05 -9.56 8.09
CA PRO A 25 -0.15 -10.41 8.17
C PRO A 25 -0.25 -11.38 6.99
N LYS A 26 -1.34 -12.15 6.97
CA LYS A 26 -1.55 -13.12 5.89
C LYS A 26 -2.10 -12.44 4.64
N GLU A 27 -1.67 -12.91 3.48
CA GLU A 27 -2.11 -12.34 2.21
C GLU A 27 -3.59 -12.63 1.98
N PRO A 28 -4.31 -11.64 1.42
CA PRO A 28 -5.75 -11.76 1.14
C PRO A 28 -6.03 -12.74 0.01
N SER A 29 -7.24 -13.30 0.01
CA SER A 29 -7.63 -14.25 -1.02
C SER A 29 -7.77 -13.55 -2.38
N ASN A 30 -8.04 -14.35 -3.42
CA ASN A 30 -8.19 -13.81 -4.76
C ASN A 30 -9.50 -13.03 -4.89
N TYR A 31 -9.44 -11.75 -4.54
CA TYR A 31 -10.62 -10.89 -4.61
C TYR A 31 -11.29 -10.99 -5.98
N ASP A 32 -12.47 -10.38 -6.10
CA ASP A 32 -13.21 -10.40 -7.35
C ASP A 32 -12.39 -9.76 -8.48
N PHE A 33 -11.50 -8.85 -8.11
CA PHE A 33 -10.67 -8.17 -9.09
C PHE A 33 -9.29 -8.82 -9.20
N SER A 34 -9.27 -10.15 -9.10
CA SER A 34 -8.03 -10.90 -9.18
C SER A 34 -7.72 -11.30 -10.62
N GLY A 35 -7.09 -10.38 -11.35
CA GLY A 35 -6.75 -10.64 -12.74
C GLY A 35 -7.33 -9.60 -13.68
N PRO A 36 -6.72 -9.49 -14.87
CA PRO A 36 -7.16 -8.53 -15.90
C PRO A 36 -8.50 -8.91 -16.51
N SER A 37 -8.99 -10.09 -16.15
CA SER A 37 -10.27 -10.57 -16.67
C SER A 37 -11.07 -11.26 -15.57
N SER A 38 -12.20 -10.66 -15.21
CA SER A 38 -13.07 -11.21 -14.17
C SER A 38 -13.93 -12.34 -14.72
N GLY A 39 -13.96 -13.45 -13.99
CA GLY A 39 -14.75 -14.59 -14.42
C GLY A 39 -13.90 -15.65 -15.10
N ILE A 40 -13.19 -15.26 -16.14
CA ILE A 40 -12.34 -16.19 -16.88
C ILE A 40 -10.94 -15.61 -17.09
N GLU A 41 -10.06 -16.39 -17.69
CA GLU A 41 -8.70 -15.96 -17.95
C GLU A 41 -8.61 -15.19 -19.28
N GLY A 42 -7.75 -14.18 -19.31
CA GLY A 42 -7.59 -13.39 -20.52
C GLY A 42 -6.75 -14.09 -21.56
N ARG A 43 -5.46 -14.24 -21.29
CA ARG A 43 -4.54 -14.90 -22.22
C ARG A 43 -4.94 -14.61 -23.66
N GLY A 44 -5.32 -13.36 -23.93
CA GLY A 44 -5.72 -12.98 -25.27
C GLY A 44 -5.90 -11.49 -25.43
N SER A 45 -7.11 -11.05 -25.72
CA SER A 45 -7.40 -9.64 -25.91
C SER A 45 -7.34 -8.90 -24.58
N SER A 46 -6.78 -7.69 -24.60
CA SER A 46 -6.65 -6.88 -23.40
C SER A 46 -8.02 -6.41 -22.91
N GLY A 47 -8.78 -5.78 -23.81
CA GLY A 47 -10.10 -5.29 -23.46
C GLY A 47 -10.05 -4.22 -22.39
N SER A 48 -9.07 -3.33 -22.50
CA SER A 48 -8.92 -2.23 -21.54
C SER A 48 -10.19 -1.40 -21.46
N SER A 49 -10.68 -0.97 -22.61
CA SER A 49 -11.89 -0.15 -22.67
C SER A 49 -11.90 0.88 -21.55
N GLY A 50 -10.75 1.50 -21.31
CA GLY A 50 -10.64 2.50 -20.26
C GLY A 50 -11.24 2.04 -18.95
N SER A 51 -11.22 2.90 -17.95
CA SER A 51 -11.77 2.57 -16.63
C SER A 51 -12.55 3.75 -16.06
N SER A 52 -13.60 3.43 -15.31
CA SER A 52 -14.45 4.46 -14.71
C SER A 52 -14.97 4.01 -13.35
N GLY A 53 -15.35 4.96 -12.52
CA GLY A 53 -15.86 4.64 -11.19
C GLY A 53 -15.04 5.26 -10.09
N SER A 54 -15.28 6.55 -9.81
CA SER A 54 -14.54 7.25 -8.77
C SER A 54 -15.23 7.09 -7.42
N SER A 55 -16.46 7.59 -7.33
CA SER A 55 -17.23 7.51 -6.09
C SER A 55 -16.39 7.98 -4.90
N GLY A 56 -15.65 9.07 -5.10
CA GLY A 56 -14.82 9.60 -4.04
C GLY A 56 -13.35 9.53 -4.37
N ASP A 57 -12.85 10.56 -5.05
CA ASP A 57 -11.44 10.62 -5.43
C ASP A 57 -10.59 11.16 -4.28
N LYS A 58 -10.91 10.76 -3.07
CA LYS A 58 -10.18 11.19 -1.88
C LYS A 58 -9.17 10.14 -1.44
N GLU A 59 -8.04 10.09 -2.14
CA GLU A 59 -6.99 9.14 -1.81
C GLU A 59 -6.24 9.55 -0.56
N ARG A 60 -5.77 8.56 0.21
CA ARG A 60 -5.05 8.83 1.44
C ARG A 60 -3.54 8.89 1.18
N HIS A 61 -2.83 9.61 2.03
CA HIS A 61 -1.38 9.75 1.89
C HIS A 61 -0.65 8.88 2.91
N GLY A 62 0.19 7.98 2.42
CA GLY A 62 0.93 7.10 3.31
C GLY A 62 2.43 7.13 3.03
N VAL A 63 3.21 6.60 3.97
CA VAL A 63 4.66 6.56 3.82
C VAL A 63 5.23 5.25 4.35
N ALA A 64 6.02 4.58 3.51
CA ALA A 64 6.64 3.32 3.90
C ALA A 64 7.68 3.52 5.00
N ILE A 65 7.56 2.76 6.08
CA ILE A 65 8.49 2.86 7.19
C ILE A 65 9.36 1.62 7.30
N TYR A 66 8.94 0.55 6.62
CA TYR A 66 9.68 -0.71 6.63
C TYR A 66 9.94 -1.20 5.22
N ASN A 67 11.17 -1.65 4.97
CA ASN A 67 11.55 -2.15 3.66
C ASN A 67 10.82 -3.45 3.35
N PHE A 68 9.75 -3.36 2.56
CA PHE A 68 8.96 -4.52 2.18
C PHE A 68 9.48 -5.13 0.88
N GLN A 69 9.43 -6.46 0.79
CA GLN A 69 9.88 -7.16 -0.41
C GLN A 69 8.89 -8.24 -0.82
N GLY A 70 8.32 -8.08 -2.01
CA GLY A 70 7.36 -9.04 -2.50
C GLY A 70 7.92 -9.90 -3.62
N SER A 71 7.03 -10.61 -4.33
CA SER A 71 7.45 -11.46 -5.43
C SER A 71 6.79 -11.02 -6.74
N GLY A 72 5.52 -10.64 -6.66
CA GLY A 72 4.81 -10.19 -7.85
C GLY A 72 3.34 -9.93 -7.57
N ALA A 73 2.75 -9.05 -8.38
CA ALA A 73 1.33 -8.70 -8.22
C ALA A 73 0.53 -9.92 -7.78
N PRO A 74 -0.57 -9.67 -7.05
CA PRO A 74 -0.97 -8.31 -6.68
C PRO A 74 -0.03 -7.68 -5.66
N GLN A 75 0.94 -8.47 -5.20
CA GLN A 75 1.92 -7.98 -4.22
C GLN A 75 2.84 -6.93 -4.85
N LEU A 76 3.13 -5.89 -4.08
CA LEU A 76 4.00 -4.82 -4.55
C LEU A 76 5.11 -4.53 -3.55
N SER A 77 6.27 -4.15 -4.05
CA SER A 77 7.42 -3.84 -3.20
C SER A 77 7.36 -2.40 -2.71
N LEU A 78 8.04 -2.12 -1.60
CA LEU A 78 8.08 -0.77 -1.04
C LEU A 78 9.41 -0.50 -0.36
N GLN A 79 9.80 0.78 -0.32
CA GLN A 79 11.06 1.17 0.30
C GLN A 79 10.84 2.29 1.31
N ILE A 80 11.46 2.16 2.48
CA ILE A 80 11.33 3.18 3.52
C ILE A 80 11.54 4.58 2.96
N GLY A 81 10.59 5.46 3.25
CA GLY A 81 10.69 6.83 2.77
C GLY A 81 9.97 7.04 1.45
N ASP A 82 9.08 6.10 1.12
CA ASP A 82 8.33 6.19 -0.14
C ASP A 82 6.85 6.46 0.14
N VAL A 83 6.22 7.24 -0.72
CA VAL A 83 4.81 7.57 -0.58
C VAL A 83 3.97 6.91 -1.67
N VAL A 84 2.86 6.31 -1.29
CA VAL A 84 1.96 5.65 -2.24
C VAL A 84 0.56 6.22 -2.15
N ARG A 85 -0.11 6.33 -3.30
CA ARG A 85 -1.46 6.85 -3.35
C ARG A 85 -2.48 5.77 -2.98
N ILE A 86 -3.03 5.87 -1.78
CA ILE A 86 -4.02 4.91 -1.31
C ILE A 86 -5.38 5.15 -1.95
N GLN A 87 -5.94 4.10 -2.55
CA GLN A 87 -7.25 4.19 -3.20
C GLN A 87 -8.28 3.35 -2.48
N GLU A 88 -7.87 2.17 -2.03
CA GLU A 88 -8.76 1.26 -1.33
C GLU A 88 -8.04 0.56 -0.18
N THR A 89 -8.80 0.13 0.82
CA THR A 89 -8.24 -0.54 1.98
C THR A 89 -8.94 -1.88 2.24
N CYS A 90 -8.26 -2.97 1.91
CA CYS A 90 -8.83 -4.30 2.10
C CYS A 90 -8.14 -5.02 3.26
N GLY A 91 -8.93 -5.56 4.18
CA GLY A 91 -8.38 -6.26 5.32
C GLY A 91 -7.09 -5.64 5.82
N ASP A 92 -6.16 -6.47 6.24
CA ASP A 92 -4.87 -6.00 6.74
C ASP A 92 -3.92 -5.68 5.59
N TRP A 93 -4.45 -5.04 4.55
CA TRP A 93 -3.65 -4.68 3.39
C TRP A 93 -4.22 -3.44 2.70
N TYR A 94 -3.33 -2.60 2.20
CA TYR A 94 -3.74 -1.37 1.53
C TYR A 94 -3.77 -1.57 0.01
N ARG A 95 -4.43 -0.65 -0.68
CA ARG A 95 -4.54 -0.72 -2.13
C ARG A 95 -4.09 0.58 -2.78
N GLY A 96 -3.04 0.51 -3.61
CA GLY A 96 -2.53 1.69 -4.27
C GLY A 96 -1.30 1.39 -5.11
N TYR A 97 -0.51 2.43 -5.37
CA TYR A 97 0.71 2.27 -6.17
C TYR A 97 1.74 3.33 -5.79
N LEU A 98 2.99 3.08 -6.17
CA LEU A 98 4.08 4.00 -5.87
C LEU A 98 3.94 5.29 -6.68
N ILE A 99 3.67 6.39 -5.99
CA ILE A 99 3.53 7.68 -6.64
C ILE A 99 4.77 8.02 -7.46
N LYS A 100 5.92 8.01 -6.81
CA LYS A 100 7.18 8.32 -7.46
C LYS A 100 7.40 7.40 -8.67
N HIS A 101 6.90 6.17 -8.57
CA HIS A 101 7.05 5.21 -9.66
C HIS A 101 5.73 4.48 -9.91
N LYS A 102 4.86 5.11 -10.68
CA LYS A 102 3.56 4.53 -11.01
C LYS A 102 3.72 3.30 -11.89
N MET A 103 4.96 3.01 -12.28
CA MET A 103 5.25 1.85 -13.12
C MET A 103 4.96 0.56 -12.38
N LEU A 104 4.85 0.65 -11.06
CA LEU A 104 4.57 -0.52 -10.24
C LEU A 104 3.32 -0.31 -9.37
N GLN A 105 2.40 -1.25 -9.42
CA GLN A 105 1.17 -1.16 -8.64
C GLN A 105 0.86 -2.49 -7.97
N GLY A 106 0.15 -2.43 -6.85
CA GLY A 106 -0.21 -3.63 -6.12
C GLY A 106 -0.75 -3.34 -4.74
N ILE A 107 -0.41 -4.21 -3.78
CA ILE A 107 -0.87 -4.03 -2.41
C ILE A 107 0.29 -4.17 -1.42
N PHE A 108 0.05 -3.80 -0.18
CA PHE A 108 1.07 -3.88 0.87
C PHE A 108 0.45 -3.87 2.26
N PRO A 109 1.21 -4.31 3.25
CA PRO A 109 0.74 -4.36 4.64
C PRO A 109 0.60 -2.97 5.26
N LYS A 110 -0.53 -2.74 5.92
CA LYS A 110 -0.79 -1.45 6.55
C LYS A 110 0.22 -1.16 7.65
N SER A 111 0.80 -2.21 8.21
CA SER A 111 1.79 -2.08 9.28
C SER A 111 3.08 -1.48 8.74
N PHE A 112 3.18 -1.39 7.41
CA PHE A 112 4.36 -0.83 6.78
C PHE A 112 4.08 0.58 6.26
N ILE A 113 2.80 0.91 6.12
CA ILE A 113 2.41 2.22 5.62
C ILE A 113 2.00 3.14 6.77
N HIS A 114 2.67 4.28 6.86
CA HIS A 114 2.38 5.25 7.92
C HIS A 114 1.46 6.36 7.40
N ILE A 115 0.18 6.25 7.74
CA ILE A 115 -0.81 7.24 7.31
C ILE A 115 -0.55 8.59 7.96
N LYS A 116 -0.14 9.56 7.15
CA LYS A 116 0.14 10.90 7.64
C LYS A 116 -1.12 11.74 7.69
N GLU A 117 -1.72 11.85 8.88
CA GLU A 117 -2.94 12.64 9.06
C GLU A 117 -2.63 14.03 9.57
N VAL A 118 -1.67 14.70 8.92
CA VAL A 118 -1.27 16.04 9.31
C VAL A 118 -2.11 17.09 8.58
N THR A 119 -2.97 16.64 7.68
CA THR A 119 -3.82 17.53 6.92
C THR A 119 -5.05 17.96 7.73
N GLY A 1 -19.31 21.82 15.40
CA GLY A 1 -18.94 21.27 14.11
C GLY A 1 -17.44 21.07 13.99
N SER A 2 -17.03 19.88 13.53
CA SER A 2 -15.62 19.57 13.37
C SER A 2 -15.15 19.85 11.95
N SER A 3 -15.61 20.98 11.40
CA SER A 3 -15.25 21.36 10.03
C SER A 3 -14.34 22.59 10.04
N GLY A 4 -13.12 22.43 9.57
CA GLY A 4 -12.18 23.53 9.52
C GLY A 4 -10.73 23.08 9.52
N SER A 5 -10.40 22.18 10.44
CA SER A 5 -9.04 21.66 10.55
C SER A 5 -8.41 21.51 9.17
N SER A 6 -7.17 21.98 9.05
CA SER A 6 -6.46 21.90 7.78
C SER A 6 -4.95 21.83 8.01
N GLY A 7 -4.19 21.59 6.94
CA GLY A 7 -2.75 21.51 7.05
C GLY A 7 -2.12 22.82 7.49
N ARG A 8 -1.00 23.17 6.87
CA ARG A 8 -0.30 24.41 7.20
C ARG A 8 -0.35 24.68 8.70
N LEU A 9 -0.12 23.64 9.50
CA LEU A 9 -0.14 23.76 10.95
C LEU A 9 0.78 22.73 11.59
N LEU A 10 1.74 23.21 12.37
CA LEU A 10 2.68 22.33 13.06
C LEU A 10 1.95 21.21 13.77
N ASP A 11 2.46 19.99 13.64
CA ASP A 11 1.86 18.82 14.29
C ASP A 11 2.72 17.58 14.06
N LEU A 12 3.31 17.08 15.14
CA LEU A 12 4.15 15.89 15.06
C LEU A 12 3.67 14.82 16.04
N GLU A 13 2.53 14.19 15.72
CA GLU A 13 1.97 13.15 16.57
C GLU A 13 3.04 12.13 16.95
N ASN A 14 2.76 11.35 18.00
CA ASN A 14 3.69 10.33 18.46
C ASN A 14 3.18 8.93 18.12
N ILE A 15 3.51 8.45 16.93
CA ILE A 15 3.09 7.13 16.50
C ILE A 15 3.91 6.04 17.16
N GLN A 16 3.24 4.98 17.60
CA GLN A 16 3.92 3.87 18.26
C GLN A 16 4.51 2.91 17.23
N ILE A 17 5.79 3.09 16.94
CA ILE A 17 6.48 2.24 15.98
C ILE A 17 7.49 1.34 16.67
N PRO A 18 7.51 0.06 16.26
CA PRO A 18 8.44 -0.94 16.83
C PRO A 18 9.89 -0.68 16.43
N ASP A 19 10.81 -0.97 17.33
CA ASP A 19 12.23 -0.78 17.07
C ASP A 19 12.67 -1.56 15.84
N ALA A 20 12.08 -2.74 15.65
CA ALA A 20 12.41 -3.58 14.51
C ALA A 20 11.18 -3.84 13.64
N PRO A 21 11.41 -4.05 12.34
CA PRO A 21 10.33 -4.31 11.37
C PRO A 21 9.69 -5.68 11.58
N PRO A 22 8.42 -5.68 12.02
CA PRO A 22 7.67 -6.91 12.26
C PRO A 22 7.33 -7.65 10.98
N PRO A 23 6.91 -8.91 11.12
CA PRO A 23 6.54 -9.76 9.96
C PRO A 23 5.25 -9.30 9.29
N ILE A 24 4.84 -10.02 8.27
CA ILE A 24 3.62 -9.69 7.54
C ILE A 24 2.52 -10.71 7.81
N PRO A 25 1.29 -10.21 8.00
CA PRO A 25 0.13 -11.07 8.27
C PRO A 25 -0.28 -11.88 7.05
N LYS A 26 -1.31 -12.72 7.21
CA LYS A 26 -1.80 -13.55 6.13
C LYS A 26 -2.42 -12.70 5.02
N GLU A 27 -1.80 -12.71 3.85
CA GLU A 27 -2.29 -11.94 2.71
C GLU A 27 -3.66 -12.45 2.27
N PRO A 28 -4.54 -11.52 1.87
CA PRO A 28 -5.89 -11.84 1.41
C PRO A 28 -5.88 -12.56 0.06
N SER A 29 -6.52 -13.73 0.01
CA SER A 29 -6.59 -14.51 -1.21
C SER A 29 -8.03 -14.61 -1.72
N ASN A 30 -8.72 -13.48 -1.77
CA ASN A 30 -10.10 -13.43 -2.23
C ASN A 30 -10.29 -12.36 -3.30
N TYR A 31 -9.23 -11.59 -3.55
CA TYR A 31 -9.29 -10.53 -4.54
C TYR A 31 -8.77 -11.01 -5.89
N ASP A 32 -9.31 -10.46 -6.96
CA ASP A 32 -8.91 -10.83 -8.31
C ASP A 32 -8.20 -9.67 -9.01
N PHE A 33 -8.83 -8.50 -8.99
CA PHE A 33 -8.27 -7.32 -9.62
C PHE A 33 -6.76 -7.25 -9.41
N SER A 34 -6.07 -6.57 -10.31
CA SER A 34 -4.62 -6.44 -10.22
C SER A 34 -3.93 -7.79 -10.40
N GLY A 35 -4.25 -8.46 -11.51
CA GLY A 35 -3.66 -9.76 -11.77
C GLY A 35 -2.26 -9.65 -12.35
N PRO A 36 -1.50 -10.76 -12.28
CA PRO A 36 -0.13 -10.81 -12.79
C PRO A 36 -0.07 -10.73 -14.31
N SER A 37 0.12 -9.52 -14.84
CA SER A 37 0.19 -9.32 -16.28
C SER A 37 1.58 -8.85 -16.70
N SER A 38 1.95 -9.13 -17.94
CA SER A 38 3.26 -8.74 -18.46
C SER A 38 3.46 -7.22 -18.35
N GLY A 39 4.71 -6.80 -18.35
CA GLY A 39 5.01 -5.38 -18.24
C GLY A 39 4.85 -4.65 -19.56
N ILE A 40 4.98 -3.33 -19.53
CA ILE A 40 4.85 -2.53 -20.73
C ILE A 40 6.19 -1.95 -21.16
N GLU A 41 7.27 -2.56 -20.66
CA GLU A 41 8.62 -2.11 -21.00
C GLU A 41 9.05 -2.65 -22.36
N GLY A 42 8.14 -2.61 -23.32
CA GLY A 42 8.44 -3.11 -24.65
C GLY A 42 8.47 -4.63 -24.71
N ARG A 43 9.22 -5.16 -25.67
CA ARG A 43 9.34 -6.61 -25.83
C ARG A 43 7.95 -7.25 -25.97
N GLY A 44 7.07 -6.59 -26.72
CA GLY A 44 5.73 -7.11 -26.92
C GLY A 44 4.81 -6.11 -27.58
N SER A 45 4.28 -5.18 -26.79
CA SER A 45 3.38 -4.15 -27.31
C SER A 45 3.03 -3.14 -26.22
N SER A 46 3.05 -1.86 -26.59
CA SER A 46 2.74 -0.79 -25.65
C SER A 46 1.28 -0.38 -25.76
N GLY A 47 0.71 0.09 -24.64
CA GLY A 47 -0.68 0.51 -24.64
C GLY A 47 -0.85 1.94 -25.11
N SER A 48 -1.46 2.77 -24.27
CA SER A 48 -1.69 4.17 -24.60
C SER A 48 -2.24 4.93 -23.41
N SER A 49 -1.52 5.94 -22.97
CA SER A 49 -1.93 6.75 -21.83
C SER A 49 -3.24 7.50 -22.14
N GLY A 50 -4.08 7.63 -21.12
CA GLY A 50 -5.35 8.32 -21.30
C GLY A 50 -5.31 9.74 -20.76
N SER A 51 -6.30 10.54 -21.14
CA SER A 51 -6.38 11.93 -20.70
C SER A 51 -7.53 12.10 -19.71
N SER A 52 -7.29 11.77 -18.45
CA SER A 52 -8.31 11.89 -17.41
C SER A 52 -8.92 13.29 -17.42
N GLY A 53 -10.13 13.40 -16.86
CA GLY A 53 -10.81 14.68 -16.81
C GLY A 53 -10.89 15.24 -15.40
N SER A 54 -11.82 16.17 -15.19
CA SER A 54 -12.00 16.79 -13.88
C SER A 54 -12.48 15.76 -12.86
N SER A 55 -11.54 15.21 -12.09
CA SER A 55 -11.86 14.22 -11.08
C SER A 55 -10.79 14.19 -9.99
N GLY A 56 -11.24 14.06 -8.74
CA GLY A 56 -10.31 14.01 -7.63
C GLY A 56 -10.87 13.28 -6.43
N ASP A 57 -10.00 12.92 -5.49
CA ASP A 57 -10.41 12.21 -4.29
C ASP A 57 -9.55 12.60 -3.10
N LYS A 58 -9.99 12.21 -1.91
CA LYS A 58 -9.25 12.52 -0.68
C LYS A 58 -8.33 11.36 -0.29
N GLU A 59 -7.68 10.77 -1.28
CA GLU A 59 -6.77 9.66 -1.04
C GLU A 59 -5.90 9.92 0.18
N ARG A 60 -5.47 8.85 0.85
CA ARG A 60 -4.62 8.97 2.03
C ARG A 60 -3.14 8.98 1.63
N HIS A 61 -2.38 9.86 2.27
CA HIS A 61 -0.94 9.97 1.99
C HIS A 61 -0.14 9.14 2.98
N GLY A 62 0.59 8.16 2.46
CA GLY A 62 1.39 7.30 3.31
C GLY A 62 2.85 7.27 2.88
N VAL A 63 3.70 6.73 3.75
CA VAL A 63 5.13 6.63 3.45
C VAL A 63 5.72 5.34 3.99
N ALA A 64 6.51 4.66 3.16
CA ALA A 64 7.14 3.41 3.55
C ALA A 64 8.18 3.63 4.63
N ILE A 65 8.09 2.84 5.71
CA ILE A 65 9.03 2.95 6.81
C ILE A 65 9.97 1.74 6.86
N TYR A 66 9.60 0.69 6.14
CA TYR A 66 10.40 -0.52 6.11
C TYR A 66 10.48 -1.09 4.69
N ASN A 67 11.65 -1.60 4.33
CA ASN A 67 11.85 -2.18 3.00
C ASN A 67 11.02 -3.44 2.83
N PHE A 68 9.94 -3.34 2.06
CA PHE A 68 9.07 -4.48 1.82
C PHE A 68 9.40 -5.14 0.47
N GLN A 69 9.74 -6.42 0.52
CA GLN A 69 10.09 -7.17 -0.69
C GLN A 69 9.21 -8.40 -0.82
N GLY A 70 8.30 -8.39 -1.79
CA GLY A 70 7.43 -9.52 -2.01
C GLY A 70 7.88 -10.40 -3.16
N SER A 71 6.94 -11.09 -3.78
CA SER A 71 7.25 -11.97 -4.90
C SER A 71 6.54 -11.52 -6.17
N GLY A 72 5.29 -11.08 -6.03
CA GLY A 72 4.53 -10.62 -7.18
C GLY A 72 3.08 -10.33 -6.83
N ALA A 73 2.44 -9.52 -7.66
CA ALA A 73 1.03 -9.17 -7.45
C ALA A 73 0.26 -10.34 -6.85
N PRO A 74 -0.79 -10.02 -6.07
CA PRO A 74 -1.18 -8.65 -5.79
C PRO A 74 -0.18 -7.93 -4.90
N GLN A 75 0.84 -8.65 -4.45
CA GLN A 75 1.87 -8.09 -3.60
C GLN A 75 2.73 -7.09 -4.36
N LEU A 76 2.79 -5.86 -3.86
CA LEU A 76 3.59 -4.81 -4.50
C LEU A 76 4.81 -4.47 -3.66
N SER A 77 5.94 -4.24 -4.33
CA SER A 77 7.18 -3.91 -3.64
C SER A 77 7.16 -2.45 -3.17
N LEU A 78 7.94 -2.16 -2.13
CA LEU A 78 8.01 -0.82 -1.57
C LEU A 78 9.41 -0.52 -1.05
N GLN A 79 9.76 0.76 -1.01
CA GLN A 79 11.08 1.18 -0.53
C GLN A 79 10.94 2.29 0.50
N ILE A 80 11.68 2.15 1.61
CA ILE A 80 11.65 3.15 2.67
C ILE A 80 11.77 4.56 2.11
N GLY A 81 10.86 5.43 2.51
CA GLY A 81 10.88 6.81 2.04
C GLY A 81 10.10 6.99 0.76
N ASP A 82 9.23 6.03 0.45
CA ASP A 82 8.42 6.10 -0.76
C ASP A 82 6.95 6.32 -0.41
N VAL A 83 6.33 7.28 -1.09
CA VAL A 83 4.92 7.59 -0.87
C VAL A 83 4.03 6.89 -1.87
N VAL A 84 2.87 6.43 -1.42
CA VAL A 84 1.92 5.74 -2.28
C VAL A 84 0.51 6.29 -2.10
N ARG A 85 -0.18 6.53 -3.21
CA ARG A 85 -1.53 7.05 -3.17
C ARG A 85 -2.53 5.96 -2.79
N ILE A 86 -2.93 5.93 -1.53
CA ILE A 86 -3.88 4.93 -1.05
C ILE A 86 -5.28 5.19 -1.60
N GLN A 87 -5.81 4.22 -2.33
CA GLN A 87 -7.13 4.34 -2.92
C GLN A 87 -8.14 3.50 -2.15
N GLU A 88 -7.74 2.29 -1.78
CA GLU A 88 -8.61 1.38 -1.04
C GLU A 88 -7.85 0.68 0.08
N THR A 89 -8.58 0.23 1.10
CA THR A 89 -7.98 -0.46 2.22
C THR A 89 -8.73 -1.75 2.55
N CYS A 90 -8.08 -2.88 2.29
CA CYS A 90 -8.69 -4.18 2.56
C CYS A 90 -8.15 -4.77 3.85
N GLY A 91 -9.04 -5.05 4.79
CA GLY A 91 -8.63 -5.62 6.07
C GLY A 91 -7.36 -4.99 6.59
N ASP A 92 -6.34 -5.81 6.81
CA ASP A 92 -5.06 -5.34 7.33
C ASP A 92 -4.08 -5.09 6.19
N TRP A 93 -4.59 -4.57 5.07
CA TRP A 93 -3.76 -4.28 3.92
C TRP A 93 -4.27 -3.07 3.16
N TYR A 94 -3.36 -2.35 2.52
CA TYR A 94 -3.72 -1.15 1.76
C TYR A 94 -3.79 -1.46 0.27
N ARG A 95 -4.33 -0.52 -0.50
CA ARG A 95 -4.45 -0.68 -1.95
C ARG A 95 -4.11 0.61 -2.67
N GLY A 96 -3.04 0.58 -3.46
CA GLY A 96 -2.64 1.76 -4.20
C GLY A 96 -1.51 1.48 -5.17
N TYR A 97 -0.70 2.50 -5.46
CA TYR A 97 0.41 2.35 -6.38
C TYR A 97 1.51 3.37 -6.07
N LEU A 98 2.71 3.10 -6.56
CA LEU A 98 3.86 3.99 -6.34
C LEU A 98 3.68 5.29 -7.12
N ILE A 99 3.64 6.40 -6.40
CA ILE A 99 3.49 7.71 -7.03
C ILE A 99 4.69 8.04 -7.90
N LYS A 100 5.88 7.86 -7.34
CA LYS A 100 7.12 8.14 -8.06
C LYS A 100 7.21 7.30 -9.34
N HIS A 101 6.35 6.29 -9.43
CA HIS A 101 6.33 5.41 -10.59
C HIS A 101 5.01 4.66 -10.68
N LYS A 102 4.16 5.06 -11.62
CA LYS A 102 2.87 4.42 -11.80
C LYS A 102 3.02 3.07 -12.49
N MET A 103 4.26 2.69 -12.77
CA MET A 103 4.54 1.42 -13.42
C MET A 103 4.43 0.26 -12.44
N LEU A 104 4.05 0.57 -11.20
CA LEU A 104 3.90 -0.44 -10.17
C LEU A 104 2.61 -0.22 -9.37
N GLN A 105 1.83 -1.28 -9.22
CA GLN A 105 0.57 -1.20 -8.48
C GLN A 105 0.27 -2.51 -7.77
N GLY A 106 -0.40 -2.43 -6.63
CA GLY A 106 -0.74 -3.62 -5.88
C GLY A 106 -1.20 -3.31 -4.47
N ILE A 107 -0.87 -4.19 -3.53
CA ILE A 107 -1.25 -4.00 -2.13
C ILE A 107 -0.05 -4.21 -1.21
N PHE A 108 -0.14 -3.65 -0.01
CA PHE A 108 0.94 -3.77 0.97
C PHE A 108 0.38 -3.70 2.40
N PRO A 109 1.17 -4.19 3.36
CA PRO A 109 0.79 -4.20 4.78
C PRO A 109 0.77 -2.80 5.37
N LYS A 110 -0.30 -2.47 6.10
CA LYS A 110 -0.43 -1.17 6.73
C LYS A 110 0.65 -0.95 7.77
N SER A 111 1.22 -2.04 8.27
CA SER A 111 2.27 -1.97 9.27
C SER A 111 3.57 -1.45 8.66
N PHE A 112 3.59 -1.35 7.34
CA PHE A 112 4.77 -0.87 6.63
C PHE A 112 4.55 0.54 6.10
N ILE A 113 3.29 0.98 6.10
CA ILE A 113 2.94 2.31 5.63
C ILE A 113 2.77 3.29 6.80
N HIS A 114 3.33 4.48 6.66
CA HIS A 114 3.23 5.49 7.70
C HIS A 114 2.27 6.60 7.28
N ILE A 115 1.02 6.49 7.73
CA ILE A 115 0.01 7.48 7.41
C ILE A 115 0.33 8.83 8.03
N LYS A 116 0.64 9.82 7.19
CA LYS A 116 0.97 11.16 7.65
C LYS A 116 -0.30 11.94 7.99
N GLU A 117 -0.82 11.70 9.19
CA GLU A 117 -2.03 12.39 9.64
C GLU A 117 -1.68 13.70 10.34
N VAL A 118 -1.50 14.76 9.55
CA VAL A 118 -1.17 16.07 10.10
C VAL A 118 -2.39 16.75 10.69
N THR A 119 -3.57 16.30 10.27
CA THR A 119 -4.83 16.87 10.76
C THR A 119 -5.29 16.16 12.03
N GLY A 1 37.07 -7.96 -5.33
CA GLY A 1 35.63 -7.90 -5.10
C GLY A 1 35.22 -8.49 -3.77
N SER A 2 34.75 -7.64 -2.86
CA SER A 2 34.33 -8.09 -1.54
C SER A 2 32.93 -7.59 -1.22
N SER A 3 32.41 -8.01 -0.06
CA SER A 3 31.07 -7.62 0.36
C SER A 3 31.13 -6.83 1.67
N GLY A 4 31.81 -7.38 2.66
CA GLY A 4 31.93 -6.72 3.94
C GLY A 4 31.10 -7.39 5.02
N SER A 5 29.84 -7.70 4.69
CA SER A 5 28.94 -8.34 5.64
C SER A 5 28.81 -7.51 6.91
N SER A 6 28.56 -6.22 6.74
CA SER A 6 28.42 -5.31 7.88
C SER A 6 27.11 -5.56 8.61
N GLY A 7 26.90 -4.84 9.72
CA GLY A 7 25.68 -4.99 10.48
C GLY A 7 25.40 -3.79 11.37
N ARG A 8 24.69 -2.82 10.83
CA ARG A 8 24.35 -1.61 11.58
C ARG A 8 23.27 -0.80 10.87
N LEU A 9 22.51 -0.03 11.63
CA LEU A 9 21.45 0.79 11.06
C LEU A 9 21.27 2.08 11.87
N LEU A 10 21.55 3.21 11.24
CA LEU A 10 21.41 4.50 11.89
C LEU A 10 20.35 5.37 11.19
N ASP A 11 19.50 6.00 11.99
CA ASP A 11 18.45 6.85 11.44
C ASP A 11 17.82 7.70 12.54
N LEU A 12 18.10 9.01 12.50
CA LEU A 12 17.56 9.92 13.50
C LEU A 12 16.11 10.25 13.22
N GLU A 13 15.29 9.20 13.09
CA GLU A 13 13.86 9.37 12.81
C GLU A 13 13.12 9.81 14.07
N ASN A 14 11.96 10.42 13.88
CA ASN A 14 11.14 10.90 15.00
C ASN A 14 9.77 10.25 14.97
N ILE A 15 9.54 9.39 13.99
CA ILE A 15 8.26 8.71 13.85
C ILE A 15 8.11 7.61 14.91
N GLN A 16 6.87 7.41 15.37
CA GLN A 16 6.60 6.39 16.38
C GLN A 16 6.81 5.00 15.81
N ILE A 17 8.04 4.50 15.93
CA ILE A 17 8.38 3.18 15.43
C ILE A 17 8.61 2.20 16.58
N PRO A 18 8.10 0.97 16.43
CA PRO A 18 8.25 -0.07 17.44
C PRO A 18 9.68 -0.59 17.56
N ASP A 19 9.89 -1.55 18.44
CA ASP A 19 11.21 -2.12 18.66
C ASP A 19 11.68 -2.87 17.41
N ALA A 20 10.77 -3.62 16.80
CA ALA A 20 11.10 -4.39 15.61
C ALA A 20 9.85 -4.70 14.81
N PRO A 21 10.00 -4.81 13.47
CA PRO A 21 8.89 -5.11 12.57
C PRO A 21 8.39 -6.54 12.72
N PRO A 22 7.08 -6.68 12.96
CA PRO A 22 6.45 -8.00 13.14
C PRO A 22 6.39 -8.78 11.83
N PRO A 23 6.02 -10.07 11.93
CA PRO A 23 5.92 -10.96 10.77
C PRO A 23 4.74 -10.60 9.87
N ILE A 24 5.05 -10.22 8.62
CA ILE A 24 4.02 -9.85 7.67
C ILE A 24 2.75 -10.67 7.87
N PRO A 25 1.58 -10.01 7.84
CA PRO A 25 0.29 -10.66 8.02
C PRO A 25 -0.08 -11.55 6.84
N LYS A 26 -0.25 -12.84 7.10
CA LYS A 26 -0.61 -13.79 6.06
C LYS A 26 -1.54 -13.15 5.04
N GLU A 27 -1.02 -12.94 3.83
CA GLU A 27 -1.80 -12.33 2.76
C GLU A 27 -3.26 -12.76 2.84
N PRO A 28 -4.17 -11.85 2.46
CA PRO A 28 -5.61 -12.12 2.48
C PRO A 28 -6.03 -13.13 1.42
N SER A 29 -7.17 -13.76 1.63
CA SER A 29 -7.69 -14.76 0.69
C SER A 29 -7.94 -14.12 -0.68
N ASN A 30 -8.51 -14.91 -1.59
CA ASN A 30 -8.81 -14.42 -2.94
C ASN A 30 -9.26 -12.97 -2.89
N TYR A 31 -8.63 -12.14 -3.71
CA TYR A 31 -8.96 -10.72 -3.77
C TYR A 31 -10.33 -10.51 -4.42
N ASP A 32 -11.13 -9.63 -3.84
CA ASP A 32 -12.45 -9.34 -4.37
C ASP A 32 -12.46 -9.35 -5.89
N PHE A 33 -11.46 -8.71 -6.50
CA PHE A 33 -11.34 -8.65 -7.94
C PHE A 33 -10.51 -9.82 -8.47
N SER A 34 -11.08 -10.56 -9.40
CA SER A 34 -10.39 -11.71 -9.98
C SER A 34 -11.01 -12.10 -11.32
N GLY A 35 -10.26 -11.90 -12.40
CA GLY A 35 -10.76 -12.23 -13.73
C GLY A 35 -10.19 -13.54 -14.24
N PRO A 36 -11.02 -14.27 -15.01
CA PRO A 36 -10.62 -15.58 -15.58
C PRO A 36 -9.57 -15.42 -16.67
N SER A 37 -9.64 -14.32 -17.41
CA SER A 37 -8.69 -14.06 -18.49
C SER A 37 -7.49 -13.27 -17.98
N SER A 38 -7.76 -12.26 -17.16
CA SER A 38 -6.70 -11.42 -16.60
C SER A 38 -5.90 -12.18 -15.54
N GLY A 39 -4.76 -12.72 -15.95
CA GLY A 39 -3.93 -13.46 -15.03
C GLY A 39 -3.51 -14.81 -15.58
N ILE A 40 -2.59 -14.80 -16.54
CA ILE A 40 -2.11 -16.04 -17.14
C ILE A 40 -0.60 -16.18 -16.98
N GLU A 41 -0.06 -17.29 -17.48
CA GLU A 41 1.37 -17.54 -17.37
C GLU A 41 2.14 -16.74 -18.43
N GLY A 42 3.45 -16.61 -18.22
CA GLY A 42 4.27 -15.86 -19.15
C GLY A 42 4.18 -14.35 -18.93
N ARG A 43 5.04 -13.61 -19.60
CA ARG A 43 5.06 -12.15 -19.46
C ARG A 43 4.29 -11.51 -20.61
N GLY A 44 2.98 -11.34 -20.42
CA GLY A 44 2.15 -10.73 -21.45
C GLY A 44 2.37 -9.24 -21.55
N SER A 45 2.11 -8.68 -22.74
CA SER A 45 2.29 -7.26 -22.98
C SER A 45 1.27 -6.75 -23.99
N SER A 46 1.29 -5.44 -24.22
CA SER A 46 0.36 -4.82 -25.16
C SER A 46 -1.08 -5.05 -24.73
N GLY A 47 -1.35 -4.89 -23.43
CA GLY A 47 -2.69 -5.08 -22.91
C GLY A 47 -3.01 -4.12 -21.79
N SER A 48 -4.31 -3.96 -21.50
CA SER A 48 -4.76 -3.06 -20.45
C SER A 48 -4.74 -3.76 -19.09
N SER A 49 -4.22 -3.08 -18.08
CA SER A 49 -4.15 -3.64 -16.74
C SER A 49 -5.02 -2.84 -15.77
N GLY A 50 -6.07 -3.47 -15.27
CA GLY A 50 -6.97 -2.81 -14.34
C GLY A 50 -7.95 -1.89 -15.04
N SER A 51 -9.24 -2.09 -14.78
CA SER A 51 -10.29 -1.28 -15.40
C SER A 51 -11.02 -0.46 -14.34
N SER A 52 -10.67 0.82 -14.27
CA SER A 52 -11.30 1.72 -13.30
C SER A 52 -11.84 2.97 -13.99
N GLY A 53 -12.99 3.45 -13.52
CA GLY A 53 -13.59 4.64 -14.10
C GLY A 53 -13.60 5.82 -13.15
N SER A 54 -12.49 6.55 -13.12
CA SER A 54 -12.37 7.71 -12.23
C SER A 54 -12.74 7.33 -10.80
N SER A 55 -12.26 6.18 -10.35
CA SER A 55 -12.55 5.71 -8.99
C SER A 55 -11.48 6.20 -8.02
N GLY A 56 -11.70 7.38 -7.46
CA GLY A 56 -10.75 7.95 -6.51
C GLY A 56 -10.93 9.43 -6.33
N ASP A 57 -11.78 9.82 -5.38
CA ASP A 57 -12.03 11.23 -5.10
C ASP A 57 -11.06 11.77 -4.06
N LYS A 58 -10.99 11.10 -2.92
CA LYS A 58 -10.09 11.51 -1.85
C LYS A 58 -9.13 10.38 -1.47
N GLU A 59 -7.89 10.49 -1.95
CA GLU A 59 -6.87 9.48 -1.67
C GLU A 59 -6.19 9.76 -0.34
N ARG A 60 -5.58 8.73 0.24
CA ARG A 60 -4.89 8.86 1.51
C ARG A 60 -3.37 8.89 1.30
N HIS A 61 -2.68 9.71 2.09
CA HIS A 61 -1.24 9.83 1.98
C HIS A 61 -0.54 8.88 2.97
N GLY A 62 0.26 7.96 2.43
CA GLY A 62 0.95 7.01 3.27
C GLY A 62 2.46 7.03 3.04
N VAL A 63 3.20 6.44 3.97
CA VAL A 63 4.66 6.38 3.87
C VAL A 63 5.20 5.08 4.42
N ALA A 64 6.06 4.43 3.63
CA ALA A 64 6.67 3.16 4.03
C ALA A 64 7.64 3.37 5.19
N ILE A 65 7.56 2.47 6.18
CA ILE A 65 8.45 2.55 7.34
C ILE A 65 9.40 1.36 7.39
N TYR A 66 9.09 0.33 6.63
CA TYR A 66 9.91 -0.87 6.58
C TYR A 66 10.11 -1.35 5.15
N ASN A 67 11.35 -1.72 4.82
CA ASN A 67 11.68 -2.18 3.48
C ASN A 67 10.96 -3.49 3.18
N PHE A 68 9.92 -3.41 2.34
CA PHE A 68 9.15 -4.59 1.95
C PHE A 68 9.65 -5.17 0.64
N GLN A 69 9.67 -6.49 0.55
CA GLN A 69 10.12 -7.17 -0.66
C GLN A 69 9.22 -8.36 -0.99
N GLY A 70 8.50 -8.24 -2.12
CA GLY A 70 7.61 -9.32 -2.52
C GLY A 70 8.14 -10.09 -3.71
N SER A 71 7.24 -10.64 -4.52
CA SER A 71 7.63 -11.42 -5.68
C SER A 71 7.05 -10.80 -6.95
N GLY A 72 5.79 -10.40 -6.90
CA GLY A 72 5.15 -9.79 -8.06
C GLY A 72 3.66 -9.58 -7.85
N ALA A 73 3.06 -8.73 -8.67
CA ALA A 73 1.64 -8.44 -8.57
C ALA A 73 0.84 -9.68 -8.20
N PRO A 74 -0.29 -9.48 -7.51
CA PRO A 74 -0.75 -8.15 -7.13
C PRO A 74 0.13 -7.51 -6.05
N GLN A 75 1.12 -8.26 -5.59
CA GLN A 75 2.03 -7.78 -4.56
C GLN A 75 2.97 -6.71 -5.12
N LEU A 76 3.07 -5.59 -4.42
CA LEU A 76 3.93 -4.49 -4.85
C LEU A 76 5.04 -4.25 -3.84
N SER A 77 6.25 -4.01 -4.33
CA SER A 77 7.40 -3.76 -3.48
C SER A 77 7.37 -2.33 -2.93
N LEU A 78 7.95 -2.13 -1.76
CA LEU A 78 7.99 -0.82 -1.13
C LEU A 78 9.33 -0.58 -0.45
N GLN A 79 9.69 0.69 -0.30
CA GLN A 79 10.96 1.05 0.34
C GLN A 79 10.73 2.09 1.43
N ILE A 80 11.55 2.02 2.48
CA ILE A 80 11.46 2.94 3.59
C ILE A 80 11.54 4.39 3.12
N GLY A 81 10.58 5.21 3.53
CA GLY A 81 10.56 6.61 3.14
C GLY A 81 9.91 6.81 1.78
N ASP A 82 9.01 5.91 1.41
CA ASP A 82 8.32 6.00 0.13
C ASP A 82 6.85 6.31 0.32
N VAL A 83 6.34 7.27 -0.43
CA VAL A 83 4.95 7.68 -0.34
C VAL A 83 4.13 7.11 -1.50
N VAL A 84 2.96 6.56 -1.19
CA VAL A 84 2.10 5.98 -2.21
C VAL A 84 0.66 6.49 -2.06
N ARG A 85 0.00 6.71 -3.19
CA ARG A 85 -1.38 7.20 -3.19
C ARG A 85 -2.36 6.05 -2.96
N ILE A 86 -2.85 5.94 -1.72
CA ILE A 86 -3.79 4.89 -1.36
C ILE A 86 -5.14 5.12 -2.04
N GLN A 87 -5.52 4.20 -2.92
CA GLN A 87 -6.79 4.30 -3.63
C GLN A 87 -7.84 3.39 -3.00
N GLU A 88 -7.44 2.18 -2.65
CA GLU A 88 -8.35 1.22 -2.04
C GLU A 88 -7.70 0.56 -0.82
N THR A 89 -8.53 -0.06 0.01
CA THR A 89 -8.05 -0.72 1.22
C THR A 89 -8.85 -1.98 1.51
N CYS A 90 -8.15 -3.10 1.64
CA CYS A 90 -8.80 -4.38 1.93
C CYS A 90 -8.23 -5.01 3.19
N GLY A 91 -9.10 -5.32 4.15
CA GLY A 91 -8.67 -5.91 5.40
C GLY A 91 -7.41 -5.27 5.94
N ASP A 92 -6.35 -6.07 6.06
CA ASP A 92 -5.08 -5.57 6.56
C ASP A 92 -4.08 -5.37 5.43
N TRP A 93 -4.56 -4.79 4.33
CA TRP A 93 -3.71 -4.53 3.17
C TRP A 93 -4.21 -3.34 2.38
N TYR A 94 -3.29 -2.50 1.93
CA TYR A 94 -3.64 -1.32 1.15
C TYR A 94 -3.58 -1.61 -0.35
N ARG A 95 -4.11 -0.68 -1.15
CA ARG A 95 -4.12 -0.83 -2.59
C ARG A 95 -3.87 0.51 -3.28
N GLY A 96 -2.76 0.60 -4.00
CA GLY A 96 -2.43 1.82 -4.70
C GLY A 96 -1.21 1.69 -5.59
N TYR A 97 -0.41 2.74 -5.66
CA TYR A 97 0.80 2.73 -6.49
C TYR A 97 1.79 3.78 -6.01
N LEU A 98 3.04 3.65 -6.46
CA LEU A 98 4.09 4.59 -6.08
C LEU A 98 3.92 5.91 -6.80
N ILE A 99 3.61 6.97 -6.05
CA ILE A 99 3.43 8.29 -6.62
C ILE A 99 4.63 8.69 -7.49
N LYS A 100 5.82 8.64 -6.91
CA LYS A 100 7.03 8.98 -7.62
C LYS A 100 7.18 8.15 -8.88
N HIS A 101 6.67 6.93 -8.84
CA HIS A 101 6.74 6.02 -9.99
C HIS A 101 5.40 5.33 -10.21
N LYS A 102 4.66 5.81 -11.21
CA LYS A 102 3.36 5.23 -11.53
C LYS A 102 3.51 4.02 -12.45
N MET A 103 4.63 3.33 -12.32
CA MET A 103 4.90 2.15 -13.14
C MET A 103 4.79 0.88 -12.31
N LEU A 104 4.60 1.04 -11.00
CA LEU A 104 4.47 -0.10 -10.10
C LEU A 104 3.19 0.02 -9.27
N GLN A 105 2.23 -0.85 -9.55
CA GLN A 105 0.97 -0.85 -8.81
C GLN A 105 0.69 -2.22 -8.20
N GLY A 106 0.06 -2.22 -7.04
CA GLY A 106 -0.25 -3.47 -6.36
C GLY A 106 -0.79 -3.26 -4.96
N ILE A 107 -0.45 -4.15 -4.05
CA ILE A 107 -0.91 -4.05 -2.67
C ILE A 107 0.24 -4.22 -1.69
N PHE A 108 0.03 -3.78 -0.45
CA PHE A 108 1.06 -3.88 0.58
C PHE A 108 0.43 -3.90 1.98
N PRO A 109 1.18 -4.41 2.96
CA PRO A 109 0.71 -4.50 4.35
C PRO A 109 0.61 -3.12 5.01
N LYS A 110 -0.51 -2.88 5.68
CA LYS A 110 -0.75 -1.60 6.35
C LYS A 110 0.27 -1.40 7.47
N SER A 111 0.80 -2.50 7.99
CA SER A 111 1.78 -2.44 9.06
C SER A 111 3.09 -1.84 8.58
N PHE A 112 3.22 -1.68 7.26
CA PHE A 112 4.42 -1.11 6.67
C PHE A 112 4.16 0.32 6.18
N ILE A 113 2.89 0.67 6.05
CA ILE A 113 2.51 2.00 5.60
C ILE A 113 2.12 2.89 6.76
N HIS A 114 2.58 4.14 6.73
CA HIS A 114 2.28 5.10 7.79
C HIS A 114 1.40 6.23 7.27
N ILE A 115 0.14 6.23 7.66
CA ILE A 115 -0.80 7.26 7.23
C ILE A 115 -0.42 8.62 7.81
N LYS A 116 0.00 9.54 6.94
CA LYS A 116 0.39 10.88 7.36
C LYS A 116 -0.80 11.63 7.96
N GLU A 117 -0.53 12.47 8.95
CA GLU A 117 -1.59 13.24 9.60
C GLU A 117 -1.00 14.47 10.29
N VAL A 118 -1.22 15.64 9.71
CA VAL A 118 -0.72 16.89 10.26
C VAL A 118 -1.78 17.56 11.13
N THR A 119 -3.03 17.17 10.94
CA THR A 119 -4.13 17.73 11.72
C THR A 119 -3.98 17.42 13.20
N GLY A 1 19.75 -5.13 38.43
CA GLY A 1 21.10 -5.26 37.91
C GLY A 1 21.55 -4.02 37.14
N SER A 2 22.28 -4.23 36.06
CA SER A 2 22.77 -3.13 35.24
C SER A 2 22.52 -3.38 33.76
N SER A 3 21.31 -3.87 33.45
CA SER A 3 20.93 -4.16 32.08
C SER A 3 19.57 -3.58 31.75
N GLY A 4 19.55 -2.54 30.92
CA GLY A 4 18.29 -1.91 30.56
C GLY A 4 18.39 -0.40 30.52
N SER A 5 18.14 0.18 29.34
CA SER A 5 18.21 1.62 29.16
C SER A 5 17.17 2.33 30.04
N SER A 6 17.65 2.94 31.12
CA SER A 6 16.76 3.65 32.05
C SER A 6 17.54 4.66 32.89
N GLY A 7 16.94 5.81 33.13
CA GLY A 7 17.59 6.85 33.91
C GLY A 7 17.94 8.06 33.09
N ARG A 8 17.02 8.48 32.23
CA ARG A 8 17.24 9.65 31.38
C ARG A 8 16.03 10.58 31.41
N LEU A 9 16.27 11.85 31.71
CA LEU A 9 15.20 12.84 31.77
C LEU A 9 14.43 12.88 30.46
N LEU A 10 15.13 13.20 29.38
CA LEU A 10 14.51 13.28 28.05
C LEU A 10 13.80 11.97 27.72
N ASP A 11 12.81 12.05 26.83
CA ASP A 11 12.05 10.88 26.41
C ASP A 11 11.07 11.23 25.30
N LEU A 12 11.31 10.70 24.11
CA LEU A 12 10.45 10.96 22.97
C LEU A 12 9.94 9.65 22.36
N GLU A 13 8.99 9.02 23.04
CA GLU A 13 8.42 7.77 22.56
C GLU A 13 6.96 7.95 22.17
N ASN A 14 6.68 9.06 21.49
CA ASN A 14 5.32 9.36 21.05
C ASN A 14 4.86 8.37 19.98
N ILE A 15 5.60 8.34 18.87
CA ILE A 15 5.27 7.44 17.75
C ILE A 15 4.87 6.07 18.27
N GLN A 16 3.86 5.48 17.65
CA GLN A 16 3.38 4.16 18.04
C GLN A 16 3.96 3.08 17.14
N ILE A 17 5.25 3.18 16.84
CA ILE A 17 5.93 2.22 16.00
C ILE A 17 7.00 1.44 16.79
N PRO A 18 7.07 0.12 16.55
CA PRO A 18 8.03 -0.74 17.22
C PRO A 18 9.46 -0.49 16.77
N ASP A 19 10.42 -1.03 17.51
CA ASP A 19 11.83 -0.86 17.19
C ASP A 19 12.23 -1.77 16.02
N ALA A 20 11.67 -2.97 15.99
CA ALA A 20 11.97 -3.93 14.94
C ALA A 20 10.71 -4.28 14.14
N PRO A 21 10.90 -4.56 12.85
CA PRO A 21 9.79 -4.91 11.94
C PRO A 21 9.21 -6.28 12.26
N PRO A 22 7.91 -6.31 12.60
CA PRO A 22 7.20 -7.56 12.92
C PRO A 22 7.01 -8.45 11.70
N PRO A 23 6.60 -9.71 11.95
CA PRO A 23 6.36 -10.69 10.88
C PRO A 23 5.14 -10.35 10.04
N ILE A 24 5.37 -10.04 8.77
CA ILE A 24 4.29 -9.69 7.85
C ILE A 24 3.10 -10.63 8.03
N PRO A 25 1.89 -10.07 8.01
CA PRO A 25 0.65 -10.84 8.16
C PRO A 25 0.37 -11.72 6.96
N LYS A 26 -0.73 -12.47 7.02
CA LYS A 26 -1.11 -13.37 5.94
C LYS A 26 -1.97 -12.64 4.91
N GLU A 27 -1.38 -12.38 3.74
CA GLU A 27 -2.08 -11.68 2.67
C GLU A 27 -3.51 -12.20 2.54
N PRO A 28 -4.42 -11.33 2.07
CA PRO A 28 -5.83 -11.67 1.88
C PRO A 28 -6.04 -12.65 0.73
N SER A 29 -6.38 -13.89 1.08
CA SER A 29 -6.62 -14.93 0.08
C SER A 29 -7.99 -14.78 -0.55
N ASN A 30 -8.31 -13.57 -0.97
CA ASN A 30 -9.60 -13.29 -1.59
C ASN A 30 -9.66 -11.85 -2.11
N TYR A 31 -9.56 -11.70 -3.42
CA TYR A 31 -9.59 -10.38 -4.04
C TYR A 31 -11.01 -10.02 -4.49
N ASP A 32 -11.55 -8.95 -3.92
CA ASP A 32 -12.89 -8.51 -4.26
C ASP A 32 -12.92 -7.01 -4.55
N PHE A 33 -11.89 -6.53 -5.22
CA PHE A 33 -11.78 -5.11 -5.55
C PHE A 33 -11.47 -4.91 -7.04
N SER A 34 -11.97 -5.83 -7.87
CA SER A 34 -11.75 -5.76 -9.30
C SER A 34 -12.84 -6.52 -10.06
N GLY A 35 -13.22 -5.98 -11.22
CA GLY A 35 -14.26 -6.61 -12.02
C GLY A 35 -13.92 -8.06 -12.35
N PRO A 36 -14.97 -8.90 -12.43
CA PRO A 36 -14.81 -10.32 -12.74
C PRO A 36 -14.39 -10.55 -14.19
N SER A 37 -13.53 -11.54 -14.40
CA SER A 37 -13.04 -11.86 -15.75
C SER A 37 -13.46 -13.27 -16.15
N SER A 38 -13.63 -13.47 -17.45
CA SER A 38 -14.04 -14.77 -17.97
C SER A 38 -13.65 -14.92 -19.44
N GLY A 39 -13.70 -16.15 -19.94
CA GLY A 39 -13.34 -16.41 -21.33
C GLY A 39 -11.85 -16.60 -21.51
N ILE A 40 -11.15 -16.87 -20.42
CA ILE A 40 -9.71 -17.07 -20.47
C ILE A 40 -9.31 -18.39 -19.82
N GLU A 41 -8.02 -18.73 -19.89
CA GLU A 41 -7.52 -19.96 -19.31
C GLU A 41 -6.17 -19.73 -18.63
N GLY A 42 -6.10 -20.07 -17.35
CA GLY A 42 -4.87 -19.89 -16.60
C GLY A 42 -4.39 -18.46 -16.62
N ARG A 43 -3.29 -18.19 -15.90
CA ARG A 43 -2.73 -16.85 -15.83
C ARG A 43 -2.21 -16.41 -17.20
N GLY A 44 -2.25 -15.10 -17.45
CA GLY A 44 -1.78 -14.58 -18.72
C GLY A 44 -2.38 -13.22 -19.04
N SER A 45 -1.94 -12.20 -18.32
CA SER A 45 -2.45 -10.85 -18.53
C SER A 45 -1.42 -9.81 -18.06
N SER A 46 -1.70 -8.54 -18.37
CA SER A 46 -0.81 -7.46 -17.99
C SER A 46 -1.55 -6.12 -17.96
N GLY A 47 -1.29 -5.33 -16.94
CA GLY A 47 -1.94 -4.03 -16.82
C GLY A 47 -3.45 -4.16 -16.65
N SER A 48 -4.19 -3.43 -17.47
CA SER A 48 -5.65 -3.46 -17.41
C SER A 48 -6.13 -3.06 -16.02
N SER A 49 -5.50 -2.04 -15.44
CA SER A 49 -5.87 -1.57 -14.11
C SER A 49 -5.08 -0.32 -13.74
N GLY A 50 -5.64 0.50 -12.86
CA GLY A 50 -4.99 1.72 -12.44
C GLY A 50 -5.96 2.85 -12.20
N SER A 51 -5.50 4.09 -12.43
CA SER A 51 -6.35 5.26 -12.22
C SER A 51 -7.19 5.54 -13.46
N SER A 52 -7.84 4.51 -13.98
CA SER A 52 -8.69 4.64 -15.16
C SER A 52 -9.47 5.95 -15.12
N GLY A 53 -10.03 6.26 -13.95
CA GLY A 53 -10.80 7.47 -13.81
C GLY A 53 -11.83 7.37 -12.69
N SER A 54 -12.01 8.46 -11.95
CA SER A 54 -12.98 8.49 -10.86
C SER A 54 -13.25 9.93 -10.41
N SER A 55 -14.47 10.17 -9.95
CA SER A 55 -14.86 11.50 -9.50
C SER A 55 -14.72 11.62 -7.98
N GLY A 56 -13.88 12.54 -7.54
CA GLY A 56 -13.68 12.74 -6.12
C GLY A 56 -12.30 12.26 -5.66
N ASP A 57 -11.29 13.10 -5.86
CA ASP A 57 -9.93 12.77 -5.46
C ASP A 57 -9.77 12.86 -3.95
N LYS A 58 -10.20 11.81 -3.26
CA LYS A 58 -10.09 11.75 -1.80
C LYS A 58 -9.16 10.63 -1.36
N GLU A 59 -8.05 10.49 -2.06
CA GLU A 59 -7.07 9.45 -1.74
C GLU A 59 -6.31 9.80 -0.46
N ARG A 60 -5.62 8.81 0.10
CA ARG A 60 -4.86 9.01 1.32
C ARG A 60 -3.36 9.05 1.03
N HIS A 61 -2.62 9.81 1.83
CA HIS A 61 -1.18 9.93 1.65
C HIS A 61 -0.43 9.10 2.69
N GLY A 62 0.33 8.11 2.23
CA GLY A 62 1.08 7.27 3.13
C GLY A 62 2.56 7.26 2.83
N VAL A 63 3.36 6.73 3.76
CA VAL A 63 4.80 6.66 3.58
C VAL A 63 5.37 5.36 4.14
N ALA A 64 6.12 4.65 3.32
CA ALA A 64 6.73 3.39 3.74
C ALA A 64 7.76 3.61 4.84
N ILE A 65 7.64 2.87 5.93
CA ILE A 65 8.56 2.99 7.05
C ILE A 65 9.52 1.81 7.10
N TYR A 66 9.06 0.66 6.60
CA TYR A 66 9.88 -0.55 6.59
C TYR A 66 10.07 -1.06 5.16
N ASN A 67 11.29 -1.50 4.86
CA ASN A 67 11.60 -2.01 3.53
C ASN A 67 10.80 -3.29 3.24
N PHE A 68 9.92 -3.21 2.23
CA PHE A 68 9.10 -4.35 1.87
C PHE A 68 9.62 -4.99 0.57
N GLN A 69 9.55 -6.32 0.53
CA GLN A 69 10.02 -7.06 -0.65
C GLN A 69 8.96 -8.04 -1.13
N GLY A 70 8.53 -7.88 -2.38
CA GLY A 70 7.51 -8.75 -2.93
C GLY A 70 8.03 -9.59 -4.08
N SER A 71 7.14 -10.34 -4.73
CA SER A 71 7.52 -11.18 -5.85
C SER A 71 6.82 -10.73 -7.13
N GLY A 72 5.55 -10.36 -7.00
CA GLY A 72 4.79 -9.92 -8.16
C GLY A 72 3.32 -9.72 -7.84
N ALA A 73 2.66 -8.89 -8.64
CA ALA A 73 1.24 -8.62 -8.44
C ALA A 73 0.50 -9.87 -7.97
N PRO A 74 -0.60 -9.66 -7.21
CA PRO A 74 -1.06 -8.32 -6.85
C PRO A 74 -0.14 -7.63 -5.86
N GLN A 75 0.88 -8.35 -5.40
CA GLN A 75 1.84 -7.81 -4.45
C GLN A 75 2.74 -6.77 -5.12
N LEU A 76 3.14 -5.77 -4.35
CA LEU A 76 4.01 -4.71 -4.88
C LEU A 76 5.15 -4.41 -3.90
N SER A 77 6.31 -4.09 -4.45
CA SER A 77 7.48 -3.77 -3.64
C SER A 77 7.43 -2.33 -3.14
N LEU A 78 8.19 -2.04 -2.10
CA LEU A 78 8.24 -0.70 -1.53
C LEU A 78 9.59 -0.43 -0.89
N GLN A 79 9.95 0.85 -0.80
CA GLN A 79 11.23 1.25 -0.21
C GLN A 79 11.02 2.30 0.87
N ILE A 80 11.65 2.10 2.03
CA ILE A 80 11.53 3.02 3.13
C ILE A 80 11.66 4.46 2.66
N GLY A 81 10.67 5.28 2.98
CA GLY A 81 10.68 6.68 2.58
C GLY A 81 10.00 6.91 1.26
N ASP A 82 9.07 6.02 0.91
CA ASP A 82 8.34 6.13 -0.35
C ASP A 82 6.88 6.50 -0.09
N VAL A 83 6.34 7.37 -0.95
CA VAL A 83 4.96 7.81 -0.82
C VAL A 83 4.08 7.16 -1.88
N VAL A 84 3.15 6.31 -1.42
CA VAL A 84 2.24 5.62 -2.34
C VAL A 84 0.80 6.08 -2.12
N ARG A 85 0.13 6.42 -3.22
CA ARG A 85 -1.25 6.88 -3.16
C ARG A 85 -2.19 5.73 -2.82
N ILE A 86 -2.76 5.75 -1.63
CA ILE A 86 -3.69 4.71 -1.19
C ILE A 86 -5.05 4.87 -1.85
N GLN A 87 -5.49 3.83 -2.54
CA GLN A 87 -6.79 3.86 -3.22
C GLN A 87 -7.79 2.93 -2.52
N GLU A 88 -7.31 1.76 -2.13
CA GLU A 88 -8.16 0.79 -1.45
C GLU A 88 -7.43 0.14 -0.28
N THR A 89 -8.19 -0.45 0.64
CA THR A 89 -7.62 -1.10 1.81
C THR A 89 -8.33 -2.41 2.12
N CYS A 90 -7.59 -3.51 2.05
CA CYS A 90 -8.16 -4.83 2.33
C CYS A 90 -7.59 -5.41 3.62
N GLY A 91 -8.48 -5.75 4.54
CA GLY A 91 -8.05 -6.31 5.81
C GLY A 91 -6.82 -5.61 6.37
N ASP A 92 -5.69 -6.31 6.38
CA ASP A 92 -4.45 -5.75 6.88
C ASP A 92 -3.47 -5.49 5.74
N TRP A 93 -3.98 -4.97 4.63
CA TRP A 93 -3.15 -4.66 3.47
C TRP A 93 -3.69 -3.46 2.72
N TYR A 94 -2.79 -2.56 2.32
CA TYR A 94 -3.18 -1.36 1.59
C TYR A 94 -3.07 -1.58 0.09
N ARG A 95 -3.84 -0.81 -0.68
CA ARG A 95 -3.83 -0.93 -2.14
C ARG A 95 -3.46 0.41 -2.78
N GLY A 96 -2.55 0.35 -3.74
CA GLY A 96 -2.13 1.57 -4.42
C GLY A 96 -0.99 1.32 -5.40
N TYR A 97 -0.17 2.34 -5.63
CA TYR A 97 0.96 2.23 -6.54
C TYR A 97 2.01 3.29 -6.25
N LEU A 98 3.23 3.04 -6.70
CA LEU A 98 4.33 3.98 -6.48
C LEU A 98 4.09 5.28 -7.26
N ILE A 99 3.93 6.37 -6.53
CA ILE A 99 3.71 7.68 -7.14
C ILE A 99 4.90 8.10 -7.99
N LYS A 100 6.08 8.12 -7.36
CA LYS A 100 7.30 8.50 -8.05
C LYS A 100 7.44 7.75 -9.37
N HIS A 101 6.70 6.66 -9.50
CA HIS A 101 6.75 5.86 -10.72
C HIS A 101 5.53 4.93 -10.80
N LYS A 102 4.59 5.28 -11.69
CA LYS A 102 3.38 4.49 -11.87
C LYS A 102 3.64 3.30 -12.80
N MET A 103 4.86 2.78 -12.76
CA MET A 103 5.23 1.64 -13.60
C MET A 103 5.00 0.33 -12.85
N LEU A 104 4.73 0.42 -11.56
CA LEU A 104 4.48 -0.76 -10.75
C LEU A 104 3.31 -0.54 -9.79
N GLN A 105 2.40 -1.50 -9.73
CA GLN A 105 1.24 -1.40 -8.86
C GLN A 105 0.99 -2.73 -8.15
N GLY A 106 0.23 -2.66 -7.05
CA GLY A 106 -0.08 -3.87 -6.29
C GLY A 106 -0.55 -3.56 -4.89
N ILE A 107 -0.24 -4.44 -3.95
CA ILE A 107 -0.64 -4.26 -2.56
C ILE A 107 0.55 -4.34 -1.62
N PHE A 108 0.35 -3.96 -0.36
CA PHE A 108 1.41 -4.00 0.63
C PHE A 108 0.84 -3.98 2.04
N PRO A 109 1.66 -4.39 3.02
CA PRO A 109 1.25 -4.44 4.43
C PRO A 109 1.07 -3.05 5.03
N LYS A 110 -0.02 -2.87 5.76
CA LYS A 110 -0.30 -1.58 6.39
C LYS A 110 0.77 -1.23 7.42
N SER A 111 1.25 -2.24 8.14
CA SER A 111 2.28 -2.04 9.14
C SER A 111 3.53 -1.42 8.54
N PHE A 112 3.58 -1.37 7.22
CA PHE A 112 4.72 -0.79 6.51
C PHE A 112 4.41 0.61 6.01
N ILE A 113 3.11 0.91 5.86
CA ILE A 113 2.68 2.21 5.39
C ILE A 113 2.35 3.13 6.56
N HIS A 114 2.87 4.36 6.51
CA HIS A 114 2.63 5.33 7.56
C HIS A 114 1.62 6.38 7.11
N ILE A 115 0.37 6.23 7.57
CA ILE A 115 -0.68 7.17 7.20
C ILE A 115 -0.45 8.54 7.85
N LYS A 116 -0.05 9.50 7.03
CA LYS A 116 0.20 10.85 7.51
C LYS A 116 -1.05 11.72 7.40
N GLU A 117 -1.83 11.76 8.48
CA GLU A 117 -3.06 12.55 8.49
C GLU A 117 -2.78 13.97 8.96
N VAL A 118 -2.41 14.83 8.01
CA VAL A 118 -2.12 16.22 8.32
C VAL A 118 -3.38 17.09 8.21
N THR A 119 -4.49 16.47 7.82
CA THR A 119 -5.75 17.18 7.67
C THR A 119 -6.61 17.03 8.93
N GLY A 1 0.45 31.91 -11.44
CA GLY A 1 1.24 32.96 -12.06
C GLY A 1 2.39 33.42 -11.18
N SER A 2 2.17 34.52 -10.45
CA SER A 2 3.20 35.06 -9.57
C SER A 2 2.98 34.60 -8.13
N SER A 3 3.98 33.90 -7.59
CA SER A 3 3.90 33.40 -6.22
C SER A 3 5.22 33.59 -5.50
N GLY A 4 5.24 33.26 -4.21
CA GLY A 4 6.45 33.39 -3.42
C GLY A 4 7.15 32.06 -3.19
N SER A 5 6.84 31.43 -2.06
CA SER A 5 7.45 30.14 -1.73
C SER A 5 6.38 29.09 -1.43
N SER A 6 5.49 29.42 -0.50
CA SER A 6 4.42 28.50 -0.14
C SER A 6 4.97 27.12 0.22
N GLY A 7 6.10 27.11 0.92
CA GLY A 7 6.71 25.86 1.31
C GLY A 7 6.56 25.57 2.79
N ARG A 8 6.06 24.38 3.11
CA ARG A 8 5.86 23.99 4.51
C ARG A 8 6.98 23.05 4.96
N LEU A 9 7.74 23.49 5.96
CA LEU A 9 8.83 22.69 6.49
C LEU A 9 8.36 21.83 7.66
N LEU A 10 7.94 20.60 7.37
CA LEU A 10 7.48 19.69 8.40
C LEU A 10 8.53 18.62 8.70
N ASP A 11 8.32 17.88 9.79
CA ASP A 11 9.25 16.82 10.17
C ASP A 11 8.71 16.05 11.38
N LEU A 12 8.37 14.78 11.17
CA LEU A 12 7.85 13.94 12.24
C LEU A 12 8.96 13.12 12.87
N GLU A 13 10.12 13.73 13.03
CA GLU A 13 11.26 13.04 13.63
C GLU A 13 10.85 12.28 14.88
N ASN A 14 11.69 11.34 15.29
CA ASN A 14 11.40 10.52 16.48
C ASN A 14 10.10 9.75 16.30
N ILE A 15 9.86 9.27 15.09
CA ILE A 15 8.65 8.52 14.80
C ILE A 15 8.39 7.45 15.87
N GLN A 16 7.11 7.20 16.15
CA GLN A 16 6.73 6.21 17.14
C GLN A 16 6.89 4.80 16.59
N ILE A 17 8.10 4.47 16.17
CA ILE A 17 8.38 3.15 15.63
C ILE A 17 8.64 2.14 16.74
N PRO A 18 8.10 0.93 16.58
CA PRO A 18 8.26 -0.15 17.56
C PRO A 18 9.68 -0.69 17.60
N ASP A 19 9.98 -1.50 18.61
CA ASP A 19 11.31 -2.09 18.76
C ASP A 19 11.68 -2.91 17.53
N ALA A 20 10.74 -3.71 17.05
CA ALA A 20 10.96 -4.55 15.88
C ALA A 20 9.70 -4.69 15.05
N PRO A 21 9.86 -4.97 13.75
CA PRO A 21 8.75 -5.13 12.82
C PRO A 21 7.95 -6.41 13.09
N PRO A 22 6.62 -6.27 13.18
CA PRO A 22 5.72 -7.40 13.44
C PRO A 22 5.64 -8.36 12.25
N PRO A 23 5.01 -9.52 12.47
CA PRO A 23 4.86 -10.55 11.43
C PRO A 23 3.89 -10.12 10.34
N ILE A 24 4.39 -10.07 9.10
CA ILE A 24 3.57 -9.67 7.96
C ILE A 24 2.15 -10.21 8.10
N PRO A 25 1.15 -9.34 7.85
CA PRO A 25 -0.26 -9.71 7.93
C PRO A 25 -0.68 -10.65 6.81
N LYS A 26 -1.13 -11.85 7.18
CA LYS A 26 -1.56 -12.84 6.20
C LYS A 26 -2.18 -12.17 4.98
N GLU A 27 -1.81 -12.64 3.80
CA GLU A 27 -2.32 -12.08 2.55
C GLU A 27 -3.53 -12.87 2.07
N PRO A 28 -4.54 -12.16 1.53
CA PRO A 28 -5.76 -12.77 1.02
C PRO A 28 -5.51 -13.57 -0.26
N SER A 29 -5.92 -14.83 -0.25
CA SER A 29 -5.75 -15.70 -1.41
C SER A 29 -6.93 -15.58 -2.37
N ASN A 30 -6.77 -16.12 -3.56
CA ASN A 30 -7.82 -16.09 -4.57
C ASN A 30 -8.44 -14.68 -4.65
N TYR A 31 -7.59 -13.67 -4.69
CA TYR A 31 -8.05 -12.29 -4.76
C TYR A 31 -9.31 -12.18 -5.61
N ASP A 32 -10.36 -11.59 -5.04
CA ASP A 32 -11.62 -11.42 -5.75
C ASP A 32 -11.96 -9.93 -5.91
N PHE A 33 -11.92 -9.21 -4.80
CA PHE A 33 -12.23 -7.79 -4.81
C PHE A 33 -11.64 -7.12 -6.05
N SER A 34 -10.44 -7.52 -6.41
CA SER A 34 -9.76 -6.95 -7.58
C SER A 34 -9.17 -8.06 -8.45
N GLY A 35 -9.80 -8.29 -9.59
CA GLY A 35 -9.33 -9.32 -10.50
C GLY A 35 -10.45 -9.92 -11.34
N PRO A 36 -10.08 -10.80 -12.28
CA PRO A 36 -11.05 -11.46 -13.15
C PRO A 36 -11.92 -12.46 -12.41
N SER A 37 -11.68 -12.61 -11.12
CA SER A 37 -12.45 -13.53 -10.29
C SER A 37 -13.89 -13.61 -10.76
N SER A 38 -14.34 -14.80 -11.13
CA SER A 38 -15.70 -15.01 -11.59
C SER A 38 -16.59 -15.52 -10.47
N GLY A 39 -17.87 -15.18 -10.54
CA GLY A 39 -18.81 -15.60 -9.52
C GLY A 39 -19.07 -17.10 -9.55
N ILE A 40 -19.57 -17.58 -10.69
CA ILE A 40 -19.85 -19.00 -10.84
C ILE A 40 -19.59 -19.46 -12.27
N GLU A 41 -19.75 -20.76 -12.52
CA GLU A 41 -19.54 -21.32 -13.84
C GLU A 41 -20.86 -21.71 -14.49
N GLY A 42 -21.24 -20.99 -15.55
CA GLY A 42 -22.48 -21.28 -16.24
C GLY A 42 -23.10 -20.04 -16.85
N ARG A 43 -23.80 -19.27 -16.04
CA ARG A 43 -24.45 -18.05 -16.50
C ARG A 43 -23.59 -16.82 -16.21
N GLY A 44 -23.24 -16.65 -14.93
CA GLY A 44 -22.42 -15.52 -14.53
C GLY A 44 -22.72 -14.27 -15.34
N SER A 45 -24.00 -13.95 -15.49
CA SER A 45 -24.42 -12.79 -16.26
C SER A 45 -24.44 -11.54 -15.38
N SER A 46 -23.42 -11.39 -14.54
CA SER A 46 -23.32 -10.26 -13.64
C SER A 46 -22.18 -9.33 -14.06
N GLY A 47 -22.49 -8.06 -14.25
CA GLY A 47 -21.48 -7.09 -14.65
C GLY A 47 -22.03 -5.68 -14.74
N SER A 48 -22.45 -5.30 -15.93
CA SER A 48 -22.99 -3.96 -16.16
C SER A 48 -22.28 -2.92 -15.28
N SER A 49 -20.96 -3.04 -15.20
CA SER A 49 -20.15 -2.14 -14.40
C SER A 49 -20.08 -0.76 -15.05
N GLY A 50 -20.09 0.28 -14.23
CA GLY A 50 -20.03 1.64 -14.75
C GLY A 50 -19.41 2.61 -13.75
N SER A 51 -19.88 2.57 -12.51
CA SER A 51 -19.38 3.45 -11.47
C SER A 51 -19.20 2.70 -10.16
N SER A 52 -18.54 3.34 -9.19
CA SER A 52 -18.30 2.74 -7.89
C SER A 52 -18.92 3.56 -6.77
N GLY A 53 -20.19 3.30 -6.48
CA GLY A 53 -20.88 4.04 -5.43
C GLY A 53 -20.56 5.52 -5.47
N SER A 54 -20.00 6.02 -4.37
CA SER A 54 -19.65 7.44 -4.27
C SER A 54 -18.13 7.62 -4.18
N SER A 55 -17.61 8.55 -4.96
CA SER A 55 -16.18 8.82 -4.98
C SER A 55 -15.91 10.32 -4.81
N GLY A 56 -14.63 10.68 -4.77
CA GLY A 56 -14.26 12.07 -4.62
C GLY A 56 -12.77 12.26 -4.40
N ASP A 57 -12.41 13.16 -3.49
CA ASP A 57 -11.01 13.42 -3.20
C ASP A 57 -10.69 13.07 -1.74
N LYS A 58 -11.08 11.89 -1.33
CA LYS A 58 -10.84 11.43 0.03
C LYS A 58 -9.66 10.45 0.08
N GLU A 59 -8.64 10.72 -0.74
CA GLU A 59 -7.46 9.87 -0.79
C GLU A 59 -6.68 9.95 0.52
N ARG A 60 -5.66 9.09 0.64
CA ARG A 60 -4.83 9.07 1.84
C ARG A 60 -3.35 9.05 1.48
N HIS A 61 -2.56 9.83 2.21
CA HIS A 61 -1.12 9.92 1.95
C HIS A 61 -0.35 9.08 2.98
N GLY A 62 0.36 8.07 2.48
CA GLY A 62 1.13 7.21 3.36
C GLY A 62 2.62 7.25 3.05
N VAL A 63 3.42 6.66 3.93
CA VAL A 63 4.86 6.64 3.75
C VAL A 63 5.45 5.32 4.26
N ALA A 64 6.27 4.69 3.42
CA ALA A 64 6.90 3.42 3.78
C ALA A 64 7.93 3.62 4.90
N ILE A 65 7.92 2.73 5.87
CA ILE A 65 8.84 2.81 6.99
C ILE A 65 9.74 1.57 7.04
N TYR A 66 9.22 0.45 6.58
CA TYR A 66 9.97 -0.80 6.57
C TYR A 66 10.19 -1.30 5.14
N ASN A 67 11.41 -1.73 4.85
CA ASN A 67 11.75 -2.23 3.53
C ASN A 67 10.99 -3.52 3.22
N PHE A 68 9.93 -3.40 2.45
CA PHE A 68 9.11 -4.55 2.08
C PHE A 68 9.60 -5.17 0.77
N GLN A 69 9.27 -6.45 0.57
CA GLN A 69 9.69 -7.15 -0.64
C GLN A 69 8.49 -7.84 -1.30
N GLY A 70 8.46 -7.82 -2.63
CA GLY A 70 7.37 -8.44 -3.35
C GLY A 70 7.85 -9.35 -4.47
N SER A 71 6.96 -10.19 -4.97
CA SER A 71 7.31 -11.12 -6.04
C SER A 71 6.55 -10.79 -7.31
N GLY A 72 5.33 -10.27 -7.16
CA GLY A 72 4.52 -9.91 -8.30
C GLY A 72 3.08 -9.64 -7.93
N ALA A 73 2.44 -8.74 -8.67
CA ALA A 73 1.05 -8.39 -8.41
C ALA A 73 0.23 -9.62 -8.02
N PRO A 74 -0.83 -9.41 -7.24
CA PRO A 74 -1.20 -8.06 -6.77
C PRO A 74 -0.21 -7.52 -5.74
N GLN A 75 0.77 -8.34 -5.38
CA GLN A 75 1.80 -7.92 -4.42
C GLN A 75 2.74 -6.91 -5.03
N LEU A 76 2.93 -5.79 -4.33
CA LEU A 76 3.82 -4.74 -4.81
C LEU A 76 4.93 -4.45 -3.80
N SER A 77 6.13 -4.20 -4.29
CA SER A 77 7.27 -3.92 -3.43
C SER A 77 7.23 -2.49 -2.93
N LEU A 78 8.01 -2.21 -1.89
CA LEU A 78 8.07 -0.87 -1.32
C LEU A 78 9.46 -0.59 -0.74
N GLN A 79 9.80 0.69 -0.66
CA GLN A 79 11.10 1.11 -0.13
C GLN A 79 10.94 2.17 0.95
N ILE A 80 11.63 1.97 2.07
CA ILE A 80 11.57 2.91 3.18
C ILE A 80 11.70 4.35 2.70
N GLY A 81 10.74 5.19 3.07
CA GLY A 81 10.77 6.58 2.67
C GLY A 81 10.09 6.80 1.33
N ASP A 82 9.13 5.95 1.00
CA ASP A 82 8.41 6.06 -0.25
C ASP A 82 6.97 6.49 -0.02
N VAL A 83 6.45 7.35 -0.90
CA VAL A 83 5.08 7.84 -0.78
C VAL A 83 4.18 7.22 -1.84
N VAL A 84 3.28 6.35 -1.40
CA VAL A 84 2.36 5.69 -2.32
C VAL A 84 0.94 6.26 -2.19
N ARG A 85 0.25 6.35 -3.32
CA ARG A 85 -1.11 6.87 -3.33
C ARG A 85 -2.12 5.79 -2.96
N ILE A 86 -2.80 5.97 -1.84
CA ILE A 86 -3.79 5.01 -1.38
C ILE A 86 -5.15 5.27 -2.02
N GLN A 87 -5.62 4.32 -2.81
CA GLN A 87 -6.92 4.44 -3.48
C GLN A 87 -7.97 3.60 -2.78
N GLU A 88 -7.57 2.44 -2.28
CA GLU A 88 -8.48 1.53 -1.59
C GLU A 88 -7.79 0.85 -0.41
N THR A 89 -8.58 0.15 0.39
CA THR A 89 -8.05 -0.55 1.56
C THR A 89 -8.81 -1.84 1.82
N CYS A 90 -8.09 -2.95 1.87
CA CYS A 90 -8.71 -4.25 2.12
C CYS A 90 -8.13 -4.90 3.39
N GLY A 91 -9.02 -5.36 4.26
CA GLY A 91 -8.59 -5.99 5.49
C GLY A 91 -7.33 -5.35 6.05
N ASP A 92 -6.29 -6.16 6.23
CA ASP A 92 -5.03 -5.66 6.76
C ASP A 92 -4.05 -5.35 5.64
N TRP A 93 -4.54 -4.73 4.58
CA TRP A 93 -3.71 -4.39 3.43
C TRP A 93 -4.24 -3.15 2.73
N TYR A 94 -3.33 -2.32 2.22
CA TYR A 94 -3.71 -1.10 1.51
C TYR A 94 -3.75 -1.33 0.00
N ARG A 95 -4.20 -0.32 -0.73
CA ARG A 95 -4.28 -0.40 -2.18
C ARG A 95 -3.77 0.87 -2.83
N GLY A 96 -2.75 0.73 -3.68
CA GLY A 96 -2.17 1.88 -4.36
C GLY A 96 -0.95 1.52 -5.18
N TYR A 97 -0.10 2.50 -5.44
CA TYR A 97 1.11 2.30 -6.22
C TYR A 97 2.17 3.33 -5.88
N LEU A 98 3.35 3.19 -6.48
CA LEU A 98 4.44 4.12 -6.24
C LEU A 98 4.23 5.42 -7.01
N ILE A 99 4.01 6.50 -6.28
CA ILE A 99 3.79 7.82 -6.89
C ILE A 99 5.00 8.23 -7.73
N LYS A 100 6.18 8.17 -7.13
CA LYS A 100 7.41 8.53 -7.82
C LYS A 100 7.56 7.74 -9.12
N HIS A 101 6.83 6.64 -9.22
CA HIS A 101 6.88 5.79 -10.41
C HIS A 101 5.60 4.97 -10.54
N LYS A 102 4.75 5.36 -11.48
CA LYS A 102 3.50 4.64 -11.71
C LYS A 102 3.70 3.46 -12.63
N MET A 103 4.90 2.87 -12.57
CA MET A 103 5.22 1.72 -13.41
C MET A 103 4.94 0.41 -12.67
N LEU A 104 4.67 0.53 -11.37
CA LEU A 104 4.37 -0.64 -10.55
C LEU A 104 3.21 -0.37 -9.61
N GLN A 105 2.23 -1.27 -9.62
CA GLN A 105 1.05 -1.12 -8.76
C GLN A 105 0.71 -2.44 -8.08
N GLY A 106 0.00 -2.35 -6.96
CA GLY A 106 -0.39 -3.55 -6.24
C GLY A 106 -0.90 -3.24 -4.84
N ILE A 107 -0.55 -4.10 -3.88
CA ILE A 107 -1.00 -3.91 -2.50
C ILE A 107 0.16 -4.11 -1.53
N PHE A 108 0.00 -3.60 -0.31
CA PHE A 108 1.02 -3.72 0.71
C PHE A 108 0.41 -3.69 2.10
N PRO A 109 1.17 -4.17 3.10
CA PRO A 109 0.71 -4.20 4.50
C PRO A 109 0.63 -2.81 5.11
N LYS A 110 -0.49 -2.52 5.75
CA LYS A 110 -0.69 -1.23 6.40
C LYS A 110 0.34 -1.00 7.51
N SER A 111 0.85 -2.09 8.06
CA SER A 111 1.84 -2.01 9.13
C SER A 111 3.15 -1.44 8.61
N PHE A 112 3.27 -1.34 7.29
CA PHE A 112 4.48 -0.80 6.66
C PHE A 112 4.25 0.63 6.17
N ILE A 113 2.98 1.01 6.05
CA ILE A 113 2.64 2.35 5.59
C ILE A 113 2.27 3.25 6.75
N HIS A 114 2.90 4.43 6.80
CA HIS A 114 2.63 5.38 7.87
C HIS A 114 1.72 6.50 7.37
N ILE A 115 0.43 6.40 7.73
CA ILE A 115 -0.55 7.40 7.32
C ILE A 115 -0.25 8.75 7.96
N LYS A 116 0.11 9.73 7.14
CA LYS A 116 0.42 11.07 7.63
C LYS A 116 -0.85 11.88 7.81
N GLU A 117 -0.95 12.60 8.93
CA GLU A 117 -2.11 13.41 9.22
C GLU A 117 -1.71 14.87 9.45
N VAL A 118 -1.39 15.56 8.35
CA VAL A 118 -0.98 16.96 8.43
C VAL A 118 -2.16 17.86 8.82
N THR A 119 -3.37 17.33 8.64
CA THR A 119 -4.57 18.08 8.97
C THR A 119 -5.51 17.25 9.84
N GLY A 1 -2.85 26.74 16.53
CA GLY A 1 -2.18 27.70 15.67
C GLY A 1 -0.73 27.89 16.06
N SER A 2 -0.15 29.01 15.63
CA SER A 2 1.24 29.30 15.93
C SER A 2 1.45 29.51 17.42
N SER A 3 2.69 29.34 17.88
CA SER A 3 3.02 29.50 19.29
C SER A 3 4.43 30.07 19.45
N GLY A 4 4.79 30.40 20.68
CA GLY A 4 6.10 30.95 20.96
C GLY A 4 7.13 29.86 21.23
N SER A 5 8.02 29.63 20.28
CA SER A 5 9.06 28.62 20.42
C SER A 5 10.33 29.21 20.99
N SER A 6 10.64 28.87 22.23
CA SER A 6 11.84 29.38 22.90
C SER A 6 12.68 28.24 23.45
N GLY A 7 12.82 27.19 22.65
CA GLY A 7 13.61 26.03 23.07
C GLY A 7 12.83 25.09 23.98
N ARG A 8 13.50 24.08 24.49
CA ARG A 8 12.86 23.10 25.37
C ARG A 8 11.72 22.39 24.65
N LEU A 9 11.95 22.00 23.41
CA LEU A 9 10.95 21.31 22.62
C LEU A 9 11.25 19.81 22.53
N LEU A 10 11.69 19.24 23.65
CA LEU A 10 12.02 17.82 23.69
C LEU A 10 10.79 17.00 24.08
N ASP A 11 10.31 16.19 23.15
CA ASP A 11 9.15 15.35 23.39
C ASP A 11 9.00 14.29 22.29
N LEU A 12 9.26 13.04 22.64
CA LEU A 12 9.16 11.94 21.68
C LEU A 12 7.88 11.14 21.92
N GLU A 13 6.74 11.79 21.70
CA GLU A 13 5.45 11.13 21.88
C GLU A 13 4.55 11.35 20.67
N ASN A 14 5.15 11.35 19.48
CA ASN A 14 4.41 11.55 18.25
C ASN A 14 4.36 10.26 17.42
N ILE A 15 5.51 9.62 17.28
CA ILE A 15 5.61 8.38 16.52
C ILE A 15 5.36 7.17 17.41
N GLN A 16 4.63 6.20 16.89
CA GLN A 16 4.32 4.98 17.65
C GLN A 16 4.80 3.74 16.90
N ILE A 17 6.02 3.80 16.40
CA ILE A 17 6.60 2.68 15.65
C ILE A 17 7.59 1.90 16.51
N PRO A 18 7.53 0.57 16.41
CA PRO A 18 8.41 -0.32 17.18
C PRO A 18 9.85 -0.25 16.70
N ASP A 19 10.79 -0.65 17.57
CA ASP A 19 12.20 -0.64 17.24
C ASP A 19 12.49 -1.54 16.05
N ALA A 20 11.76 -2.66 15.97
CA ALA A 20 11.94 -3.62 14.89
C ALA A 20 10.62 -3.88 14.16
N PRO A 21 10.72 -4.19 12.86
CA PRO A 21 9.55 -4.46 12.03
C PRO A 21 8.86 -5.77 12.40
N PRO A 22 7.55 -5.72 12.60
CA PRO A 22 6.75 -6.90 12.96
C PRO A 22 6.63 -7.90 11.81
N PRO A 23 6.20 -9.12 12.12
CA PRO A 23 6.03 -10.19 11.14
C PRO A 23 4.86 -9.91 10.19
N ILE A 24 5.18 -9.70 8.91
CA ILE A 24 4.16 -9.43 7.91
C ILE A 24 2.96 -10.35 8.07
N PRO A 25 1.75 -9.76 8.10
CA PRO A 25 0.51 -10.52 8.26
C PRO A 25 0.18 -11.35 7.03
N LYS A 26 0.09 -12.67 7.22
CA LYS A 26 -0.22 -13.57 6.13
C LYS A 26 -1.16 -12.91 5.11
N GLU A 27 -0.59 -12.44 4.01
CA GLU A 27 -1.36 -11.78 2.96
C GLU A 27 -2.65 -12.56 2.67
N PRO A 28 -3.73 -11.82 2.39
CA PRO A 28 -5.04 -12.43 2.09
C PRO A 28 -5.05 -13.14 0.74
N SER A 29 -5.95 -14.10 0.60
CA SER A 29 -6.06 -14.87 -0.65
C SER A 29 -6.37 -13.95 -1.82
N ASN A 30 -5.84 -14.29 -2.99
CA ASN A 30 -6.06 -13.50 -4.19
C ASN A 30 -7.52 -13.03 -4.28
N TYR A 31 -7.76 -11.78 -3.88
CA TYR A 31 -9.10 -11.22 -3.91
C TYR A 31 -9.72 -11.37 -5.29
N ASP A 32 -11.03 -11.09 -5.38
CA ASP A 32 -11.74 -11.20 -6.64
C ASP A 32 -11.71 -9.87 -7.40
N PHE A 33 -10.60 -9.63 -8.10
CA PHE A 33 -10.44 -8.40 -8.86
C PHE A 33 -10.78 -8.63 -10.33
N SER A 34 -9.97 -9.45 -11.00
CA SER A 34 -10.19 -9.74 -12.41
C SER A 34 -11.32 -10.74 -12.60
N GLY A 35 -12.44 -10.48 -11.92
CA GLY A 35 -13.59 -11.37 -12.02
C GLY A 35 -13.55 -12.48 -11.00
N PRO A 36 -14.49 -13.43 -11.11
CA PRO A 36 -14.59 -14.57 -10.18
C PRO A 36 -13.43 -15.55 -10.36
N SER A 37 -13.28 -16.46 -9.40
CA SER A 37 -12.22 -17.45 -9.45
C SER A 37 -12.79 -18.86 -9.39
N SER A 38 -13.06 -19.44 -10.57
CA SER A 38 -13.60 -20.79 -10.64
C SER A 38 -13.39 -21.38 -12.04
N GLY A 39 -12.92 -22.62 -12.07
CA GLY A 39 -12.68 -23.29 -13.34
C GLY A 39 -11.22 -23.23 -13.74
N ILE A 40 -10.52 -24.34 -13.55
CA ILE A 40 -9.10 -24.40 -13.91
C ILE A 40 -8.91 -24.47 -15.42
N GLU A 41 -8.39 -23.38 -15.99
CA GLU A 41 -8.16 -23.32 -17.42
C GLU A 41 -7.24 -22.16 -17.77
N GLY A 42 -6.46 -22.32 -18.85
CA GLY A 42 -5.55 -21.28 -19.27
C GLY A 42 -4.33 -21.20 -18.39
N ARG A 43 -3.15 -21.14 -19.00
CA ARG A 43 -1.90 -21.06 -18.27
C ARG A 43 -1.71 -19.67 -17.66
N GLY A 44 -1.55 -19.61 -16.35
CA GLY A 44 -1.37 -18.34 -15.68
C GLY A 44 -2.24 -17.25 -16.24
N SER A 45 -1.71 -16.03 -16.31
CA SER A 45 -2.46 -14.90 -16.83
C SER A 45 -1.91 -14.48 -18.20
N SER A 46 -2.82 -14.20 -19.13
CA SER A 46 -2.44 -13.79 -20.48
C SER A 46 -1.86 -12.38 -20.46
N GLY A 47 -2.58 -11.45 -19.87
CA GLY A 47 -2.12 -10.07 -19.80
C GLY A 47 -2.97 -9.22 -18.87
N SER A 48 -3.18 -7.97 -19.26
CA SER A 48 -3.98 -7.05 -18.46
C SER A 48 -5.40 -6.94 -19.00
N SER A 49 -6.25 -6.20 -18.28
CA SER A 49 -7.64 -6.03 -18.68
C SER A 49 -8.18 -4.69 -18.19
N GLY A 50 -8.88 -3.97 -19.06
CA GLY A 50 -9.44 -2.69 -18.70
C GLY A 50 -10.54 -2.81 -17.66
N SER A 51 -10.78 -1.73 -16.93
CA SER A 51 -11.81 -1.72 -15.89
C SER A 51 -12.34 -0.32 -15.68
N SER A 52 -13.67 -0.18 -15.67
CA SER A 52 -14.31 1.11 -15.47
C SER A 52 -14.89 1.22 -14.06
N GLY A 53 -14.27 2.07 -13.23
CA GLY A 53 -14.74 2.25 -11.88
C GLY A 53 -14.84 3.71 -11.49
N SER A 54 -14.83 3.97 -10.18
CA SER A 54 -14.93 5.34 -9.68
C SER A 54 -13.60 5.79 -9.08
N SER A 55 -12.96 6.75 -9.72
CA SER A 55 -11.68 7.27 -9.26
C SER A 55 -11.83 7.94 -7.90
N GLY A 56 -11.01 7.51 -6.93
CA GLY A 56 -11.08 8.08 -5.60
C GLY A 56 -11.05 9.60 -5.62
N ASP A 57 -11.46 10.20 -4.51
CA ASP A 57 -11.48 11.65 -4.40
C ASP A 57 -10.48 12.14 -3.36
N LYS A 58 -10.67 11.71 -2.11
CA LYS A 58 -9.78 12.09 -1.04
C LYS A 58 -8.89 10.92 -0.61
N GLU A 59 -7.78 10.75 -1.32
CA GLU A 59 -6.85 9.66 -1.02
C GLU A 59 -6.00 10.00 0.20
N ARG A 60 -5.48 8.96 0.85
CA ARG A 60 -4.65 9.14 2.04
C ARG A 60 -3.18 9.13 1.67
N HIS A 61 -2.36 9.83 2.47
CA HIS A 61 -0.93 9.89 2.22
C HIS A 61 -0.17 9.00 3.20
N GLY A 62 0.58 8.05 2.66
CA GLY A 62 1.34 7.15 3.50
C GLY A 62 2.80 7.08 3.11
N VAL A 63 3.62 6.50 3.98
CA VAL A 63 5.06 6.38 3.72
C VAL A 63 5.59 5.05 4.24
N ALA A 64 6.37 4.36 3.40
CA ALA A 64 6.96 3.08 3.78
C ALA A 64 8.02 3.25 4.85
N ILE A 65 7.89 2.48 5.93
CA ILE A 65 8.84 2.56 7.04
C ILE A 65 9.75 1.32 7.05
N TYR A 66 9.37 0.31 6.29
CA TYR A 66 10.14 -0.92 6.22
C TYR A 66 10.26 -1.41 4.78
N ASN A 67 11.44 -1.94 4.44
CA ASN A 67 11.68 -2.45 3.10
C ASN A 67 10.89 -3.72 2.84
N PHE A 68 9.77 -3.58 2.11
CA PHE A 68 8.93 -4.73 1.80
C PHE A 68 9.37 -5.39 0.49
N GLN A 69 9.06 -6.67 0.36
CA GLN A 69 9.43 -7.42 -0.85
C GLN A 69 8.26 -8.27 -1.33
N GLY A 70 7.90 -8.10 -2.60
CA GLY A 70 6.80 -8.87 -3.17
C GLY A 70 7.22 -9.68 -4.37
N SER A 71 6.31 -10.52 -4.86
CA SER A 71 6.59 -11.36 -6.02
C SER A 71 5.88 -10.83 -7.26
N GLY A 72 4.66 -10.33 -7.07
CA GLY A 72 3.90 -9.79 -8.18
C GLY A 72 2.46 -9.54 -7.82
N ALA A 73 1.80 -8.65 -8.57
CA ALA A 73 0.41 -8.32 -8.31
C ALA A 73 -0.38 -9.54 -7.87
N PRO A 74 -1.42 -9.32 -7.06
CA PRO A 74 -1.79 -7.98 -6.61
C PRO A 74 -0.77 -7.38 -5.64
N GLN A 75 0.22 -8.18 -5.27
CA GLN A 75 1.26 -7.74 -4.35
C GLN A 75 2.15 -6.67 -5.01
N LEU A 76 2.57 -5.69 -4.22
CA LEU A 76 3.42 -4.62 -4.70
C LEU A 76 4.60 -4.38 -3.77
N SER A 77 5.77 -4.13 -4.35
CA SER A 77 6.97 -3.88 -3.57
C SER A 77 6.99 -2.46 -3.02
N LEU A 78 7.85 -2.22 -2.04
CA LEU A 78 7.96 -0.90 -1.41
C LEU A 78 9.36 -0.68 -0.84
N GLN A 79 9.77 0.57 -0.76
CA GLN A 79 11.09 0.91 -0.23
C GLN A 79 10.97 2.00 0.83
N ILE A 80 11.67 1.81 1.94
CA ILE A 80 11.65 2.78 3.03
C ILE A 80 11.81 4.20 2.51
N GLY A 81 10.96 5.11 3.01
CA GLY A 81 11.02 6.50 2.58
C GLY A 81 10.29 6.73 1.27
N ASP A 82 9.38 5.81 0.94
CA ASP A 82 8.60 5.92 -0.30
C ASP A 82 7.14 6.20 0.01
N VAL A 83 6.51 7.03 -0.82
CA VAL A 83 5.11 7.38 -0.63
C VAL A 83 4.24 6.70 -1.68
N VAL A 84 3.06 6.23 -1.26
CA VAL A 84 2.14 5.56 -2.16
C VAL A 84 0.73 6.15 -2.03
N ARG A 85 0.12 6.46 -3.17
CA ARG A 85 -1.22 7.03 -3.18
C ARG A 85 -2.26 5.98 -2.81
N ILE A 86 -2.73 6.03 -1.56
CA ILE A 86 -3.72 5.08 -1.08
C ILE A 86 -5.09 5.36 -1.69
N GLN A 87 -5.57 4.44 -2.51
CA GLN A 87 -6.87 4.59 -3.15
C GLN A 87 -7.95 3.82 -2.39
N GLU A 88 -7.61 2.60 -1.98
CA GLU A 88 -8.55 1.76 -1.25
C GLU A 88 -7.86 1.07 -0.07
N THR A 89 -8.65 0.38 0.75
CA THR A 89 -8.11 -0.31 1.90
C THR A 89 -8.89 -1.60 2.18
N CYS A 90 -8.21 -2.74 2.05
CA CYS A 90 -8.84 -4.03 2.29
C CYS A 90 -8.23 -4.72 3.50
N GLY A 91 -9.09 -5.17 4.41
CA GLY A 91 -8.62 -5.84 5.61
C GLY A 91 -7.42 -5.15 6.23
N ASP A 92 -6.36 -5.92 6.47
CA ASP A 92 -5.15 -5.37 7.07
C ASP A 92 -4.13 -5.00 5.99
N TRP A 93 -4.63 -4.62 4.82
CA TRP A 93 -3.77 -4.24 3.71
C TRP A 93 -4.32 -3.03 2.97
N TYR A 94 -3.43 -2.19 2.47
CA TYR A 94 -3.83 -0.99 1.74
C TYR A 94 -3.88 -1.25 0.23
N ARG A 95 -4.30 -0.24 -0.52
CA ARG A 95 -4.41 -0.37 -1.97
C ARG A 95 -3.91 0.91 -2.66
N GLY A 96 -2.91 0.75 -3.52
CA GLY A 96 -2.35 1.90 -4.22
C GLY A 96 -1.16 1.53 -5.09
N TYR A 97 -0.33 2.51 -5.40
CA TYR A 97 0.85 2.29 -6.22
C TYR A 97 1.96 3.28 -5.88
N LEU A 98 3.18 2.99 -6.32
CA LEU A 98 4.31 3.84 -6.06
C LEU A 98 4.20 5.14 -6.85
N ILE A 99 4.06 6.26 -6.14
CA ILE A 99 3.95 7.57 -6.78
C ILE A 99 5.19 7.88 -7.60
N LYS A 100 6.35 7.81 -6.96
CA LYS A 100 7.61 8.09 -7.64
C LYS A 100 7.73 7.26 -8.92
N HIS A 101 6.90 6.23 -9.04
CA HIS A 101 6.93 5.37 -10.21
C HIS A 101 5.62 4.59 -10.34
N LYS A 102 4.79 5.02 -11.28
CA LYS A 102 3.49 4.37 -11.51
C LYS A 102 3.65 3.16 -12.42
N MET A 103 4.80 2.50 -12.33
CA MET A 103 5.08 1.33 -13.15
C MET A 103 4.76 0.05 -12.37
N LEU A 104 4.51 0.19 -11.08
CA LEU A 104 4.19 -0.95 -10.22
C LEU A 104 2.99 -0.63 -9.33
N GLN A 105 1.89 -1.34 -9.56
CA GLN A 105 0.68 -1.15 -8.77
C GLN A 105 0.25 -2.44 -8.11
N GLY A 106 -0.27 -2.33 -6.89
CA GLY A 106 -0.71 -3.50 -6.15
C GLY A 106 -1.18 -3.17 -4.75
N ILE A 107 -0.90 -4.06 -3.80
CA ILE A 107 -1.30 -3.85 -2.42
C ILE A 107 -0.12 -4.08 -1.47
N PHE A 108 -0.29 -3.69 -0.22
CA PHE A 108 0.76 -3.85 0.78
C PHE A 108 0.17 -3.79 2.20
N PRO A 109 0.93 -4.31 3.18
CA PRO A 109 0.51 -4.33 4.58
C PRO A 109 0.48 -2.93 5.19
N LYS A 110 -0.58 -2.62 5.92
CA LYS A 110 -0.72 -1.31 6.56
C LYS A 110 0.32 -1.14 7.67
N SER A 111 0.80 -2.26 8.21
CA SER A 111 1.80 -2.22 9.27
C SER A 111 3.13 -1.70 8.74
N PHE A 112 3.24 -1.58 7.42
CA PHE A 112 4.46 -1.10 6.79
C PHE A 112 4.28 0.34 6.30
N ILE A 113 3.03 0.75 6.12
CA ILE A 113 2.72 2.10 5.66
C ILE A 113 2.46 3.03 6.84
N HIS A 114 3.08 4.21 6.79
CA HIS A 114 2.92 5.20 7.86
C HIS A 114 1.99 6.33 7.41
N ILE A 115 0.75 6.30 7.87
CA ILE A 115 -0.22 7.32 7.52
C ILE A 115 0.17 8.67 8.10
N LYS A 116 0.69 9.55 7.24
CA LYS A 116 1.11 10.88 7.67
C LYS A 116 -0.03 11.88 7.50
N GLU A 117 -0.88 11.99 8.53
CA GLU A 117 -2.01 12.92 8.49
C GLU A 117 -1.67 14.22 9.21
N VAL A 118 -0.54 14.81 8.85
CA VAL A 118 -0.10 16.06 9.46
C VAL A 118 -0.91 17.24 8.95
N THR A 119 -0.84 17.47 7.63
CA THR A 119 -1.56 18.57 7.02
C THR A 119 -3.06 18.47 7.30
N GLY A 1 18.99 -18.31 27.95
CA GLY A 1 19.58 -18.83 26.74
C GLY A 1 20.23 -17.75 25.89
N SER A 2 21.15 -18.14 25.02
CA SER A 2 21.85 -17.19 24.16
C SER A 2 22.52 -17.92 23.00
N SER A 3 22.72 -17.20 21.90
CA SER A 3 23.36 -17.76 20.72
C SER A 3 24.63 -17.00 20.36
N GLY A 4 24.58 -15.68 20.50
CA GLY A 4 25.73 -14.86 20.19
C GLY A 4 25.37 -13.40 20.00
N SER A 5 26.38 -12.56 19.76
CA SER A 5 26.16 -11.14 19.56
C SER A 5 26.07 -10.80 18.08
N SER A 6 24.88 -10.99 17.50
CA SER A 6 24.67 -10.70 16.09
C SER A 6 25.49 -9.49 15.65
N GLY A 7 25.37 -8.40 16.40
CA GLY A 7 26.10 -7.19 16.07
C GLY A 7 25.65 -6.00 16.90
N ARG A 8 26.40 -4.91 16.81
CA ARG A 8 26.07 -3.70 17.55
C ARG A 8 24.57 -3.43 17.53
N LEU A 9 24.07 -2.80 18.58
CA LEU A 9 22.64 -2.49 18.69
C LEU A 9 22.43 -1.15 19.37
N LEU A 10 21.76 -0.23 18.66
CA LEU A 10 21.48 1.09 19.21
C LEU A 10 19.99 1.27 19.48
N ASP A 11 19.63 2.44 20.01
CA ASP A 11 18.23 2.74 20.30
C ASP A 11 18.05 4.22 20.59
N LEU A 12 17.39 4.91 19.66
CA LEU A 12 17.15 6.35 19.80
C LEU A 12 15.99 6.61 20.77
N GLU A 13 14.87 5.94 20.52
CA GLU A 13 13.69 6.10 21.37
C GLU A 13 13.11 7.51 21.24
N ASN A 14 13.00 7.98 20.01
CA ASN A 14 12.46 9.32 19.75
C ASN A 14 11.03 9.24 19.22
N ILE A 15 10.75 8.18 18.47
CA ILE A 15 9.42 7.98 17.90
C ILE A 15 8.76 6.74 18.47
N GLN A 16 7.45 6.62 18.26
CA GLN A 16 6.70 5.47 18.76
C GLN A 16 6.85 4.28 17.82
N ILE A 17 8.07 4.04 17.36
CA ILE A 17 8.34 2.92 16.46
C ILE A 17 9.09 1.82 17.17
N PRO A 18 8.71 0.56 16.90
CA PRO A 18 9.34 -0.61 17.50
C PRO A 18 10.76 -0.84 16.97
N ASP A 19 11.49 -1.73 17.63
CA ASP A 19 12.85 -2.04 17.24
C ASP A 19 12.88 -2.81 15.91
N ALA A 20 11.91 -3.70 15.73
CA ALA A 20 11.82 -4.49 14.52
C ALA A 20 10.37 -4.64 14.07
N PRO A 21 10.16 -4.74 12.74
CA PRO A 21 8.83 -4.88 12.16
C PRO A 21 8.22 -6.24 12.45
N PRO A 22 6.89 -6.27 12.67
CA PRO A 22 6.15 -7.49 12.96
C PRO A 22 6.07 -8.41 11.74
N PRO A 23 5.59 -9.66 11.97
CA PRO A 23 5.44 -10.65 10.92
C PRO A 23 4.33 -10.30 9.93
N ILE A 24 4.71 -9.90 8.73
CA ILE A 24 3.75 -9.55 7.69
C ILE A 24 2.49 -10.40 7.79
N PRO A 25 1.32 -9.76 7.62
CA PRO A 25 0.03 -10.45 7.68
C PRO A 25 -0.19 -11.38 6.50
N LYS A 26 -0.36 -12.67 6.78
CA LYS A 26 -0.58 -13.67 5.74
C LYS A 26 -1.41 -13.09 4.61
N GLU A 27 -1.03 -13.42 3.37
CA GLU A 27 -1.73 -12.94 2.20
C GLU A 27 -3.25 -13.04 2.39
N PRO A 28 -3.97 -12.05 1.87
CA PRO A 28 -5.44 -12.00 1.97
C PRO A 28 -6.11 -13.07 1.11
N SER A 29 -7.27 -13.54 1.53
CA SER A 29 -8.01 -14.56 0.81
C SER A 29 -8.41 -14.05 -0.58
N ASN A 30 -9.14 -14.88 -1.32
CA ASN A 30 -9.58 -14.51 -2.65
C ASN A 30 -10.01 -13.05 -2.71
N TYR A 31 -9.11 -12.19 -3.20
CA TYR A 31 -9.38 -10.77 -3.31
C TYR A 31 -10.84 -10.52 -3.70
N ASP A 32 -11.44 -9.53 -3.08
CA ASP A 32 -12.83 -9.18 -3.38
C ASP A 32 -13.03 -8.92 -4.86
N PHE A 33 -12.15 -8.10 -5.44
CA PHE A 33 -12.22 -7.78 -6.87
C PHE A 33 -11.57 -8.86 -7.71
N SER A 34 -12.34 -9.88 -8.07
CA SER A 34 -11.83 -10.99 -8.87
C SER A 34 -12.03 -10.71 -10.36
N GLY A 35 -13.28 -10.53 -10.76
CA GLY A 35 -13.58 -10.26 -12.15
C GLY A 35 -14.67 -11.16 -12.70
N PRO A 36 -15.35 -10.71 -13.76
CA PRO A 36 -16.43 -11.48 -14.39
C PRO A 36 -15.90 -12.70 -15.13
N SER A 37 -14.84 -12.52 -15.91
CA SER A 37 -14.25 -13.61 -16.67
C SER A 37 -12.95 -13.16 -17.34
N SER A 38 -11.83 -13.66 -16.83
CA SER A 38 -10.52 -13.32 -17.38
C SER A 38 -9.69 -14.57 -17.64
N GLY A 39 -8.62 -14.41 -18.42
CA GLY A 39 -7.78 -15.54 -18.74
C GLY A 39 -6.31 -15.14 -18.86
N ILE A 40 -5.54 -15.41 -17.80
CA ILE A 40 -4.12 -15.08 -17.80
C ILE A 40 -3.31 -16.12 -18.56
N GLU A 41 -3.96 -17.22 -18.94
CA GLU A 41 -3.30 -18.28 -19.67
C GLU A 41 -2.08 -18.81 -18.89
N GLY A 42 -2.26 -19.01 -17.59
CA GLY A 42 -1.18 -19.49 -16.76
C GLY A 42 0.00 -18.52 -16.71
N ARG A 43 1.19 -19.03 -16.99
CA ARG A 43 2.39 -18.20 -16.98
C ARG A 43 2.63 -17.57 -18.34
N GLY A 44 3.15 -16.34 -18.33
CA GLY A 44 3.42 -15.64 -19.58
C GLY A 44 3.84 -14.20 -19.35
N SER A 45 2.95 -13.27 -19.67
CA SER A 45 3.24 -11.84 -19.51
C SER A 45 1.97 -11.07 -19.17
N SER A 46 2.14 -9.91 -18.56
CA SER A 46 1.01 -9.07 -18.17
C SER A 46 0.94 -7.82 -19.04
N GLY A 47 -0.25 -7.26 -19.17
CA GLY A 47 -0.42 -6.06 -19.98
C GLY A 47 -1.84 -5.94 -20.53
N SER A 48 -1.94 -5.82 -21.85
CA SER A 48 -3.23 -5.69 -22.51
C SER A 48 -4.16 -4.79 -21.71
N SER A 49 -3.62 -3.65 -21.27
CA SER A 49 -4.40 -2.69 -20.49
C SER A 49 -5.61 -2.20 -21.28
N GLY A 50 -6.67 -1.81 -20.57
CA GLY A 50 -7.87 -1.33 -21.21
C GLY A 50 -8.81 -0.66 -20.25
N SER A 51 -9.01 -1.28 -19.09
CA SER A 51 -9.92 -0.75 -18.07
C SER A 51 -9.48 0.66 -17.66
N SER A 52 -10.36 1.63 -17.88
CA SER A 52 -10.07 3.02 -17.53
C SER A 52 -10.30 3.26 -16.04
N GLY A 53 -9.95 4.46 -15.59
CA GLY A 53 -10.12 4.80 -14.19
C GLY A 53 -11.42 5.51 -13.92
N SER A 54 -11.33 6.75 -13.46
CA SER A 54 -12.52 7.55 -13.16
C SER A 54 -13.32 6.92 -12.02
N SER A 55 -12.61 6.44 -11.00
CA SER A 55 -13.25 5.80 -9.85
C SER A 55 -13.70 6.86 -8.84
N GLY A 56 -12.75 7.70 -8.41
CA GLY A 56 -13.07 8.74 -7.45
C GLY A 56 -11.84 9.47 -6.96
N ASP A 57 -12.02 10.71 -6.53
CA ASP A 57 -10.92 11.53 -6.04
C ASP A 57 -10.77 11.38 -4.53
N LYS A 58 -10.86 10.16 -4.05
CA LYS A 58 -10.73 9.88 -2.62
C LYS A 58 -9.49 9.04 -2.34
N GLU A 59 -8.33 9.68 -2.37
CA GLU A 59 -7.07 8.99 -2.11
C GLU A 59 -6.47 9.42 -0.78
N ARG A 60 -5.63 8.56 -0.22
CA ARG A 60 -4.98 8.85 1.07
C ARG A 60 -3.47 8.89 0.92
N HIS A 61 -2.83 9.78 1.66
CA HIS A 61 -1.38 9.93 1.61
C HIS A 61 -0.71 9.05 2.68
N GLY A 62 0.24 8.23 2.24
CA GLY A 62 0.94 7.36 3.17
C GLY A 62 2.44 7.37 2.95
N VAL A 63 3.18 6.74 3.87
CA VAL A 63 4.63 6.67 3.77
C VAL A 63 5.16 5.34 4.29
N ALA A 64 6.00 4.69 3.49
CA ALA A 64 6.58 3.41 3.87
C ALA A 64 7.58 3.57 4.99
N ILE A 65 7.40 2.80 6.06
CA ILE A 65 8.29 2.85 7.21
C ILE A 65 9.19 1.62 7.28
N TYR A 66 8.65 0.48 6.83
CA TYR A 66 9.40 -0.76 6.84
C TYR A 66 9.66 -1.26 5.42
N ASN A 67 10.91 -1.54 5.11
CA ASN A 67 11.30 -2.02 3.79
C ASN A 67 10.55 -3.31 3.44
N PHE A 68 9.70 -3.25 2.42
CA PHE A 68 8.93 -4.41 2.00
C PHE A 68 9.48 -4.98 0.70
N GLN A 69 9.62 -6.30 0.64
CA GLN A 69 10.13 -6.97 -0.55
C GLN A 69 9.10 -7.91 -1.14
N GLY A 70 8.69 -7.64 -2.38
CA GLY A 70 7.70 -8.48 -3.03
C GLY A 70 8.28 -9.29 -4.17
N SER A 71 7.48 -10.17 -4.74
CA SER A 71 7.93 -11.02 -5.85
C SER A 71 7.27 -10.60 -7.15
N GLY A 72 5.97 -10.33 -7.10
CA GLY A 72 5.24 -9.92 -8.28
C GLY A 72 3.77 -9.71 -8.01
N ALA A 73 3.14 -8.84 -8.80
CA ALA A 73 1.72 -8.55 -8.64
C ALA A 73 0.95 -9.80 -8.24
N PRO A 74 -0.17 -9.61 -7.52
CA PRO A 74 -0.64 -8.27 -7.13
C PRO A 74 0.27 -7.63 -6.09
N GLN A 75 1.24 -8.38 -5.61
CA GLN A 75 2.17 -7.88 -4.60
C GLN A 75 3.09 -6.83 -5.19
N LEU A 76 3.33 -5.76 -4.44
CA LEU A 76 4.19 -4.67 -4.89
C LEU A 76 5.25 -4.35 -3.85
N SER A 77 6.46 -4.04 -4.32
CA SER A 77 7.56 -3.72 -3.44
C SER A 77 7.47 -2.28 -2.94
N LEU A 78 8.17 -1.98 -1.84
CA LEU A 78 8.17 -0.64 -1.27
C LEU A 78 9.50 -0.34 -0.59
N GLN A 79 9.82 0.94 -0.48
CA GLN A 79 11.05 1.37 0.14
C GLN A 79 10.79 2.44 1.20
N ILE A 80 11.43 2.28 2.37
CA ILE A 80 11.26 3.24 3.46
C ILE A 80 11.42 4.67 2.96
N GLY A 81 10.52 5.54 3.38
CA GLY A 81 10.58 6.94 2.97
C GLY A 81 9.92 7.18 1.63
N ASP A 82 9.12 6.22 1.19
CA ASP A 82 8.43 6.34 -0.09
C ASP A 82 6.92 6.48 0.12
N VAL A 83 6.32 7.47 -0.53
CA VAL A 83 4.89 7.72 -0.41
C VAL A 83 4.13 7.06 -1.56
N VAL A 84 2.98 6.48 -1.24
CA VAL A 84 2.15 5.81 -2.23
C VAL A 84 0.72 6.33 -2.19
N ARG A 85 0.14 6.52 -3.38
CA ARG A 85 -1.24 7.02 -3.48
C ARG A 85 -2.24 5.91 -3.17
N ILE A 86 -2.91 6.02 -2.02
CA ILE A 86 -3.90 5.03 -1.62
C ILE A 86 -5.23 5.26 -2.32
N GLN A 87 -5.75 4.20 -2.95
CA GLN A 87 -7.02 4.29 -3.66
C GLN A 87 -8.07 3.40 -3.00
N GLU A 88 -7.64 2.25 -2.49
CA GLU A 88 -8.54 1.31 -1.83
C GLU A 88 -7.84 0.59 -0.69
N THR A 89 -8.62 0.21 0.32
CA THR A 89 -8.08 -0.49 1.48
C THR A 89 -8.93 -1.70 1.84
N CYS A 90 -8.30 -2.87 1.85
CA CYS A 90 -9.00 -4.11 2.19
C CYS A 90 -8.30 -4.85 3.33
N GLY A 91 -9.08 -5.37 4.26
CA GLY A 91 -8.53 -6.09 5.38
C GLY A 91 -7.29 -5.40 5.96
N ASP A 92 -6.17 -6.10 5.90
CA ASP A 92 -4.91 -5.55 6.42
C ASP A 92 -3.94 -5.27 5.28
N TRP A 93 -4.46 -4.75 4.18
CA TRP A 93 -3.64 -4.43 3.02
C TRP A 93 -4.15 -3.18 2.31
N TYR A 94 -3.23 -2.31 1.91
CA TYR A 94 -3.60 -1.08 1.22
C TYR A 94 -3.53 -1.26 -0.29
N ARG A 95 -4.26 -0.41 -1.02
CA ARG A 95 -4.29 -0.48 -2.47
C ARG A 95 -3.81 0.83 -3.08
N GLY A 96 -2.93 0.74 -4.08
CA GLY A 96 -2.41 1.92 -4.73
C GLY A 96 -1.18 1.63 -5.56
N TYR A 97 -0.29 2.61 -5.66
CA TYR A 97 0.94 2.47 -6.43
C TYR A 97 2.02 3.41 -5.92
N LEU A 98 3.20 3.33 -6.52
CA LEU A 98 4.32 4.18 -6.14
C LEU A 98 4.25 5.53 -6.86
N ILE A 99 4.02 6.59 -6.10
CA ILE A 99 3.93 7.93 -6.66
C ILE A 99 5.19 8.28 -7.45
N LYS A 100 6.34 7.94 -6.89
CA LYS A 100 7.62 8.21 -7.54
C LYS A 100 7.80 7.34 -8.78
N HIS A 101 7.27 6.11 -8.72
CA HIS A 101 7.37 5.19 -9.83
C HIS A 101 6.04 4.50 -10.08
N LYS A 102 5.08 5.24 -10.65
CA LYS A 102 3.77 4.70 -10.94
C LYS A 102 3.87 3.33 -11.61
N MET A 103 4.90 3.17 -12.44
CA MET A 103 5.11 1.91 -13.14
C MET A 103 4.89 0.71 -12.21
N LEU A 104 5.02 0.95 -10.92
CA LEU A 104 4.83 -0.10 -9.92
C LEU A 104 3.48 0.04 -9.23
N GLN A 105 2.62 -0.95 -9.41
CA GLN A 105 1.30 -0.94 -8.81
C GLN A 105 0.95 -2.32 -8.24
N GLY A 106 0.41 -2.32 -7.03
CA GLY A 106 0.04 -3.57 -6.39
C GLY A 106 -0.56 -3.37 -5.01
N ILE A 107 -0.25 -4.29 -4.09
CA ILE A 107 -0.76 -4.20 -2.73
C ILE A 107 0.37 -4.32 -1.71
N PHE A 108 0.14 -3.79 -0.52
CA PHE A 108 1.13 -3.84 0.55
C PHE A 108 0.47 -3.83 1.92
N PRO A 109 1.21 -4.27 2.95
CA PRO A 109 0.71 -4.32 4.33
C PRO A 109 0.54 -2.94 4.93
N LYS A 110 -0.63 -2.70 5.52
CA LYS A 110 -0.92 -1.41 6.13
C LYS A 110 0.08 -1.10 7.25
N SER A 111 0.49 -2.14 7.98
CA SER A 111 1.43 -1.98 9.07
C SER A 111 2.74 -1.39 8.57
N PHE A 112 2.90 -1.34 7.26
CA PHE A 112 4.11 -0.81 6.64
C PHE A 112 3.88 0.61 6.12
N ILE A 113 2.62 0.94 5.83
CA ILE A 113 2.27 2.26 5.33
C ILE A 113 1.84 3.18 6.47
N HIS A 114 2.40 4.38 6.50
CA HIS A 114 2.06 5.35 7.53
C HIS A 114 1.18 6.45 6.96
N ILE A 115 -0.08 6.47 7.39
CA ILE A 115 -1.03 7.47 6.93
C ILE A 115 -0.64 8.86 7.41
N LYS A 116 -0.39 9.76 6.45
CA LYS A 116 0.00 11.13 6.78
C LYS A 116 -1.22 11.97 7.16
N GLU A 117 -2.08 11.39 7.99
CA GLU A 117 -3.29 12.07 8.44
C GLU A 117 -2.96 13.11 9.52
N VAL A 118 -2.13 14.09 9.15
CA VAL A 118 -1.74 15.14 10.08
C VAL A 118 -2.74 16.29 10.06
N THR A 119 -3.67 16.25 9.11
CA THR A 119 -4.67 17.30 8.99
C THR A 119 -6.08 16.73 9.22
N GLY A 1 33.34 1.66 16.98
CA GLY A 1 32.11 1.87 17.71
C GLY A 1 32.28 2.82 18.87
N SER A 2 31.35 3.76 19.02
CA SER A 2 31.41 4.73 20.10
C SER A 2 30.02 5.00 20.68
N SER A 3 29.97 5.33 21.95
CA SER A 3 28.70 5.60 22.62
C SER A 3 28.20 7.00 22.29
N GLY A 4 27.00 7.32 22.77
CA GLY A 4 26.42 8.63 22.51
C GLY A 4 24.99 8.74 23.00
N SER A 5 24.84 8.97 24.30
CA SER A 5 23.52 9.10 24.90
C SER A 5 23.62 9.50 26.36
N SER A 6 22.57 10.14 26.88
CA SER A 6 22.54 10.58 28.27
C SER A 6 21.26 10.15 28.95
N GLY A 7 21.29 8.95 29.54
CA GLY A 7 20.11 8.43 30.22
C GLY A 7 19.01 8.04 29.26
N ARG A 8 18.19 7.08 29.66
CA ARG A 8 17.08 6.62 28.82
C ARG A 8 15.74 7.12 29.37
N LEU A 9 15.75 8.32 29.94
CA LEU A 9 14.55 8.90 30.50
C LEU A 9 14.11 10.12 29.70
N LEU A 10 14.12 9.99 28.38
CA LEU A 10 13.72 11.08 27.50
C LEU A 10 12.21 11.09 27.30
N ASP A 11 11.72 12.14 26.64
CA ASP A 11 10.29 12.26 26.38
C ASP A 11 9.88 11.46 25.15
N LEU A 12 10.21 11.98 23.96
CA LEU A 12 9.89 11.31 22.71
C LEU A 12 8.52 10.62 22.81
N GLU A 13 7.51 11.37 23.23
CA GLU A 13 6.17 10.83 23.36
C GLU A 13 5.30 11.21 22.15
N ASN A 14 5.88 11.12 20.97
CA ASN A 14 5.16 11.45 19.74
C ASN A 14 5.08 10.25 18.81
N ILE A 15 6.24 9.76 18.37
CA ILE A 15 6.30 8.61 17.48
C ILE A 15 6.01 7.32 18.23
N GLN A 16 5.36 6.38 17.54
CA GLN A 16 5.02 5.09 18.14
C GLN A 16 5.53 3.94 17.30
N ILE A 17 6.83 3.97 16.98
CA ILE A 17 7.44 2.93 16.17
C ILE A 17 8.32 2.01 17.03
N PRO A 18 8.24 0.70 16.76
CA PRO A 18 9.01 -0.30 17.49
C PRO A 18 10.50 -0.22 17.18
N ASP A 19 11.27 -1.17 17.72
CA ASP A 19 12.71 -1.20 17.50
C ASP A 19 13.03 -1.79 16.13
N ALA A 20 12.34 -2.87 15.79
CA ALA A 20 12.56 -3.54 14.50
C ALA A 20 11.24 -3.81 13.80
N PRO A 21 11.31 -4.18 12.51
CA PRO A 21 10.13 -4.47 11.69
C PRO A 21 9.44 -5.75 12.12
N PRO A 22 8.12 -5.65 12.38
CA PRO A 22 7.31 -6.80 12.81
C PRO A 22 7.12 -7.81 11.69
N PRO A 23 6.60 -9.00 12.04
CA PRO A 23 6.35 -10.08 11.08
C PRO A 23 5.20 -9.76 10.13
N ILE A 24 5.44 -9.93 8.84
CA ILE A 24 4.42 -9.66 7.83
C ILE A 24 3.25 -10.62 7.96
N PRO A 25 2.03 -10.08 7.82
CA PRO A 25 0.79 -10.88 7.91
C PRO A 25 0.63 -11.83 6.74
N LYS A 26 -0.43 -12.63 6.77
CA LYS A 26 -0.71 -13.59 5.71
C LYS A 26 -1.47 -12.93 4.56
N GLU A 27 -1.03 -13.19 3.34
CA GLU A 27 -1.67 -12.61 2.16
C GLU A 27 -3.18 -12.50 2.36
N PRO A 28 -3.79 -11.49 1.71
CA PRO A 28 -5.24 -11.26 1.81
C PRO A 28 -6.05 -12.34 1.12
N SER A 29 -7.25 -12.60 1.65
CA SER A 29 -8.12 -13.62 1.08
C SER A 29 -8.40 -13.34 -0.39
N ASN A 30 -9.26 -14.15 -0.99
CA ASN A 30 -9.60 -14.01 -2.40
C ASN A 30 -9.79 -12.53 -2.75
N TYR A 31 -9.24 -12.14 -3.91
CA TYR A 31 -9.35 -10.75 -4.36
C TYR A 31 -10.69 -10.50 -5.04
N ASP A 32 -11.26 -9.33 -4.78
CA ASP A 32 -12.54 -8.96 -5.37
C ASP A 32 -12.39 -8.63 -6.85
N PHE A 33 -11.57 -7.63 -7.16
CA PHE A 33 -11.34 -7.22 -8.53
C PHE A 33 -10.91 -8.40 -9.39
N SER A 34 -11.74 -8.75 -10.37
CA SER A 34 -11.45 -9.87 -11.26
C SER A 34 -11.39 -9.41 -12.70
N GLY A 35 -10.25 -9.64 -13.34
CA GLY A 35 -10.08 -9.25 -14.73
C GLY A 35 -10.11 -7.74 -14.92
N PRO A 36 -9.34 -7.24 -15.89
CA PRO A 36 -9.27 -5.80 -16.18
C PRO A 36 -10.56 -5.27 -16.79
N SER A 37 -11.29 -6.14 -17.48
CA SER A 37 -12.55 -5.75 -18.12
C SER A 37 -13.52 -6.94 -18.17
N SER A 38 -14.80 -6.63 -18.17
CA SER A 38 -15.84 -7.66 -18.21
C SER A 38 -15.40 -8.82 -19.12
N GLY A 39 -14.85 -8.48 -20.27
CA GLY A 39 -14.40 -9.49 -21.21
C GLY A 39 -12.93 -9.79 -21.08
N ILE A 40 -12.58 -11.07 -21.06
CA ILE A 40 -11.19 -11.49 -20.93
C ILE A 40 -10.86 -12.62 -21.90
N GLU A 41 -9.63 -12.64 -22.39
CA GLU A 41 -9.20 -13.67 -23.33
C GLU A 41 -8.32 -14.71 -22.63
N GLY A 42 -7.41 -14.24 -21.79
CA GLY A 42 -6.52 -15.14 -21.07
C GLY A 42 -5.76 -14.44 -19.97
N ARG A 43 -4.47 -14.75 -19.84
CA ARG A 43 -3.63 -14.15 -18.81
C ARG A 43 -3.54 -12.64 -19.01
N GLY A 44 -3.09 -12.23 -20.19
CA GLY A 44 -2.95 -10.82 -20.48
C GLY A 44 -1.83 -10.52 -21.45
N SER A 45 -2.11 -9.72 -22.47
CA SER A 45 -1.11 -9.37 -23.47
C SER A 45 -0.37 -8.09 -23.08
N SER A 46 0.21 -8.09 -21.89
CA SER A 46 0.94 -6.94 -21.40
C SER A 46 0.18 -5.64 -21.69
N GLY A 47 -1.12 -5.67 -21.47
CA GLY A 47 -1.94 -4.50 -21.72
C GLY A 47 -1.28 -3.22 -21.24
N SER A 48 -1.11 -2.27 -22.15
CA SER A 48 -0.48 -0.99 -21.82
C SER A 48 -1.52 0.01 -21.32
N SER A 49 -2.56 0.21 -22.12
CA SER A 49 -3.63 1.13 -21.76
C SER A 49 -4.82 0.40 -21.15
N GLY A 50 -5.68 1.15 -20.47
CA GLY A 50 -6.85 0.55 -19.84
C GLY A 50 -7.09 1.09 -18.44
N SER A 51 -7.04 2.41 -18.30
CA SER A 51 -7.26 3.04 -17.01
C SER A 51 -7.53 4.54 -17.18
N SER A 52 -8.74 4.95 -16.83
CA SER A 52 -9.12 6.35 -16.94
C SER A 52 -10.33 6.66 -16.05
N GLY A 53 -10.31 7.84 -15.43
CA GLY A 53 -11.41 8.23 -14.56
C GLY A 53 -10.92 8.84 -13.26
N SER A 54 -9.89 8.23 -12.67
CA SER A 54 -9.33 8.72 -11.41
C SER A 54 -8.51 9.97 -11.64
N SER A 55 -9.01 11.11 -11.17
CA SER A 55 -8.32 12.39 -11.33
C SER A 55 -8.84 13.41 -10.33
N GLY A 56 -7.94 13.92 -9.50
CA GLY A 56 -8.32 14.91 -8.50
C GLY A 56 -9.32 14.36 -7.50
N ASP A 57 -8.88 13.41 -6.69
CA ASP A 57 -9.74 12.81 -5.68
C ASP A 57 -9.04 12.75 -4.32
N LYS A 58 -9.75 13.18 -3.29
CA LYS A 58 -9.20 13.19 -1.93
C LYS A 58 -8.89 11.77 -1.47
N GLU A 59 -7.62 11.37 -1.64
CA GLU A 59 -7.20 10.04 -1.24
C GLU A 59 -6.37 10.10 0.05
N ARG A 60 -5.92 8.94 0.51
CA ARG A 60 -5.12 8.86 1.73
C ARG A 60 -3.63 8.90 1.41
N HIS A 61 -2.88 9.64 2.22
CA HIS A 61 -1.44 9.77 2.03
C HIS A 61 -0.69 8.88 3.01
N GLY A 62 0.06 7.92 2.47
CA GLY A 62 0.83 7.02 3.32
C GLY A 62 2.31 7.03 2.99
N VAL A 63 3.12 6.46 3.88
CA VAL A 63 4.56 6.41 3.69
C VAL A 63 5.14 5.11 4.22
N ALA A 64 6.02 4.50 3.43
CA ALA A 64 6.66 3.25 3.82
C ALA A 64 7.62 3.47 4.98
N ILE A 65 7.52 2.61 6.00
CA ILE A 65 8.38 2.71 7.17
C ILE A 65 9.37 1.54 7.24
N TYR A 66 9.09 0.50 6.44
CA TYR A 66 9.94 -0.68 6.40
C TYR A 66 10.10 -1.20 4.98
N ASN A 67 11.31 -1.62 4.64
CA ASN A 67 11.59 -2.14 3.31
C ASN A 67 10.86 -3.45 3.06
N PHE A 68 9.78 -3.38 2.29
CA PHE A 68 8.98 -4.56 1.98
C PHE A 68 9.48 -5.23 0.71
N GLN A 69 9.48 -6.56 0.72
CA GLN A 69 9.95 -7.33 -0.44
C GLN A 69 8.92 -8.40 -0.82
N GLY A 70 8.27 -8.20 -1.96
CA GLY A 70 7.28 -9.16 -2.41
C GLY A 70 7.80 -10.06 -3.51
N SER A 71 6.89 -10.62 -4.31
CA SER A 71 7.28 -11.51 -5.40
C SER A 71 6.66 -11.06 -6.71
N GLY A 72 5.36 -10.74 -6.67
CA GLY A 72 4.67 -10.30 -7.86
C GLY A 72 3.21 -9.97 -7.61
N ALA A 73 2.62 -9.16 -8.48
CA ALA A 73 1.22 -8.78 -8.34
C ALA A 73 0.37 -9.96 -7.88
N PRO A 74 -0.77 -9.65 -7.23
CA PRO A 74 -1.17 -8.27 -6.97
C PRO A 74 -0.29 -7.58 -5.95
N GLN A 75 0.67 -8.33 -5.40
CA GLN A 75 1.59 -7.79 -4.41
C GLN A 75 2.53 -6.75 -5.03
N LEU A 76 2.87 -5.73 -4.26
CA LEU A 76 3.76 -4.68 -4.73
C LEU A 76 4.88 -4.42 -3.72
N SER A 77 6.06 -4.10 -4.22
CA SER A 77 7.21 -3.83 -3.38
C SER A 77 7.18 -2.38 -2.87
N LEU A 78 7.90 -2.13 -1.79
CA LEU A 78 7.95 -0.79 -1.21
C LEU A 78 9.34 -0.50 -0.62
N GLN A 79 9.70 0.77 -0.55
CA GLN A 79 10.98 1.17 0.01
C GLN A 79 10.81 2.25 1.06
N ILE A 80 11.47 2.07 2.20
CA ILE A 80 11.39 3.04 3.29
C ILE A 80 11.55 4.46 2.78
N GLY A 81 10.66 5.35 3.20
CA GLY A 81 10.71 6.73 2.78
C GLY A 81 10.00 6.96 1.46
N ASP A 82 9.14 6.01 1.07
CA ASP A 82 8.40 6.12 -0.18
C ASP A 82 6.91 6.32 0.09
N VAL A 83 6.31 7.28 -0.60
CA VAL A 83 4.89 7.55 -0.43
C VAL A 83 4.07 6.90 -1.54
N VAL A 84 2.95 6.28 -1.15
CA VAL A 84 2.08 5.61 -2.11
C VAL A 84 0.66 6.15 -2.01
N ARG A 85 0.02 6.32 -3.17
CA ARG A 85 -1.35 6.83 -3.21
C ARG A 85 -2.35 5.72 -2.92
N ILE A 86 -2.87 5.70 -1.69
CA ILE A 86 -3.85 4.70 -1.29
C ILE A 86 -5.17 4.89 -2.01
N GLN A 87 -5.55 3.91 -2.83
CA GLN A 87 -6.79 3.97 -3.57
C GLN A 87 -7.87 3.12 -2.91
N GLU A 88 -7.46 1.99 -2.33
CA GLU A 88 -8.38 1.08 -1.67
C GLU A 88 -7.70 0.37 -0.50
N THR A 89 -8.49 -0.38 0.26
CA THR A 89 -7.97 -1.12 1.40
C THR A 89 -8.64 -2.49 1.53
N CYS A 90 -7.85 -3.54 1.40
CA CYS A 90 -8.37 -4.91 1.50
C CYS A 90 -7.89 -5.57 2.78
N GLY A 91 -8.82 -5.74 3.74
CA GLY A 91 -8.46 -6.37 5.00
C GLY A 91 -7.20 -5.79 5.61
N ASP A 92 -6.25 -6.65 5.92
CA ASP A 92 -4.99 -6.24 6.51
C ASP A 92 -3.96 -5.92 5.42
N TRP A 93 -4.41 -5.24 4.37
CA TRP A 93 -3.53 -4.89 3.26
C TRP A 93 -4.07 -3.68 2.51
N TYR A 94 -3.19 -2.74 2.18
CA TYR A 94 -3.57 -1.53 1.47
C TYR A 94 -3.40 -1.72 -0.04
N ARG A 95 -4.03 -0.84 -0.82
CA ARG A 95 -3.94 -0.90 -2.27
C ARG A 95 -3.45 0.42 -2.84
N GLY A 96 -2.96 0.38 -4.08
CA GLY A 96 -2.46 1.58 -4.72
C GLY A 96 -1.21 1.33 -5.53
N TYR A 97 -0.36 2.34 -5.64
CA TYR A 97 0.88 2.22 -6.40
C TYR A 97 1.91 3.25 -5.93
N LEU A 98 3.13 3.15 -6.46
CA LEU A 98 4.19 4.08 -6.11
C LEU A 98 4.02 5.41 -6.83
N ILE A 99 3.79 6.46 -6.07
CA ILE A 99 3.62 7.79 -6.63
C ILE A 99 4.85 8.22 -7.43
N LYS A 100 6.02 7.97 -6.87
CA LYS A 100 7.28 8.32 -7.52
C LYS A 100 7.49 7.47 -8.78
N HIS A 101 6.69 6.43 -8.92
CA HIS A 101 6.79 5.54 -10.08
C HIS A 101 5.48 4.78 -10.29
N LYS A 102 4.72 5.20 -11.30
CA LYS A 102 3.46 4.56 -11.62
C LYS A 102 3.66 3.31 -12.47
N MET A 103 4.92 2.92 -12.64
CA MET A 103 5.27 1.74 -13.42
C MET A 103 5.04 0.47 -12.61
N LEU A 104 4.78 0.63 -11.32
CA LEU A 104 4.55 -0.50 -10.44
C LEU A 104 3.30 -0.28 -9.58
N GLN A 105 2.42 -1.29 -9.56
CA GLN A 105 1.19 -1.20 -8.78
C GLN A 105 0.84 -2.55 -8.17
N GLY A 106 0.15 -2.52 -7.04
CA GLY A 106 -0.23 -3.75 -6.37
C GLY A 106 -0.77 -3.51 -4.97
N ILE A 107 -0.47 -4.43 -4.06
CA ILE A 107 -0.92 -4.32 -2.68
C ILE A 107 0.25 -4.39 -1.71
N PHE A 108 0.08 -3.80 -0.53
CA PHE A 108 1.13 -3.80 0.49
C PHE A 108 0.52 -3.89 1.89
N PRO A 109 1.34 -4.31 2.86
CA PRO A 109 0.91 -4.43 4.25
C PRO A 109 0.66 -3.08 4.92
N LYS A 110 -0.37 -3.02 5.74
CA LYS A 110 -0.71 -1.78 6.44
C LYS A 110 0.29 -1.49 7.56
N SER A 111 1.00 -2.51 8.00
CA SER A 111 1.99 -2.37 9.06
C SER A 111 3.25 -1.70 8.53
N PHE A 112 3.29 -1.48 7.22
CA PHE A 112 4.44 -0.84 6.59
C PHE A 112 4.08 0.55 6.07
N ILE A 113 2.79 0.85 6.05
CA ILE A 113 2.31 2.14 5.58
C ILE A 113 1.98 3.06 6.75
N HIS A 114 2.43 4.31 6.67
CA HIS A 114 2.18 5.29 7.71
C HIS A 114 1.27 6.40 7.22
N ILE A 115 0.00 6.34 7.58
CA ILE A 115 -0.97 7.35 7.17
C ILE A 115 -0.62 8.72 7.75
N LYS A 116 -0.07 9.59 6.92
CA LYS A 116 0.31 10.93 7.35
C LYS A 116 -0.88 11.65 7.98
N GLU A 117 -0.68 12.19 9.17
CA GLU A 117 -1.74 12.91 9.87
C GLU A 117 -1.30 14.33 10.20
N VAL A 118 -1.54 15.24 9.27
CA VAL A 118 -1.18 16.64 9.46
C VAL A 118 -2.29 17.41 10.15
N THR A 119 -3.52 16.94 10.00
CA THR A 119 -4.68 17.58 10.61
C THR A 119 -5.50 16.58 11.42
N GLY A 1 17.68 24.99 5.57
CA GLY A 1 16.98 24.58 6.77
C GLY A 1 15.61 24.01 6.48
N SER A 2 15.34 22.82 7.01
CA SER A 2 14.06 22.15 6.81
C SER A 2 13.33 21.94 8.13
N SER A 3 12.13 21.37 8.05
CA SER A 3 11.33 21.11 9.24
C SER A 3 10.91 19.65 9.31
N GLY A 4 10.64 19.17 10.52
CA GLY A 4 10.23 17.79 10.68
C GLY A 4 11.10 17.05 11.70
N SER A 5 12.41 17.21 11.57
CA SER A 5 13.34 16.55 12.48
C SER A 5 13.51 17.35 13.77
N SER A 6 13.76 18.64 13.63
CA SER A 6 13.95 19.52 14.78
C SER A 6 12.93 19.19 15.88
N GLY A 7 13.30 19.51 17.12
CA GLY A 7 12.41 19.24 18.23
C GLY A 7 12.70 17.90 18.89
N ARG A 8 13.18 17.94 20.13
CA ARG A 8 13.50 16.72 20.86
C ARG A 8 12.32 16.29 21.73
N LEU A 9 12.33 15.04 22.17
CA LEU A 9 11.27 14.50 23.01
C LEU A 9 11.83 13.53 24.04
N LEU A 10 11.60 13.83 25.32
CA LEU A 10 12.07 12.98 26.40
C LEU A 10 11.08 11.87 26.69
N ASP A 11 10.44 11.36 25.64
CA ASP A 11 9.48 10.27 25.78
C ASP A 11 8.99 9.80 24.42
N LEU A 12 9.34 8.56 24.07
CA LEU A 12 8.94 7.99 22.79
C LEU A 12 7.52 7.43 22.86
N GLU A 13 6.65 8.13 23.57
CA GLU A 13 5.26 7.71 23.72
C GLU A 13 4.35 8.49 22.79
N ASN A 14 4.76 8.63 21.54
CA ASN A 14 3.98 9.36 20.54
C ASN A 14 3.58 8.45 19.39
N ILE A 15 4.57 7.83 18.76
CA ILE A 15 4.32 6.94 17.64
C ILE A 15 4.09 5.51 18.11
N GLN A 16 3.13 4.83 17.51
CA GLN A 16 2.81 3.46 17.87
C GLN A 16 3.54 2.47 16.97
N ILE A 17 4.78 2.81 16.61
CA ILE A 17 5.59 1.96 15.75
C ILE A 17 6.66 1.24 16.56
N PRO A 18 6.87 -0.05 16.25
CA PRO A 18 7.88 -0.87 16.92
C PRO A 18 9.30 -0.46 16.57
N ASP A 19 10.28 -1.12 17.18
CA ASP A 19 11.69 -0.82 16.92
C ASP A 19 12.21 -1.62 15.73
N ALA A 20 11.83 -2.89 15.68
CA ALA A 20 12.26 -3.76 14.58
C ALA A 20 11.09 -4.13 13.68
N PRO A 21 11.41 -4.57 12.45
CA PRO A 21 10.39 -4.96 11.48
C PRO A 21 9.69 -6.27 11.86
N PRO A 22 8.40 -6.16 12.23
CA PRO A 22 7.60 -7.32 12.62
C PRO A 22 7.28 -8.23 11.45
N PRO A 23 6.91 -9.49 11.75
CA PRO A 23 6.58 -10.49 10.73
C PRO A 23 5.27 -10.16 10.01
N ILE A 24 5.36 -9.85 8.73
CA ILE A 24 4.19 -9.54 7.93
C ILE A 24 3.03 -10.46 8.26
N PRO A 25 1.82 -9.90 8.34
CA PRO A 25 0.60 -10.65 8.64
C PRO A 25 0.19 -11.57 7.51
N LYS A 26 -0.87 -12.34 7.73
CA LYS A 26 -1.36 -13.27 6.71
C LYS A 26 -1.82 -12.51 5.47
N GLU A 27 -1.60 -13.12 4.30
CA GLU A 27 -2.00 -12.52 3.03
C GLU A 27 -3.46 -12.81 2.72
N PRO A 28 -4.13 -11.82 2.10
CA PRO A 28 -5.54 -11.94 1.73
C PRO A 28 -5.75 -12.94 0.59
N SER A 29 -6.05 -14.18 0.94
CA SER A 29 -6.27 -15.23 -0.05
C SER A 29 -7.68 -15.13 -0.64
N ASN A 30 -8.06 -13.92 -1.04
CA ASN A 30 -9.38 -13.68 -1.61
C ASN A 30 -9.51 -12.24 -2.09
N TYR A 31 -9.45 -12.06 -3.41
CA TYR A 31 -9.56 -10.73 -3.99
C TYR A 31 -11.01 -10.42 -4.40
N ASP A 32 -11.33 -9.14 -4.51
CA ASP A 32 -12.68 -8.71 -4.89
C ASP A 32 -12.69 -8.16 -6.31
N PHE A 33 -11.61 -7.49 -6.68
CA PHE A 33 -11.50 -6.90 -8.01
C PHE A 33 -12.12 -7.83 -9.07
N SER A 34 -11.67 -9.08 -9.07
CA SER A 34 -12.17 -10.06 -10.03
C SER A 34 -12.47 -9.40 -11.37
N GLY A 35 -11.50 -8.69 -11.91
CA GLY A 35 -11.67 -8.01 -13.18
C GLY A 35 -10.88 -8.67 -14.30
N PRO A 36 -10.64 -7.90 -15.38
CA PRO A 36 -9.89 -8.39 -16.54
C PRO A 36 -8.41 -8.58 -16.23
N SER A 37 -8.01 -8.23 -15.00
CA SER A 37 -6.63 -8.37 -14.58
C SER A 37 -6.02 -9.67 -15.11
N SER A 38 -6.79 -10.74 -15.03
CA SER A 38 -6.32 -12.05 -15.49
C SER A 38 -5.70 -11.94 -16.88
N GLY A 39 -4.75 -12.83 -17.16
CA GLY A 39 -4.09 -12.82 -18.46
C GLY A 39 -5.02 -13.21 -19.59
N ILE A 40 -5.38 -14.49 -19.64
CA ILE A 40 -6.27 -15.00 -20.67
C ILE A 40 -7.42 -15.79 -20.07
N GLU A 41 -8.28 -16.33 -20.93
CA GLU A 41 -9.42 -17.12 -20.49
C GLU A 41 -9.28 -18.57 -20.94
N GLY A 42 -10.19 -19.42 -20.47
CA GLY A 42 -10.15 -20.83 -20.83
C GLY A 42 -11.51 -21.50 -20.68
N ARG A 43 -11.72 -22.18 -19.56
CA ARG A 43 -12.97 -22.86 -19.30
C ARG A 43 -14.00 -21.91 -18.70
N GLY A 44 -14.04 -20.69 -19.22
CA GLY A 44 -14.98 -19.70 -18.73
C GLY A 44 -15.07 -18.48 -19.63
N SER A 45 -16.23 -17.85 -19.66
CA SER A 45 -16.44 -16.66 -20.48
C SER A 45 -16.62 -15.42 -19.61
N SER A 46 -16.03 -14.31 -20.05
CA SER A 46 -16.13 -13.06 -19.31
C SER A 46 -15.85 -11.87 -20.23
N GLY A 47 -16.36 -10.70 -19.83
CA GLY A 47 -16.17 -9.50 -20.63
C GLY A 47 -16.55 -8.24 -19.88
N SER A 48 -15.57 -7.60 -19.27
CA SER A 48 -15.80 -6.38 -18.51
C SER A 48 -14.95 -5.23 -19.05
N SER A 49 -15.21 -4.03 -18.55
CA SER A 49 -14.48 -2.84 -18.98
C SER A 49 -14.01 -2.02 -17.78
N GLY A 50 -13.16 -1.03 -18.03
CA GLY A 50 -12.66 -0.19 -16.97
C GLY A 50 -12.80 1.29 -17.29
N SER A 51 -14.01 1.82 -17.18
CA SER A 51 -14.26 3.22 -17.46
C SER A 51 -13.78 4.10 -16.31
N SER A 52 -12.94 5.08 -16.64
CA SER A 52 -12.40 5.99 -15.65
C SER A 52 -11.99 7.31 -16.28
N GLY A 53 -12.78 8.36 -16.03
CA GLY A 53 -12.48 9.67 -16.58
C GLY A 53 -13.12 10.79 -15.78
N SER A 54 -12.36 11.33 -14.83
CA SER A 54 -12.86 12.42 -13.99
C SER A 54 -11.71 13.07 -13.22
N SER A 55 -12.05 14.10 -12.45
CA SER A 55 -11.05 14.82 -11.66
C SER A 55 -11.63 15.25 -10.32
N GLY A 56 -10.80 15.22 -9.28
CA GLY A 56 -11.25 15.62 -7.96
C GLY A 56 -11.40 14.44 -7.02
N ASP A 57 -10.27 13.89 -6.57
CA ASP A 57 -10.27 12.76 -5.66
C ASP A 57 -9.34 13.01 -4.47
N LYS A 58 -9.87 12.88 -3.26
CA LYS A 58 -9.10 13.08 -2.05
C LYS A 58 -8.70 11.76 -1.42
N GLU A 59 -7.54 11.24 -1.82
CA GLU A 59 -7.04 9.97 -1.29
C GLU A 59 -6.17 10.20 -0.06
N ARG A 60 -5.70 9.12 0.53
CA ARG A 60 -4.86 9.19 1.72
C ARG A 60 -3.38 9.19 1.34
N HIS A 61 -2.56 9.83 2.17
CA HIS A 61 -1.13 9.92 1.92
C HIS A 61 -0.36 9.03 2.90
N GLY A 62 0.42 8.09 2.35
CA GLY A 62 1.20 7.19 3.19
C GLY A 62 2.67 7.20 2.83
N VAL A 63 3.49 6.65 3.72
CA VAL A 63 4.93 6.59 3.49
C VAL A 63 5.52 5.30 4.05
N ALA A 64 6.25 4.58 3.20
CA ALA A 64 6.87 3.32 3.61
C ALA A 64 7.95 3.57 4.67
N ILE A 65 7.83 2.86 5.78
CA ILE A 65 8.79 2.99 6.87
C ILE A 65 9.77 1.82 6.89
N TYR A 66 9.34 0.68 6.36
CA TYR A 66 10.18 -0.51 6.31
C TYR A 66 10.29 -1.04 4.89
N ASN A 67 11.52 -1.33 4.47
CA ASN A 67 11.77 -1.84 3.12
C ASN A 67 11.02 -3.16 2.90
N PHE A 68 10.00 -3.12 2.05
CA PHE A 68 9.21 -4.29 1.74
C PHE A 68 9.68 -4.95 0.45
N GLN A 69 9.88 -6.26 0.50
CA GLN A 69 10.33 -7.01 -0.67
C GLN A 69 9.38 -8.16 -0.99
N GLY A 70 8.61 -8.00 -2.06
CA GLY A 70 7.67 -9.02 -2.45
C GLY A 70 8.21 -9.92 -3.56
N SER A 71 7.31 -10.62 -4.24
CA SER A 71 7.71 -11.52 -5.32
C SER A 71 7.03 -11.13 -6.62
N GLY A 72 5.72 -10.93 -6.57
CA GLY A 72 4.97 -10.55 -7.75
C GLY A 72 3.52 -10.22 -7.45
N ALA A 73 2.92 -9.38 -8.29
CA ALA A 73 1.53 -8.97 -8.10
C ALA A 73 0.68 -10.14 -7.61
N PRO A 74 -0.42 -9.83 -6.92
CA PRO A 74 -0.80 -8.44 -6.64
C PRO A 74 0.13 -7.76 -5.64
N GLN A 75 1.11 -8.53 -5.14
CA GLN A 75 2.07 -8.00 -4.19
C GLN A 75 3.02 -7.00 -4.85
N LEU A 76 3.04 -5.78 -4.33
CA LEU A 76 3.91 -4.74 -4.87
C LEU A 76 5.05 -4.42 -3.91
N SER A 77 6.23 -4.16 -4.47
CA SER A 77 7.41 -3.84 -3.67
C SER A 77 7.37 -2.39 -3.21
N LEU A 78 8.13 -2.09 -2.15
CA LEU A 78 8.19 -0.74 -1.62
C LEU A 78 9.56 -0.45 -1.02
N GLN A 79 9.91 0.84 -0.94
CA GLN A 79 11.20 1.24 -0.40
C GLN A 79 11.02 2.33 0.66
N ILE A 80 11.76 2.22 1.76
CA ILE A 80 11.68 3.19 2.84
C ILE A 80 11.79 4.62 2.30
N GLY A 81 10.87 5.47 2.71
CA GLY A 81 10.88 6.85 2.26
C GLY A 81 10.11 7.06 0.97
N ASP A 82 9.26 6.10 0.64
CA ASP A 82 8.46 6.17 -0.58
C ASP A 82 6.99 6.34 -0.25
N VAL A 83 6.30 7.18 -1.02
CA VAL A 83 4.88 7.44 -0.81
C VAL A 83 4.03 6.77 -1.89
N VAL A 84 2.89 6.22 -1.48
CA VAL A 84 1.99 5.56 -2.41
C VAL A 84 0.58 6.11 -2.30
N ARG A 85 -0.02 6.45 -3.44
CA ARG A 85 -1.37 6.99 -3.46
C ARG A 85 -2.39 5.92 -3.05
N ILE A 86 -2.81 5.97 -1.79
CA ILE A 86 -3.78 5.01 -1.28
C ILE A 86 -5.15 5.22 -1.91
N GLN A 87 -5.60 4.25 -2.70
CA GLN A 87 -6.90 4.33 -3.35
C GLN A 87 -7.96 3.57 -2.56
N GLU A 88 -7.59 2.40 -2.06
CA GLU A 88 -8.52 1.58 -1.28
C GLU A 88 -7.80 0.91 -0.12
N THR A 89 -8.56 0.26 0.74
CA THR A 89 -8.01 -0.42 1.91
C THR A 89 -8.72 -1.75 2.16
N CYS A 90 -7.94 -2.80 2.40
CA CYS A 90 -8.50 -4.12 2.67
C CYS A 90 -7.79 -4.79 3.84
N GLY A 91 -8.57 -5.40 4.72
CA GLY A 91 -8.00 -6.08 5.87
C GLY A 91 -6.82 -5.32 6.46
N ASP A 92 -5.66 -5.95 6.49
CA ASP A 92 -4.46 -5.33 7.03
C ASP A 92 -3.47 -5.01 5.92
N TRP A 93 -3.98 -4.56 4.79
CA TRP A 93 -3.13 -4.22 3.65
C TRP A 93 -3.75 -3.08 2.83
N TYR A 94 -2.89 -2.22 2.30
CA TYR A 94 -3.34 -1.09 1.51
C TYR A 94 -3.34 -1.42 0.02
N ARG A 95 -4.11 -0.66 -0.75
CA ARG A 95 -4.19 -0.88 -2.19
C ARG A 95 -3.88 0.40 -2.96
N GLY A 96 -2.74 0.40 -3.65
CA GLY A 96 -2.35 1.57 -4.43
C GLY A 96 -1.15 1.30 -5.32
N TYR A 97 -0.30 2.30 -5.49
CA TYR A 97 0.88 2.17 -6.32
C TYR A 97 1.93 3.21 -5.96
N LEU A 98 3.12 3.09 -6.54
CA LEU A 98 4.21 4.01 -6.27
C LEU A 98 4.01 5.32 -7.03
N ILE A 99 3.90 6.42 -6.29
CA ILE A 99 3.72 7.73 -6.90
C ILE A 99 4.91 8.10 -7.78
N LYS A 100 6.10 8.03 -7.22
CA LYS A 100 7.31 8.36 -7.96
C LYS A 100 7.43 7.51 -9.22
N HIS A 101 6.93 6.27 -9.13
CA HIS A 101 6.97 5.36 -10.27
C HIS A 101 5.63 4.66 -10.46
N LYS A 102 4.76 5.25 -11.29
CA LYS A 102 3.45 4.70 -11.55
C LYS A 102 3.53 3.60 -12.62
N MET A 103 4.60 2.83 -12.59
CA MET A 103 4.80 1.75 -13.55
C MET A 103 4.52 0.39 -12.91
N LEU A 104 4.31 0.39 -11.60
CA LEU A 104 4.03 -0.84 -10.87
C LEU A 104 2.94 -0.63 -9.82
N GLN A 105 1.85 -1.39 -9.93
CA GLN A 105 0.74 -1.28 -8.99
C GLN A 105 0.49 -2.61 -8.29
N GLY A 106 -0.04 -2.54 -7.08
CA GLY A 106 -0.32 -3.74 -6.32
C GLY A 106 -0.83 -3.44 -4.92
N ILE A 107 -0.39 -4.24 -3.96
CA ILE A 107 -0.80 -4.06 -2.56
C ILE A 107 0.39 -4.19 -1.62
N PHE A 108 0.19 -3.77 -0.38
CA PHE A 108 1.25 -3.84 0.63
C PHE A 108 0.66 -3.80 2.04
N PRO A 109 1.46 -4.26 3.02
CA PRO A 109 1.04 -4.28 4.43
C PRO A 109 0.92 -2.88 5.02
N LYS A 110 -0.24 -2.60 5.62
CA LYS A 110 -0.48 -1.29 6.23
C LYS A 110 0.55 -1.01 7.33
N SER A 111 1.02 -2.06 7.98
CA SER A 111 2.00 -1.92 9.05
C SER A 111 3.30 -1.34 8.51
N PHE A 112 3.41 -1.28 7.19
CA PHE A 112 4.61 -0.74 6.55
C PHE A 112 4.37 0.67 6.04
N ILE A 113 3.10 1.04 5.90
CA ILE A 113 2.73 2.36 5.42
C ILE A 113 2.40 3.29 6.58
N HIS A 114 3.03 4.47 6.58
CA HIS A 114 2.79 5.46 7.63
C HIS A 114 1.80 6.51 7.18
N ILE A 115 0.56 6.36 7.63
CA ILE A 115 -0.50 7.31 7.27
C ILE A 115 -0.28 8.66 7.92
N LYS A 116 0.26 9.61 7.15
CA LYS A 116 0.52 10.95 7.66
C LYS A 116 -0.79 11.67 8.00
N GLU A 117 -1.32 11.38 9.18
CA GLU A 117 -2.57 12.00 9.62
C GLU A 117 -2.32 12.92 10.82
N VAL A 118 -1.33 13.81 10.68
CA VAL A 118 -0.99 14.74 11.74
C VAL A 118 -2.11 15.77 11.94
N THR A 119 -2.74 16.17 10.84
CA THR A 119 -3.82 17.15 10.90
C THR A 119 -3.53 18.22 11.94
N GLY A 1 20.04 -1.48 25.58
CA GLY A 1 20.89 -0.32 25.75
C GLY A 1 20.16 0.97 25.44
N SER A 2 20.88 1.93 24.88
CA SER A 2 20.31 3.23 24.54
C SER A 2 20.65 3.63 23.11
N SER A 3 19.99 4.66 22.60
CA SER A 3 20.23 5.14 21.26
C SER A 3 20.89 6.51 21.27
N GLY A 4 21.36 6.95 20.10
CA GLY A 4 22.01 8.24 20.00
C GLY A 4 21.38 9.28 20.91
N SER A 5 22.21 10.15 21.49
CA SER A 5 21.72 11.19 22.39
C SER A 5 21.35 12.45 21.60
N SER A 6 20.87 12.26 20.37
CA SER A 6 20.48 13.38 19.53
C SER A 6 18.97 13.45 19.36
N GLY A 7 18.35 12.30 19.06
CA GLY A 7 16.92 12.25 18.89
C GLY A 7 16.37 13.49 18.22
N ARG A 8 16.44 13.52 16.89
CA ARG A 8 15.95 14.67 16.12
C ARG A 8 15.11 14.21 14.94
N LEU A 9 14.78 12.92 14.92
CA LEU A 9 13.98 12.36 13.84
C LEU A 9 12.51 12.74 13.99
N LEU A 10 12.06 12.86 15.23
CA LEU A 10 10.67 13.23 15.50
C LEU A 10 10.58 14.06 16.78
N ASP A 11 9.43 14.70 16.98
CA ASP A 11 9.20 15.52 18.16
C ASP A 11 8.10 14.93 19.04
N LEU A 12 6.86 15.11 18.60
CA LEU A 12 5.71 14.60 19.34
C LEU A 12 4.89 13.63 18.49
N GLU A 13 5.58 12.79 17.74
CA GLU A 13 4.92 11.81 16.88
C GLU A 13 4.01 10.90 17.69
N ASN A 14 2.70 11.16 17.63
CA ASN A 14 1.72 10.37 18.36
C ASN A 14 2.05 8.88 18.25
N ILE A 15 2.34 8.42 17.04
CA ILE A 15 2.68 7.02 16.81
C ILE A 15 4.04 6.67 17.39
N GLN A 16 4.15 5.49 17.98
CA GLN A 16 5.40 5.04 18.57
C GLN A 16 5.90 3.78 17.90
N ILE A 17 6.45 3.94 16.70
CA ILE A 17 6.97 2.80 15.95
C ILE A 17 7.94 1.97 16.79
N PRO A 18 7.83 0.63 16.68
CA PRO A 18 8.69 -0.29 17.42
C PRO A 18 10.13 -0.27 16.93
N ASP A 19 11.00 -0.99 17.62
CA ASP A 19 12.41 -1.06 17.25
C ASP A 19 12.62 -2.00 16.07
N ALA A 20 11.88 -3.10 16.05
CA ALA A 20 11.97 -4.08 14.98
C ALA A 20 10.63 -4.30 14.31
N PRO A 21 10.66 -4.65 13.01
CA PRO A 21 9.43 -4.89 12.23
C PRO A 21 8.73 -6.17 12.66
N PRO A 22 7.40 -6.07 12.88
CA PRO A 22 6.58 -7.22 13.29
C PRO A 22 6.42 -8.24 12.19
N PRO A 23 5.89 -9.42 12.55
CA PRO A 23 5.66 -10.52 11.58
C PRO A 23 4.55 -10.20 10.59
N ILE A 24 4.93 -9.98 9.34
CA ILE A 24 3.95 -9.68 8.30
C ILE A 24 2.74 -10.60 8.39
N PRO A 25 1.55 -10.02 8.19
CA PRO A 25 0.29 -10.76 8.25
C PRO A 25 0.12 -11.71 7.07
N LYS A 26 -1.01 -12.41 7.02
CA LYS A 26 -1.29 -13.35 5.94
C LYS A 26 -2.00 -12.66 4.79
N GLU A 27 -1.54 -12.92 3.57
CA GLU A 27 -2.14 -12.31 2.38
C GLU A 27 -3.54 -12.85 2.15
N PRO A 28 -4.46 -11.95 1.76
CA PRO A 28 -5.86 -12.30 1.51
C PRO A 28 -6.02 -13.16 0.26
N SER A 29 -6.59 -14.35 0.42
CA SER A 29 -6.80 -15.26 -0.69
C SER A 29 -8.05 -14.89 -1.48
N ASN A 30 -8.09 -15.27 -2.74
CA ASN A 30 -9.22 -14.98 -3.61
C ASN A 30 -9.38 -13.47 -3.82
N TYR A 31 -8.27 -12.82 -4.17
CA TYR A 31 -8.28 -11.38 -4.40
C TYR A 31 -7.90 -11.06 -5.84
N ASP A 32 -8.34 -11.90 -6.76
CA ASP A 32 -8.05 -11.71 -8.19
C ASP A 32 -8.95 -10.62 -8.77
N PHE A 33 -8.65 -9.37 -8.44
CA PHE A 33 -9.43 -8.24 -8.93
C PHE A 33 -8.52 -7.19 -9.56
N SER A 34 -7.49 -7.64 -10.25
CA SER A 34 -6.54 -6.74 -10.89
C SER A 34 -6.67 -6.83 -12.42
N GLY A 35 -6.48 -8.03 -12.95
CA GLY A 35 -6.57 -8.22 -14.38
C GLY A 35 -7.55 -9.31 -14.77
N PRO A 36 -7.47 -9.77 -16.03
CA PRO A 36 -8.35 -10.83 -16.53
C PRO A 36 -8.06 -12.19 -15.91
N SER A 37 -9.11 -12.88 -15.50
CA SER A 37 -8.97 -14.19 -14.88
C SER A 37 -9.37 -15.31 -15.86
N SER A 38 -8.70 -16.45 -15.76
CA SER A 38 -8.99 -17.57 -16.63
C SER A 38 -8.41 -18.87 -16.05
N GLY A 39 -9.12 -19.97 -16.26
CA GLY A 39 -8.67 -21.25 -15.75
C GLY A 39 -7.33 -21.66 -16.33
N ILE A 40 -6.67 -22.60 -15.65
CA ILE A 40 -5.37 -23.08 -16.10
C ILE A 40 -5.52 -24.11 -17.22
N GLU A 41 -6.75 -24.49 -17.50
CA GLU A 41 -7.04 -25.47 -18.55
C GLU A 41 -7.26 -24.78 -19.90
N GLY A 42 -6.40 -23.82 -20.21
CA GLY A 42 -6.52 -23.10 -21.46
C GLY A 42 -5.21 -22.44 -21.88
N ARG A 43 -4.94 -22.44 -23.19
CA ARG A 43 -3.72 -21.85 -23.72
C ARG A 43 -3.53 -20.43 -23.19
N GLY A 44 -4.60 -19.63 -23.26
CA GLY A 44 -4.52 -18.27 -22.78
C GLY A 44 -5.60 -17.38 -23.39
N SER A 45 -5.19 -16.22 -23.89
CA SER A 45 -6.14 -15.28 -24.49
C SER A 45 -5.75 -14.99 -25.94
N SER A 46 -6.69 -14.43 -26.69
CA SER A 46 -6.46 -14.10 -28.10
C SER A 46 -6.43 -12.59 -28.31
N GLY A 47 -7.39 -11.90 -27.71
CA GLY A 47 -7.45 -10.46 -27.85
C GLY A 47 -6.93 -9.73 -26.62
N SER A 48 -7.72 -8.79 -26.12
CA SER A 48 -7.33 -8.01 -24.94
C SER A 48 -8.56 -7.65 -24.10
N SER A 49 -8.31 -7.06 -22.93
CA SER A 49 -9.39 -6.65 -22.04
C SER A 49 -8.85 -5.79 -20.90
N GLY A 50 -9.75 -5.08 -20.23
CA GLY A 50 -9.36 -4.23 -19.13
C GLY A 50 -10.54 -3.79 -18.28
N SER A 51 -10.24 -3.11 -17.18
CA SER A 51 -11.28 -2.64 -16.27
C SER A 51 -11.01 -1.20 -15.83
N SER A 52 -11.98 -0.60 -15.15
CA SER A 52 -11.85 0.77 -14.68
C SER A 52 -12.31 0.88 -13.23
N GLY A 53 -12.08 2.05 -12.63
CA GLY A 53 -12.47 2.27 -11.25
C GLY A 53 -12.87 3.71 -10.98
N SER A 54 -13.06 4.04 -9.71
CA SER A 54 -13.46 5.39 -9.33
C SER A 54 -13.25 5.61 -7.83
N SER A 55 -13.00 6.86 -7.45
CA SER A 55 -12.78 7.21 -6.06
C SER A 55 -13.36 8.58 -5.73
N GLY A 56 -13.81 8.75 -4.50
CA GLY A 56 -14.39 10.02 -4.09
C GLY A 56 -13.33 11.05 -3.74
N ASP A 57 -12.39 11.27 -4.66
CA ASP A 57 -11.33 12.24 -4.45
C ASP A 57 -10.88 12.23 -2.99
N LYS A 58 -10.77 11.04 -2.41
CA LYS A 58 -10.34 10.90 -1.03
C LYS A 58 -9.19 9.91 -0.92
N GLU A 59 -7.96 10.40 -1.10
CA GLU A 59 -6.77 9.57 -1.02
C GLU A 59 -5.99 9.88 0.25
N ARG A 60 -5.23 8.88 0.72
CA ARG A 60 -4.42 9.04 1.92
C ARG A 60 -2.93 9.04 1.59
N HIS A 61 -2.19 9.95 2.24
CA HIS A 61 -0.77 10.06 2.01
C HIS A 61 0.02 9.22 3.02
N GLY A 62 0.79 8.27 2.53
CA GLY A 62 1.58 7.41 3.40
C GLY A 62 3.03 7.34 2.98
N VAL A 63 3.86 6.80 3.86
CA VAL A 63 5.29 6.68 3.58
C VAL A 63 5.84 5.35 4.10
N ALA A 64 6.58 4.65 3.24
CA ALA A 64 7.16 3.36 3.62
C ALA A 64 8.26 3.54 4.66
N ILE A 65 8.20 2.73 5.71
CA ILE A 65 9.20 2.79 6.78
C ILE A 65 10.09 1.56 6.77
N TYR A 66 9.61 0.48 6.17
CA TYR A 66 10.36 -0.77 6.10
C TYR A 66 10.44 -1.27 4.66
N ASN A 67 11.62 -1.75 4.28
CA ASN A 67 11.83 -2.26 2.92
C ASN A 67 11.01 -3.52 2.70
N PHE A 68 9.99 -3.42 1.85
CA PHE A 68 9.13 -4.55 1.54
C PHE A 68 9.41 -5.08 0.13
N GLN A 69 9.67 -6.37 0.04
CA GLN A 69 9.96 -7.01 -1.25
C GLN A 69 8.86 -7.99 -1.63
N GLY A 70 8.04 -7.60 -2.60
CA GLY A 70 6.96 -8.46 -3.04
C GLY A 70 7.38 -9.44 -4.12
N SER A 71 6.45 -10.25 -4.57
CA SER A 71 6.74 -11.24 -5.61
C SER A 71 5.94 -10.95 -6.88
N GLY A 72 4.71 -10.47 -6.70
CA GLY A 72 3.88 -10.16 -7.85
C GLY A 72 2.45 -9.83 -7.44
N ALA A 73 1.80 -8.97 -8.23
CA ALA A 73 0.43 -8.56 -7.95
C ALA A 73 -0.41 -9.75 -7.46
N PRO A 74 -1.45 -9.45 -6.68
CA PRO A 74 -1.79 -8.08 -6.30
C PRO A 74 -0.77 -7.48 -5.33
N GLN A 75 0.20 -8.29 -4.93
CA GLN A 75 1.23 -7.84 -4.01
C GLN A 75 2.18 -6.86 -4.69
N LEU A 76 2.38 -5.70 -4.05
CA LEU A 76 3.25 -4.67 -4.60
C LEU A 76 4.42 -4.40 -3.66
N SER A 77 5.61 -4.24 -4.24
CA SER A 77 6.82 -3.98 -3.45
C SER A 77 6.86 -2.51 -3.00
N LEU A 78 7.74 -2.23 -2.04
CA LEU A 78 7.88 -0.88 -1.52
C LEU A 78 9.31 -0.63 -1.05
N GLN A 79 9.69 0.65 -0.98
CA GLN A 79 11.03 1.02 -0.55
C GLN A 79 10.97 2.08 0.54
N ILE A 80 11.76 1.90 1.59
CA ILE A 80 11.79 2.85 2.70
C ILE A 80 11.94 4.28 2.19
N GLY A 81 11.09 5.16 2.71
CA GLY A 81 11.14 6.55 2.30
C GLY A 81 10.39 6.80 1.01
N ASP A 82 9.46 5.90 0.68
CA ASP A 82 8.67 6.03 -0.54
C ASP A 82 7.20 6.31 -0.21
N VAL A 83 6.61 7.26 -0.94
CA VAL A 83 5.22 7.63 -0.73
C VAL A 83 4.32 6.96 -1.76
N VAL A 84 3.20 6.41 -1.29
CA VAL A 84 2.25 5.74 -2.17
C VAL A 84 0.86 6.36 -2.05
N ARG A 85 0.20 6.54 -3.19
CA ARG A 85 -1.13 7.13 -3.22
C ARG A 85 -2.19 6.09 -2.83
N ILE A 86 -2.57 6.10 -1.56
CA ILE A 86 -3.57 5.17 -1.06
C ILE A 86 -4.96 5.49 -1.61
N GLN A 87 -5.54 4.54 -2.34
CA GLN A 87 -6.86 4.73 -2.93
C GLN A 87 -7.91 3.94 -2.16
N GLU A 88 -7.55 2.73 -1.75
CA GLU A 88 -8.48 1.88 -1.01
C GLU A 88 -7.76 1.17 0.13
N THR A 89 -8.49 0.89 1.20
CA THR A 89 -7.92 0.21 2.37
C THR A 89 -8.82 -0.93 2.83
N CYS A 90 -8.31 -2.15 2.73
CA CYS A 90 -9.07 -3.33 3.14
C CYS A 90 -8.31 -4.12 4.20
N GLY A 91 -9.02 -4.56 5.23
CA GLY A 91 -8.40 -5.33 6.29
C GLY A 91 -7.08 -4.73 6.74
N ASP A 92 -6.08 -5.58 6.91
CA ASP A 92 -4.75 -5.12 7.34
C ASP A 92 -3.83 -4.94 6.15
N TRP A 93 -4.36 -4.35 5.07
CA TRP A 93 -3.59 -4.12 3.87
C TRP A 93 -4.12 -2.91 3.11
N TYR A 94 -3.22 -2.14 2.51
CA TYR A 94 -3.60 -0.96 1.75
C TYR A 94 -3.75 -1.29 0.27
N ARG A 95 -4.28 -0.33 -0.49
CA ARG A 95 -4.49 -0.52 -1.92
C ARG A 95 -4.13 0.75 -2.69
N GLY A 96 -3.10 0.67 -3.51
CA GLY A 96 -2.67 1.82 -4.29
C GLY A 96 -1.50 1.51 -5.20
N TYR A 97 -0.62 2.49 -5.38
CA TYR A 97 0.55 2.31 -6.23
C TYR A 97 1.66 3.30 -5.85
N LEU A 98 2.86 3.03 -6.33
CA LEU A 98 4.00 3.91 -6.05
C LEU A 98 3.91 5.20 -6.85
N ILE A 99 3.71 6.31 -6.14
CA ILE A 99 3.61 7.61 -6.78
C ILE A 99 4.81 7.88 -7.67
N LYS A 100 6.01 7.77 -7.10
CA LYS A 100 7.24 8.00 -7.84
C LYS A 100 7.26 7.17 -9.12
N HIS A 101 6.71 5.97 -9.06
CA HIS A 101 6.66 5.08 -10.21
C HIS A 101 5.27 4.48 -10.39
N LYS A 102 4.50 5.02 -11.33
CA LYS A 102 3.16 4.54 -11.59
C LYS A 102 3.18 3.29 -12.45
N MET A 103 4.39 2.79 -12.72
CA MET A 103 4.55 1.59 -13.54
C MET A 103 4.22 0.34 -12.73
N LEU A 104 3.96 0.53 -11.44
CA LEU A 104 3.63 -0.59 -10.57
C LEU A 104 2.47 -0.24 -9.64
N GLN A 105 1.54 -1.16 -9.48
CA GLN A 105 0.38 -0.95 -8.62
C GLN A 105 -0.05 -2.25 -7.96
N GLY A 106 -0.42 -2.17 -6.68
CA GLY A 106 -0.86 -3.35 -5.95
C GLY A 106 -1.25 -3.03 -4.52
N ILE A 107 -1.01 -3.99 -3.62
CA ILE A 107 -1.33 -3.81 -2.22
C ILE A 107 -0.12 -4.07 -1.34
N PHE A 108 -0.14 -3.51 -0.13
CA PHE A 108 0.95 -3.69 0.81
C PHE A 108 0.45 -3.65 2.25
N PRO A 109 1.27 -4.18 3.18
CA PRO A 109 0.92 -4.23 4.61
C PRO A 109 0.92 -2.84 5.25
N LYS A 110 -0.20 -2.48 5.85
CA LYS A 110 -0.32 -1.18 6.51
C LYS A 110 0.75 -1.00 7.57
N SER A 111 1.28 -2.11 8.07
CA SER A 111 2.32 -2.08 9.10
C SER A 111 3.63 -1.55 8.53
N PHE A 112 3.68 -1.43 7.20
CA PHE A 112 4.87 -0.94 6.53
C PHE A 112 4.66 0.49 6.04
N ILE A 113 3.41 0.92 5.98
CA ILE A 113 3.08 2.27 5.53
C ILE A 113 2.85 3.20 6.71
N HIS A 114 3.41 4.40 6.64
CA HIS A 114 3.27 5.38 7.69
C HIS A 114 2.39 6.56 7.24
N ILE A 115 1.14 6.56 7.68
CA ILE A 115 0.21 7.62 7.31
C ILE A 115 0.60 8.94 7.97
N LYS A 116 0.87 9.94 7.14
CA LYS A 116 1.25 11.26 7.64
C LYS A 116 0.01 12.11 7.94
N GLU A 117 -1.14 11.46 7.95
CA GLU A 117 -2.40 12.16 8.22
C GLU A 117 -2.36 13.59 7.68
N VAL A 118 -1.99 13.72 6.41
CA VAL A 118 -1.90 15.03 5.77
C VAL A 118 -3.17 15.32 4.98
N THR A 119 -3.67 14.33 4.25
CA THR A 119 -4.87 14.49 3.45
C THR A 119 -6.11 14.62 4.34
N GLY A 1 -19.50 14.58 18.50
CA GLY A 1 -19.59 14.06 19.85
C GLY A 1 -18.36 13.28 20.25
N SER A 2 -18.02 13.33 21.54
CA SER A 2 -16.85 12.62 22.04
C SER A 2 -15.58 13.11 21.36
N SER A 3 -15.47 14.41 21.17
CA SER A 3 -14.31 15.01 20.51
C SER A 3 -13.26 15.43 21.55
N GLY A 4 -13.70 16.18 22.55
CA GLY A 4 -12.80 16.63 23.59
C GLY A 4 -12.39 18.07 23.42
N SER A 5 -11.13 18.30 23.04
CA SER A 5 -10.63 19.65 22.85
C SER A 5 -10.50 19.98 21.37
N SER A 6 -10.33 21.25 21.06
CA SER A 6 -10.22 21.70 19.67
C SER A 6 -8.94 21.16 19.04
N GLY A 7 -9.00 20.87 17.75
CA GLY A 7 -7.85 20.35 17.04
C GLY A 7 -6.63 21.21 17.20
N ARG A 8 -5.58 20.64 17.80
CA ARG A 8 -4.34 21.38 18.02
C ARG A 8 -3.13 20.47 17.84
N LEU A 9 -2.12 20.98 17.15
CA LEU A 9 -0.89 20.22 16.90
C LEU A 9 -0.02 20.15 18.15
N LEU A 10 -0.25 19.12 18.97
CA LEU A 10 0.52 18.95 20.20
C LEU A 10 2.00 19.28 19.97
N ASP A 11 2.62 19.87 20.98
CA ASP A 11 4.04 20.24 20.89
C ASP A 11 4.93 19.05 21.26
N LEU A 12 4.30 17.96 21.68
CA LEU A 12 5.04 16.76 22.07
C LEU A 12 4.62 15.57 21.21
N GLU A 13 5.02 15.59 19.94
CA GLU A 13 4.69 14.51 19.02
C GLU A 13 5.93 13.68 18.68
N ASN A 14 5.83 12.37 18.87
CA ASN A 14 6.95 11.47 18.59
C ASN A 14 6.48 10.02 18.59
N ILE A 15 6.61 9.36 17.45
CA ILE A 15 6.21 7.97 17.32
C ILE A 15 7.29 7.03 17.86
N GLN A 16 6.86 5.97 18.52
CA GLN A 16 7.78 4.99 19.09
C GLN A 16 7.86 3.73 18.22
N ILE A 17 8.76 3.73 17.26
CA ILE A 17 8.94 2.59 16.37
C ILE A 17 9.69 1.46 17.07
N PRO A 18 9.21 0.22 16.84
CA PRO A 18 9.83 -0.97 17.44
C PRO A 18 11.19 -1.28 16.84
N ASP A 19 12.00 -2.04 17.58
CA ASP A 19 13.33 -2.40 17.12
C ASP A 19 13.25 -3.28 15.87
N ALA A 20 12.30 -4.22 15.87
CA ALA A 20 12.13 -5.12 14.73
C ALA A 20 10.73 -5.01 14.17
N PRO A 21 10.58 -5.30 12.86
CA PRO A 21 9.31 -5.24 12.16
C PRO A 21 8.34 -6.34 12.61
N PRO A 22 7.05 -6.00 12.67
CA PRO A 22 6.01 -6.96 13.08
C PRO A 22 5.78 -8.06 12.04
N PRO A 23 5.00 -9.08 12.42
CA PRO A 23 4.70 -10.21 11.55
C PRO A 23 3.77 -9.81 10.39
N ILE A 24 4.34 -9.71 9.19
CA ILE A 24 3.58 -9.34 8.01
C ILE A 24 2.18 -9.96 8.05
N PRO A 25 1.18 -9.16 7.65
CA PRO A 25 -0.22 -9.60 7.63
C PRO A 25 -0.48 -10.65 6.55
N LYS A 26 -0.92 -11.83 6.96
CA LYS A 26 -1.20 -12.91 6.03
C LYS A 26 -1.95 -12.39 4.81
N GLU A 27 -1.35 -12.55 3.63
CA GLU A 27 -1.96 -12.09 2.39
C GLU A 27 -3.47 -12.27 2.43
N PRO A 28 -4.20 -11.31 1.84
CA PRO A 28 -5.67 -11.34 1.80
C PRO A 28 -6.20 -12.43 0.88
N SER A 29 -6.74 -13.50 1.47
CA SER A 29 -7.28 -14.61 0.70
C SER A 29 -8.71 -14.32 0.25
N ASN A 30 -8.92 -13.13 -0.30
CA ASN A 30 -10.24 -12.73 -0.77
C ASN A 30 -10.18 -11.37 -1.46
N TYR A 31 -10.29 -11.39 -2.80
CA TYR A 31 -10.25 -10.16 -3.58
C TYR A 31 -11.66 -9.66 -3.88
N ASP A 32 -11.91 -8.41 -3.50
CA ASP A 32 -13.22 -7.80 -3.73
C ASP A 32 -13.32 -7.22 -5.14
N PHE A 33 -12.22 -6.66 -5.62
CA PHE A 33 -12.17 -6.08 -6.96
C PHE A 33 -11.71 -7.09 -7.99
N SER A 34 -10.57 -7.72 -7.72
CA SER A 34 -10.01 -8.71 -8.63
C SER A 34 -10.96 -9.90 -8.79
N GLY A 35 -11.77 -9.85 -9.84
CA GLY A 35 -12.73 -10.92 -10.09
C GLY A 35 -12.65 -11.43 -11.52
N PRO A 36 -12.88 -12.74 -11.69
CA PRO A 36 -12.84 -13.39 -13.01
C PRO A 36 -14.01 -12.96 -13.90
N SER A 37 -13.71 -12.20 -14.94
CA SER A 37 -14.73 -11.72 -15.86
C SER A 37 -15.63 -12.86 -16.32
N SER A 38 -15.01 -13.99 -16.69
CA SER A 38 -15.76 -15.14 -17.15
C SER A 38 -16.43 -15.86 -15.98
N GLY A 39 -17.65 -16.33 -16.19
CA GLY A 39 -18.37 -17.03 -15.15
C GLY A 39 -19.78 -16.49 -14.97
N ILE A 40 -20.73 -17.39 -14.71
CA ILE A 40 -22.12 -17.00 -14.51
C ILE A 40 -22.44 -16.83 -13.03
N GLU A 41 -21.45 -16.36 -12.27
CA GLU A 41 -21.63 -16.15 -10.83
C GLU A 41 -21.47 -14.68 -10.48
N GLY A 42 -20.42 -14.05 -10.99
CA GLY A 42 -20.18 -12.65 -10.72
C GLY A 42 -20.46 -11.77 -11.92
N ARG A 43 -21.57 -12.02 -12.59
CA ARG A 43 -21.96 -11.24 -13.76
C ARG A 43 -21.63 -9.76 -13.56
N GLY A 44 -22.21 -9.17 -12.52
CA GLY A 44 -21.97 -7.77 -12.24
C GLY A 44 -23.25 -7.02 -11.91
N SER A 45 -23.28 -5.74 -12.23
CA SER A 45 -24.45 -4.91 -11.96
C SER A 45 -25.01 -4.31 -13.25
N SER A 46 -26.33 -4.41 -13.40
CA SER A 46 -27.00 -3.89 -14.59
C SER A 46 -27.43 -2.44 -14.38
N GLY A 47 -27.34 -1.64 -15.45
CA GLY A 47 -27.72 -0.25 -15.36
C GLY A 47 -28.65 0.17 -16.47
N SER A 48 -29.47 1.18 -16.21
CA SER A 48 -30.43 1.67 -17.20
C SER A 48 -30.03 3.06 -17.69
N SER A 49 -29.85 3.99 -16.75
CA SER A 49 -29.49 5.36 -17.08
C SER A 49 -28.05 5.65 -16.64
N GLY A 50 -27.31 6.34 -17.50
CA GLY A 50 -25.93 6.68 -17.19
C GLY A 50 -25.56 8.08 -17.65
N SER A 51 -26.20 9.08 -17.05
CA SER A 51 -25.94 10.47 -17.41
C SER A 51 -25.64 11.30 -16.16
N SER A 52 -24.36 11.39 -15.80
CA SER A 52 -23.94 12.15 -14.63
C SER A 52 -22.46 12.51 -14.71
N GLY A 53 -22.04 13.45 -13.87
CA GLY A 53 -20.65 13.86 -13.86
C GLY A 53 -20.13 14.13 -12.46
N SER A 54 -20.08 13.09 -11.64
CA SER A 54 -19.61 13.22 -10.27
C SER A 54 -18.55 12.16 -9.96
N SER A 55 -17.28 12.56 -10.09
CA SER A 55 -16.17 11.65 -9.82
C SER A 55 -16.02 11.38 -8.33
N GLY A 56 -15.70 10.14 -7.98
CA GLY A 56 -15.54 9.78 -6.58
C GLY A 56 -14.13 9.29 -6.28
N ASP A 57 -13.26 10.21 -5.91
CA ASP A 57 -11.87 9.87 -5.58
C ASP A 57 -11.49 10.41 -4.21
N LYS A 58 -11.24 9.51 -3.27
CA LYS A 58 -10.86 9.90 -1.91
C LYS A 58 -9.63 9.13 -1.45
N GLU A 59 -8.66 8.97 -2.36
CA GLU A 59 -7.43 8.25 -2.03
C GLU A 59 -6.85 8.73 -0.71
N ARG A 60 -5.82 8.03 -0.24
CA ARG A 60 -5.18 8.38 1.02
C ARG A 60 -3.68 8.58 0.82
N HIS A 61 -3.06 9.32 1.74
CA HIS A 61 -1.63 9.58 1.68
C HIS A 61 -0.88 8.84 2.77
N GLY A 62 0.02 7.94 2.36
CA GLY A 62 0.78 7.17 3.32
C GLY A 62 2.27 7.19 3.02
N VAL A 63 3.06 6.65 3.95
CA VAL A 63 4.50 6.61 3.79
C VAL A 63 5.08 5.30 4.28
N ALA A 64 5.90 4.66 3.45
CA ALA A 64 6.51 3.39 3.82
C ALA A 64 7.55 3.58 4.92
N ILE A 65 7.35 2.90 6.04
CA ILE A 65 8.26 2.99 7.17
C ILE A 65 9.27 1.85 7.16
N TYR A 66 8.85 0.70 6.62
CA TYR A 66 9.72 -0.47 6.55
C TYR A 66 9.95 -0.89 5.10
N ASN A 67 11.22 -1.00 4.72
CA ASN A 67 11.58 -1.40 3.36
C ASN A 67 11.05 -2.80 3.05
N PHE A 68 9.99 -2.87 2.25
CA PHE A 68 9.40 -4.14 1.87
C PHE A 68 9.95 -4.63 0.54
N GLN A 69 9.98 -5.94 0.36
CA GLN A 69 10.49 -6.53 -0.88
C GLN A 69 9.74 -7.82 -1.21
N GLY A 70 8.94 -7.78 -2.28
CA GLY A 70 8.19 -8.94 -2.68
C GLY A 70 8.79 -9.63 -3.89
N SER A 71 7.94 -10.21 -4.73
CA SER A 71 8.39 -10.92 -5.93
C SER A 71 7.67 -10.40 -7.16
N GLY A 72 6.35 -10.33 -7.09
CA GLY A 72 5.57 -9.86 -8.21
C GLY A 72 4.09 -9.76 -7.89
N ALA A 73 3.37 -8.93 -8.64
CA ALA A 73 1.94 -8.74 -8.43
C ALA A 73 1.27 -10.07 -8.09
N PRO A 74 0.13 -10.00 -7.37
CA PRO A 74 -0.43 -8.73 -6.93
C PRO A 74 0.41 -8.05 -5.85
N GLN A 75 1.46 -8.74 -5.42
CA GLN A 75 2.35 -8.21 -4.39
C GLN A 75 3.15 -7.02 -4.92
N LEU A 76 3.11 -5.91 -4.19
CA LEU A 76 3.83 -4.71 -4.58
C LEU A 76 4.96 -4.40 -3.60
N SER A 77 6.09 -3.96 -4.12
CA SER A 77 7.24 -3.62 -3.30
C SER A 77 7.14 -2.19 -2.77
N LEU A 78 7.95 -1.88 -1.76
CA LEU A 78 7.94 -0.55 -1.17
C LEU A 78 9.30 -0.23 -0.56
N GLN A 79 9.61 1.06 -0.45
CA GLN A 79 10.88 1.50 0.12
C GLN A 79 10.65 2.55 1.21
N ILE A 80 11.39 2.42 2.30
CA ILE A 80 11.28 3.35 3.42
C ILE A 80 11.43 4.78 2.95
N GLY A 81 10.51 5.64 3.37
CA GLY A 81 10.56 7.05 2.97
C GLY A 81 9.92 7.30 1.64
N ASP A 82 9.13 6.33 1.16
CA ASP A 82 8.45 6.46 -0.12
C ASP A 82 6.94 6.57 0.07
N VAL A 83 6.33 7.53 -0.63
CA VAL A 83 4.89 7.74 -0.53
C VAL A 83 4.15 7.06 -1.68
N VAL A 84 2.95 6.57 -1.40
CA VAL A 84 2.14 5.90 -2.40
C VAL A 84 0.69 6.37 -2.35
N ARG A 85 0.06 6.44 -3.52
CA ARG A 85 -1.33 6.87 -3.62
C ARG A 85 -2.28 5.72 -3.31
N ILE A 86 -2.82 5.71 -2.10
CA ILE A 86 -3.75 4.67 -1.69
C ILE A 86 -5.08 4.80 -2.40
N GLN A 87 -5.42 3.81 -3.21
CA GLN A 87 -6.67 3.82 -3.97
C GLN A 87 -7.74 3.01 -3.23
N GLU A 88 -7.36 1.85 -2.72
CA GLU A 88 -8.28 0.98 -2.00
C GLU A 88 -7.63 0.40 -0.75
N THR A 89 -8.45 -0.23 0.08
CA THR A 89 -7.94 -0.83 1.32
C THR A 89 -8.60 -2.18 1.58
N CYS A 90 -7.82 -3.25 1.42
CA CYS A 90 -8.33 -4.60 1.63
C CYS A 90 -7.86 -5.14 2.98
N GLY A 91 -8.80 -5.43 3.87
CA GLY A 91 -8.46 -5.96 5.17
C GLY A 91 -7.18 -5.36 5.72
N ASP A 92 -6.22 -6.21 6.03
CA ASP A 92 -4.93 -5.77 6.58
C ASP A 92 -3.93 -5.53 5.45
N TRP A 93 -4.39 -4.95 4.35
CA TRP A 93 -3.54 -4.68 3.21
C TRP A 93 -4.05 -3.49 2.41
N TYR A 94 -3.14 -2.60 2.02
CA TYR A 94 -3.50 -1.40 1.26
C TYR A 94 -3.33 -1.65 -0.24
N ARG A 95 -3.98 -0.81 -1.04
CA ARG A 95 -3.89 -0.93 -2.50
C ARG A 95 -3.48 0.40 -3.13
N GLY A 96 -2.74 0.33 -4.24
CA GLY A 96 -2.30 1.52 -4.92
C GLY A 96 -1.00 1.30 -5.68
N TYR A 97 -0.20 2.35 -5.79
CA TYR A 97 1.07 2.28 -6.50
C TYR A 97 2.03 3.36 -6.04
N LEU A 98 3.23 3.38 -6.62
CA LEU A 98 4.23 4.37 -6.26
C LEU A 98 4.04 5.65 -7.07
N ILE A 99 4.02 6.79 -6.38
CA ILE A 99 3.85 8.08 -7.04
C ILE A 99 5.09 8.47 -7.81
N LYS A 100 6.23 8.50 -7.13
CA LYS A 100 7.50 8.85 -7.75
C LYS A 100 7.71 8.06 -9.04
N HIS A 101 7.04 6.92 -9.14
CA HIS A 101 7.15 6.07 -10.33
C HIS A 101 5.94 5.15 -10.46
N LYS A 102 5.08 5.44 -11.43
CA LYS A 102 3.89 4.65 -11.66
C LYS A 102 4.20 3.44 -12.54
N MET A 103 5.31 2.78 -12.26
CA MET A 103 5.72 1.60 -13.02
C MET A 103 5.35 0.31 -12.29
N LEU A 104 5.25 0.41 -10.96
CA LEU A 104 4.91 -0.75 -10.14
C LEU A 104 3.60 -0.52 -9.39
N GLN A 105 2.68 -1.47 -9.50
CA GLN A 105 1.40 -1.37 -8.83
C GLN A 105 0.99 -2.72 -8.23
N GLY A 106 0.23 -2.67 -7.14
CA GLY A 106 -0.22 -3.89 -6.50
C GLY A 106 -0.77 -3.64 -5.11
N ILE A 107 -0.40 -4.50 -4.17
CA ILE A 107 -0.86 -4.37 -2.79
C ILE A 107 0.30 -4.47 -1.81
N PHE A 108 0.09 -3.97 -0.60
CA PHE A 108 1.12 -4.00 0.44
C PHE A 108 0.50 -4.03 1.83
N PRO A 109 1.28 -4.47 2.81
CA PRO A 109 0.83 -4.55 4.21
C PRO A 109 0.63 -3.18 4.85
N LYS A 110 -0.48 -3.01 5.55
CA LYS A 110 -0.79 -1.75 6.21
C LYS A 110 0.24 -1.44 7.30
N SER A 111 0.70 -2.48 7.99
CA SER A 111 1.68 -2.32 9.06
C SER A 111 2.96 -1.67 8.53
N PHE A 112 3.07 -1.58 7.20
CA PHE A 112 4.23 -0.98 6.57
C PHE A 112 3.93 0.44 6.10
N ILE A 113 2.65 0.73 5.87
CA ILE A 113 2.23 2.05 5.41
C ILE A 113 1.90 2.95 6.59
N HIS A 114 2.53 4.11 6.64
CA HIS A 114 2.30 5.08 7.71
C HIS A 114 1.42 6.23 7.23
N ILE A 115 0.13 6.14 7.51
CA ILE A 115 -0.81 7.18 7.11
C ILE A 115 -0.53 8.50 7.83
N LYS A 116 -0.33 9.55 7.05
CA LYS A 116 -0.06 10.87 7.61
C LYS A 116 -1.35 11.58 8.03
N GLU A 117 -2.30 10.80 8.54
CA GLU A 117 -3.58 11.35 8.97
C GLU A 117 -4.00 12.51 8.08
N VAL A 118 -3.93 12.30 6.77
CA VAL A 118 -4.31 13.33 5.81
C VAL A 118 -5.82 13.38 5.62
N THR A 119 -6.47 12.22 5.73
CA THR A 119 -7.91 12.11 5.56
C THR A 119 -8.53 11.28 6.68
N GLY A 1 -2.64 -4.68 32.68
CA GLY A 1 -1.28 -4.19 32.70
C GLY A 1 -1.11 -2.91 31.91
N SER A 2 -0.50 -1.90 32.53
CA SER A 2 -0.28 -0.62 31.89
C SER A 2 1.17 -0.18 32.01
N SER A 3 1.66 -0.11 33.24
CA SER A 3 3.03 0.30 33.50
C SER A 3 3.94 -0.92 33.64
N GLY A 4 5.20 -0.76 33.24
CA GLY A 4 6.15 -1.85 33.33
C GLY A 4 6.72 -2.24 31.97
N SER A 5 6.07 -3.19 31.31
CA SER A 5 6.51 -3.65 30.00
C SER A 5 6.97 -2.48 29.13
N SER A 6 6.12 -1.46 29.02
CA SER A 6 6.43 -0.29 28.22
C SER A 6 7.87 0.17 28.48
N GLY A 7 8.51 0.72 27.45
CA GLY A 7 9.87 1.19 27.58
C GLY A 7 10.32 2.01 26.39
N ARG A 8 10.70 1.33 25.31
CA ARG A 8 11.16 2.00 24.10
C ARG A 8 11.99 3.23 24.44
N LEU A 9 12.80 3.11 25.49
CA LEU A 9 13.66 4.21 25.92
C LEU A 9 14.87 4.36 25.00
N LEU A 10 14.95 3.50 24.00
CA LEU A 10 16.05 3.52 23.05
C LEU A 10 15.96 4.75 22.15
N ASP A 11 14.84 5.46 22.23
CA ASP A 11 14.62 6.65 21.42
C ASP A 11 13.43 7.45 21.94
N LEU A 12 13.70 8.60 22.54
CA LEU A 12 12.65 9.45 23.07
C LEU A 12 12.42 10.66 22.16
N GLU A 13 12.55 10.45 20.86
CA GLU A 13 12.36 11.52 19.89
C GLU A 13 10.89 11.60 19.46
N ASN A 14 10.00 11.41 20.43
CA ASN A 14 8.56 11.46 20.15
C ASN A 14 8.20 10.57 18.97
N ILE A 15 8.80 9.38 18.93
CA ILE A 15 8.55 8.43 17.86
C ILE A 15 7.69 7.27 18.35
N GLN A 16 6.79 6.79 17.49
CA GLN A 16 5.91 5.68 17.84
C GLN A 16 6.29 4.42 17.07
N ILE A 17 7.59 4.23 16.87
CA ILE A 17 8.09 3.06 16.15
C ILE A 17 8.64 2.02 17.12
N PRO A 18 8.29 0.75 16.87
CA PRO A 18 8.74 -0.37 17.71
C PRO A 18 10.23 -0.64 17.55
N ASP A 19 10.72 -1.63 18.29
CA ASP A 19 12.14 -2.00 18.23
C ASP A 19 12.45 -2.74 16.94
N ALA A 20 11.59 -3.69 16.58
CA ALA A 20 11.77 -4.48 15.37
C ALA A 20 10.47 -4.54 14.55
N PRO A 21 10.60 -4.85 13.26
CA PRO A 21 9.45 -4.95 12.35
C PRO A 21 8.58 -6.16 12.64
N PRO A 22 7.26 -5.96 12.62
CA PRO A 22 6.30 -7.04 12.88
C PRO A 22 6.27 -8.08 11.76
N PRO A 23 5.78 -9.29 12.09
CA PRO A 23 5.69 -10.39 11.13
C PRO A 23 4.62 -10.14 10.06
N ILE A 24 5.06 -9.91 8.83
CA ILE A 24 4.13 -9.65 7.73
C ILE A 24 2.85 -10.47 7.89
N PRO A 25 1.71 -9.85 7.59
CA PRO A 25 0.40 -10.49 7.69
C PRO A 25 0.20 -11.56 6.62
N LYS A 26 -0.97 -12.18 6.63
CA LYS A 26 -1.29 -13.22 5.66
C LYS A 26 -1.94 -12.63 4.41
N GLU A 27 -1.44 -13.02 3.25
CA GLU A 27 -1.98 -12.54 1.98
C GLU A 27 -3.49 -12.73 1.92
N PRO A 28 -4.21 -11.60 1.73
CA PRO A 28 -5.68 -11.62 1.64
C PRO A 28 -6.18 -12.27 0.36
N SER A 29 -7.09 -13.23 0.51
CA SER A 29 -7.64 -13.94 -0.64
C SER A 29 -9.05 -13.45 -0.95
N ASN A 30 -9.64 -13.97 -2.02
CA ASN A 30 -10.99 -13.59 -2.42
C ASN A 30 -11.10 -12.08 -2.57
N TYR A 31 -10.06 -11.47 -3.14
CA TYR A 31 -10.05 -10.02 -3.34
C TYR A 31 -11.41 -9.52 -3.80
N ASP A 32 -11.73 -8.28 -3.45
CA ASP A 32 -13.00 -7.68 -3.83
C ASP A 32 -12.94 -7.14 -5.25
N PHE A 33 -12.03 -6.19 -5.48
CA PHE A 33 -11.87 -5.58 -6.79
C PHE A 33 -11.46 -6.63 -7.83
N SER A 34 -12.25 -6.72 -8.90
CA SER A 34 -11.97 -7.69 -9.96
C SER A 34 -12.62 -7.25 -11.27
N GLY A 35 -11.88 -7.40 -12.36
CA GLY A 35 -12.39 -7.01 -13.66
C GLY A 35 -13.24 -8.10 -14.30
N PRO A 36 -13.39 -8.03 -15.63
CA PRO A 36 -14.19 -9.01 -16.38
C PRO A 36 -13.53 -10.39 -16.42
N SER A 37 -12.39 -10.51 -15.74
CA SER A 37 -11.66 -11.78 -15.70
C SER A 37 -12.60 -12.94 -15.42
N SER A 38 -13.71 -12.65 -14.74
CA SER A 38 -14.69 -13.68 -14.41
C SER A 38 -15.05 -14.50 -15.64
N GLY A 39 -14.88 -15.81 -15.53
CA GLY A 39 -15.19 -16.69 -16.65
C GLY A 39 -13.96 -17.41 -17.19
N ILE A 40 -13.34 -18.22 -16.34
CA ILE A 40 -12.15 -18.97 -16.74
C ILE A 40 -12.13 -20.34 -16.10
N GLU A 41 -11.11 -21.14 -16.45
CA GLU A 41 -10.97 -22.49 -15.90
C GLU A 41 -9.75 -22.57 -14.99
N GLY A 42 -8.62 -22.06 -15.47
CA GLY A 42 -7.40 -22.09 -14.69
C GLY A 42 -6.17 -21.74 -15.52
N ARG A 43 -6.23 -20.60 -16.20
CA ARG A 43 -5.12 -20.16 -17.04
C ARG A 43 -4.43 -18.95 -16.42
N GLY A 44 -3.14 -18.79 -16.73
CA GLY A 44 -2.38 -17.67 -16.19
C GLY A 44 -2.15 -16.58 -17.21
N SER A 45 -2.87 -15.48 -17.06
CA SER A 45 -2.74 -14.35 -17.98
C SER A 45 -2.82 -13.02 -17.24
N SER A 46 -2.60 -11.93 -17.96
CA SER A 46 -2.65 -10.60 -17.37
C SER A 46 -4.08 -10.10 -17.24
N GLY A 47 -4.27 -9.03 -16.48
CA GLY A 47 -5.60 -8.47 -16.29
C GLY A 47 -5.68 -7.03 -16.71
N SER A 48 -5.51 -6.12 -15.75
CA SER A 48 -5.58 -4.69 -16.03
C SER A 48 -4.74 -4.33 -17.24
N SER A 49 -5.05 -3.19 -17.86
CA SER A 49 -4.32 -2.74 -19.04
C SER A 49 -3.82 -1.32 -18.86
N GLY A 50 -4.73 -0.42 -18.50
CA GLY A 50 -4.36 0.98 -18.29
C GLY A 50 -5.46 1.77 -17.63
N SER A 51 -5.55 1.67 -16.30
CA SER A 51 -6.56 2.38 -15.54
C SER A 51 -6.40 3.89 -15.71
N SER A 52 -7.53 4.59 -15.80
CA SER A 52 -7.52 6.04 -15.97
C SER A 52 -7.78 6.74 -14.63
N GLY A 53 -7.36 8.00 -14.54
CA GLY A 53 -7.55 8.75 -13.32
C GLY A 53 -9.00 9.07 -13.06
N SER A 54 -9.32 9.43 -11.82
CA SER A 54 -10.69 9.75 -11.44
C SER A 54 -10.72 10.86 -10.39
N SER A 55 -11.20 12.03 -10.78
CA SER A 55 -11.29 13.17 -9.87
C SER A 55 -12.41 12.98 -8.87
N GLY A 56 -12.31 13.69 -7.74
CA GLY A 56 -13.32 13.59 -6.71
C GLY A 56 -12.93 12.64 -5.60
N ASP A 57 -12.67 11.38 -5.95
CA ASP A 57 -12.27 10.37 -4.98
C ASP A 57 -11.34 10.97 -3.92
N LYS A 58 -11.42 10.44 -2.70
CA LYS A 58 -10.59 10.91 -1.61
C LYS A 58 -9.54 9.87 -1.23
N GLU A 59 -8.38 9.96 -1.87
CA GLU A 59 -7.29 9.02 -1.60
C GLU A 59 -6.59 9.37 -0.29
N ARG A 60 -5.82 8.43 0.23
CA ARG A 60 -5.09 8.62 1.47
C ARG A 60 -3.59 8.71 1.22
N HIS A 61 -2.90 9.49 2.06
CA HIS A 61 -1.46 9.66 1.92
C HIS A 61 -0.71 8.80 2.93
N GLY A 62 0.19 7.96 2.43
CA GLY A 62 0.95 7.09 3.31
C GLY A 62 2.45 7.18 3.05
N VAL A 63 3.23 6.58 3.94
CA VAL A 63 4.68 6.60 3.81
C VAL A 63 5.29 5.28 4.29
N ALA A 64 6.11 4.67 3.43
CA ALA A 64 6.76 3.41 3.76
C ALA A 64 7.76 3.58 4.90
N ILE A 65 7.55 2.84 5.97
CA ILE A 65 8.43 2.91 7.13
C ILE A 65 9.37 1.71 7.19
N TYR A 66 8.89 0.57 6.72
CA TYR A 66 9.69 -0.65 6.71
C TYR A 66 9.94 -1.13 5.28
N ASN A 67 11.21 -1.42 4.99
CA ASN A 67 11.60 -1.88 3.66
C ASN A 67 10.95 -3.22 3.35
N PHE A 68 10.04 -3.23 2.38
CA PHE A 68 9.35 -4.44 1.98
C PHE A 68 9.85 -4.94 0.63
N GLN A 69 10.16 -6.22 0.55
CA GLN A 69 10.65 -6.83 -0.68
C GLN A 69 9.66 -7.85 -1.23
N GLY A 70 9.06 -7.54 -2.37
CA GLY A 70 8.11 -8.44 -2.99
C GLY A 70 8.72 -9.31 -4.07
N SER A 71 7.90 -10.13 -4.72
CA SER A 71 8.37 -11.01 -5.78
C SER A 71 7.69 -10.68 -7.10
N GLY A 72 6.38 -10.47 -7.05
CA GLY A 72 5.63 -10.15 -8.25
C GLY A 72 4.14 -10.03 -7.99
N ALA A 73 3.47 -9.18 -8.77
CA ALA A 73 2.03 -8.99 -8.62
C ALA A 73 1.33 -10.29 -8.26
N PRO A 74 0.22 -10.17 -7.51
CA PRO A 74 -0.31 -8.89 -7.07
C PRO A 74 0.58 -8.22 -6.01
N GLN A 75 1.63 -8.92 -5.63
CA GLN A 75 2.56 -8.40 -4.62
C GLN A 75 3.34 -7.21 -5.17
N LEU A 76 3.50 -6.18 -4.35
CA LEU A 76 4.22 -4.98 -4.74
C LEU A 76 5.30 -4.63 -3.73
N SER A 77 6.47 -4.23 -4.21
CA SER A 77 7.58 -3.86 -3.34
C SER A 77 7.40 -2.44 -2.81
N LEU A 78 8.19 -2.10 -1.80
CA LEU A 78 8.14 -0.77 -1.20
C LEU A 78 9.49 -0.36 -0.63
N GLN A 79 9.72 0.95 -0.53
CA GLN A 79 10.97 1.46 0.00
C GLN A 79 10.72 2.50 1.08
N ILE A 80 11.43 2.37 2.20
CA ILE A 80 11.29 3.30 3.32
C ILE A 80 11.48 4.74 2.86
N GLY A 81 10.45 5.56 3.07
CA GLY A 81 10.52 6.96 2.69
C GLY A 81 9.82 7.22 1.37
N ASP A 82 8.93 6.32 0.97
CA ASP A 82 8.18 6.45 -0.27
C ASP A 82 6.72 6.75 0.00
N VAL A 83 6.10 7.49 -0.90
CA VAL A 83 4.68 7.85 -0.76
C VAL A 83 3.83 7.18 -1.83
N VAL A 84 2.98 6.25 -1.40
CA VAL A 84 2.11 5.54 -2.33
C VAL A 84 0.66 5.99 -2.18
N ARG A 85 0.02 6.26 -3.32
CA ARG A 85 -1.37 6.71 -3.32
C ARG A 85 -2.31 5.57 -2.92
N ILE A 86 -2.91 5.69 -1.75
CA ILE A 86 -3.83 4.67 -1.26
C ILE A 86 -5.22 4.83 -1.88
N GLN A 87 -5.62 3.85 -2.69
CA GLN A 87 -6.91 3.88 -3.35
C GLN A 87 -7.94 3.09 -2.55
N GLU A 88 -7.55 1.91 -2.07
CA GLU A 88 -8.45 1.06 -1.29
C GLU A 88 -7.70 0.40 -0.14
N THR A 89 -8.44 -0.30 0.72
CA THR A 89 -7.86 -0.98 1.87
C THR A 89 -8.56 -2.28 2.16
N CYS A 90 -7.84 -3.39 2.02
CA CYS A 90 -8.40 -4.71 2.26
C CYS A 90 -7.66 -5.42 3.39
N GLY A 91 -8.35 -5.68 4.49
CA GLY A 91 -7.73 -6.36 5.61
C GLY A 91 -6.44 -5.69 6.05
N ASP A 92 -5.37 -6.48 6.13
CA ASP A 92 -4.07 -5.96 6.53
C ASP A 92 -3.22 -5.64 5.32
N TRP A 93 -3.84 -5.12 4.27
CA TRP A 93 -3.14 -4.77 3.05
C TRP A 93 -3.86 -3.65 2.30
N TYR A 94 -3.09 -2.69 1.79
CA TYR A 94 -3.66 -1.57 1.07
C TYR A 94 -3.67 -1.84 -0.44
N ARG A 95 -4.27 -0.92 -1.20
CA ARG A 95 -4.34 -1.08 -2.64
C ARG A 95 -4.03 0.25 -3.34
N GLY A 96 -2.87 0.31 -3.98
CA GLY A 96 -2.46 1.52 -4.67
C GLY A 96 -1.25 1.30 -5.57
N TYR A 97 -0.43 2.33 -5.71
CA TYR A 97 0.76 2.24 -6.55
C TYR A 97 1.79 3.29 -6.13
N LEU A 98 3.05 3.07 -6.54
CA LEU A 98 4.13 3.99 -6.20
C LEU A 98 3.98 5.30 -6.96
N ILE A 99 3.76 6.39 -6.23
CA ILE A 99 3.61 7.70 -6.83
C ILE A 99 4.83 8.07 -7.67
N LYS A 100 6.01 8.02 -7.05
CA LYS A 100 7.25 8.36 -7.73
C LYS A 100 7.39 7.53 -9.01
N HIS A 101 6.75 6.37 -9.04
CA HIS A 101 6.81 5.49 -10.21
C HIS A 101 5.48 4.77 -10.41
N LYS A 102 4.71 5.22 -11.40
CA LYS A 102 3.42 4.62 -11.70
C LYS A 102 3.59 3.38 -12.58
N MET A 103 4.71 2.70 -12.42
CA MET A 103 4.99 1.50 -13.20
C MET A 103 4.86 0.25 -12.35
N LEU A 104 4.91 0.43 -11.03
CA LEU A 104 4.80 -0.69 -10.10
C LEU A 104 3.50 -0.62 -9.31
N GLN A 105 2.52 -1.42 -9.72
CA GLN A 105 1.22 -1.45 -9.06
C GLN A 105 0.98 -2.80 -8.41
N GLY A 106 0.24 -2.80 -7.30
CA GLY A 106 -0.05 -4.04 -6.61
C GLY A 106 -0.62 -3.80 -5.22
N ILE A 107 -0.23 -4.64 -4.27
CA ILE A 107 -0.71 -4.52 -2.89
C ILE A 107 0.45 -4.57 -1.91
N PHE A 108 0.18 -4.14 -0.67
CA PHE A 108 1.19 -4.14 0.38
C PHE A 108 0.55 -4.08 1.76
N PRO A 109 1.31 -4.49 2.79
CA PRO A 109 0.85 -4.48 4.17
C PRO A 109 0.68 -3.06 4.72
N LYS A 110 -0.56 -2.70 5.03
CA LYS A 110 -0.86 -1.37 5.57
C LYS A 110 0.01 -1.08 6.79
N SER A 111 0.28 -2.11 7.58
CA SER A 111 1.09 -1.97 8.78
C SER A 111 2.46 -1.39 8.45
N PHE A 112 2.80 -1.40 7.16
CA PHE A 112 4.08 -0.88 6.70
C PHE A 112 3.93 0.55 6.17
N ILE A 113 2.69 0.95 5.95
CA ILE A 113 2.41 2.29 5.44
C ILE A 113 1.97 3.23 6.55
N HIS A 114 2.65 4.36 6.67
CA HIS A 114 2.33 5.34 7.69
C HIS A 114 1.40 6.42 7.15
N ILE A 115 0.16 6.41 7.62
CA ILE A 115 -0.83 7.39 7.17
C ILE A 115 -0.58 8.76 7.81
N LYS A 116 -0.10 9.69 6.99
CA LYS A 116 0.19 11.04 7.46
C LYS A 116 -1.08 11.88 7.50
N GLU A 117 -1.74 11.89 8.65
CA GLU A 117 -2.98 12.66 8.81
C GLU A 117 -2.67 14.05 9.37
N VAL A 118 -1.71 14.72 8.77
CA VAL A 118 -1.32 16.07 9.21
C VAL A 118 -2.26 17.12 8.63
N THR A 119 -2.94 16.77 7.55
CA THR A 119 -3.87 17.69 6.90
C THR A 119 -5.26 17.60 7.52
N GLY A 1 -18.73 -16.02 27.31
CA GLY A 1 -17.85 -15.40 26.34
C GLY A 1 -17.31 -14.07 26.81
N SER A 2 -16.19 -13.65 26.23
CA SER A 2 -15.57 -12.38 26.61
C SER A 2 -14.86 -11.75 25.42
N SER A 3 -14.62 -10.44 25.50
CA SER A 3 -13.96 -9.72 24.43
C SER A 3 -12.89 -8.77 24.99
N GLY A 4 -12.08 -8.20 24.10
CA GLY A 4 -11.05 -7.29 24.52
C GLY A 4 -11.59 -6.08 25.26
N SER A 5 -10.88 -4.97 25.18
CA SER A 5 -11.29 -3.74 25.87
C SER A 5 -10.58 -2.53 25.29
N SER A 6 -11.31 -1.44 25.12
CA SER A 6 -10.75 -0.21 24.56
C SER A 6 -10.78 0.91 25.60
N GLY A 7 -9.95 1.93 25.38
CA GLY A 7 -9.89 3.04 26.30
C GLY A 7 -9.07 4.20 25.76
N ARG A 8 -8.81 5.19 26.61
CA ARG A 8 -8.03 6.35 26.21
C ARG A 8 -6.76 6.47 27.07
N LEU A 9 -5.69 6.95 26.45
CA LEU A 9 -4.42 7.12 27.14
C LEU A 9 -3.59 8.21 26.48
N LEU A 10 -3.38 9.31 27.21
CA LEU A 10 -2.59 10.43 26.70
C LEU A 10 -1.33 9.93 25.99
N ASP A 11 -0.92 10.64 24.95
CA ASP A 11 0.27 10.28 24.19
C ASP A 11 0.60 11.34 23.15
N LEU A 12 1.72 12.04 23.37
CA LEU A 12 2.15 13.09 22.46
C LEU A 12 1.82 12.72 21.01
N GLU A 13 2.29 11.55 20.58
CA GLU A 13 2.04 11.09 19.22
C GLU A 13 0.96 10.01 19.20
N ASN A 14 0.19 9.97 18.12
CA ASN A 14 -0.88 8.99 17.98
C ASN A 14 -0.34 7.66 17.49
N ILE A 15 0.52 7.70 16.48
CA ILE A 15 1.12 6.49 15.92
C ILE A 15 2.18 5.93 16.85
N GLN A 16 2.24 4.61 16.95
CA GLN A 16 3.21 3.94 17.80
C GLN A 16 3.92 2.82 17.05
N ILE A 17 5.04 3.15 16.43
CA ILE A 17 5.82 2.16 15.68
C ILE A 17 6.97 1.61 16.52
N PRO A 18 7.17 0.29 16.45
CA PRO A 18 8.24 -0.39 17.19
C PRO A 18 9.62 -0.05 16.64
N ASP A 19 10.65 -0.65 17.23
CA ASP A 19 12.02 -0.42 16.81
C ASP A 19 12.38 -1.31 15.63
N ALA A 20 11.85 -2.53 15.63
CA ALA A 20 12.12 -3.47 14.55
C ALA A 20 10.84 -3.79 13.77
N PRO A 21 11.02 -4.25 12.52
CA PRO A 21 9.89 -4.60 11.64
C PRO A 21 9.16 -5.85 12.11
N PRO A 22 7.84 -5.71 12.35
CA PRO A 22 6.99 -6.82 12.79
C PRO A 22 6.79 -7.87 11.71
N PRO A 23 6.42 -9.09 12.13
CA PRO A 23 6.19 -10.21 11.21
C PRO A 23 4.94 -10.01 10.37
N ILE A 24 5.12 -9.87 9.06
CA ILE A 24 4.01 -9.67 8.14
C ILE A 24 2.97 -10.78 8.30
N PRO A 25 1.69 -10.39 8.29
CA PRO A 25 0.58 -11.33 8.43
C PRO A 25 0.41 -12.22 7.21
N LYS A 26 -0.56 -13.13 7.27
CA LYS A 26 -0.82 -14.04 6.17
C LYS A 26 -1.55 -13.33 5.03
N GLU A 27 -0.88 -13.21 3.89
CA GLU A 27 -1.48 -12.56 2.72
C GLU A 27 -2.97 -12.84 2.65
N PRO A 28 -3.76 -11.76 2.55
CA PRO A 28 -5.22 -11.86 2.46
C PRO A 28 -5.69 -12.45 1.13
N SER A 29 -6.38 -13.58 1.19
CA SER A 29 -6.88 -14.24 -0.01
C SER A 29 -8.28 -13.76 -0.35
N ASN A 30 -8.47 -12.44 -0.35
CA ASN A 30 -9.78 -11.85 -0.65
C ASN A 30 -9.61 -10.67 -1.61
N TYR A 31 -8.76 -10.83 -2.61
CA TYR A 31 -8.51 -9.78 -3.59
C TYR A 31 -8.78 -10.28 -5.00
N ASP A 32 -9.80 -11.11 -5.15
CA ASP A 32 -10.17 -11.66 -6.45
C ASP A 32 -10.60 -10.55 -7.41
N PHE A 33 -11.34 -9.57 -6.89
CA PHE A 33 -11.82 -8.46 -7.70
C PHE A 33 -10.78 -8.08 -8.76
N SER A 34 -11.24 -7.97 -10.00
CA SER A 34 -10.36 -7.62 -11.10
C SER A 34 -10.47 -6.13 -11.45
N GLY A 35 -9.60 -5.32 -10.84
CA GLY A 35 -9.62 -3.89 -11.09
C GLY A 35 -9.08 -3.53 -12.45
N PRO A 36 -8.61 -2.28 -12.60
CA PRO A 36 -8.05 -1.78 -13.85
C PRO A 36 -6.72 -2.43 -14.20
N SER A 37 -6.29 -3.37 -13.36
CA SER A 37 -5.02 -4.07 -13.57
C SER A 37 -4.74 -4.25 -15.06
N SER A 38 -5.74 -4.75 -15.78
CA SER A 38 -5.60 -4.98 -17.22
C SER A 38 -4.18 -5.40 -17.57
N GLY A 39 -3.67 -6.41 -16.86
CA GLY A 39 -2.33 -6.89 -17.11
C GLY A 39 -2.32 -8.25 -17.80
N ILE A 40 -3.11 -9.17 -17.30
CA ILE A 40 -3.19 -10.51 -17.87
C ILE A 40 -4.60 -10.81 -18.38
N GLU A 41 -5.29 -9.77 -18.82
CA GLU A 41 -6.65 -9.91 -19.33
C GLU A 41 -6.68 -10.84 -20.54
N GLY A 42 -7.87 -11.31 -20.90
CA GLY A 42 -8.00 -12.19 -22.04
C GLY A 42 -7.02 -11.87 -23.15
N ARG A 43 -6.00 -12.70 -23.31
CA ARG A 43 -4.99 -12.49 -24.34
C ARG A 43 -5.60 -11.83 -25.57
N GLY A 44 -5.08 -10.66 -25.94
CA GLY A 44 -5.60 -9.96 -27.11
C GLY A 44 -5.37 -8.46 -27.02
N SER A 45 -4.20 -8.08 -26.52
CA SER A 45 -3.86 -6.66 -26.39
C SER A 45 -5.08 -5.85 -25.99
N SER A 46 -5.89 -6.41 -25.10
CA SER A 46 -7.10 -5.74 -24.63
C SER A 46 -6.83 -4.97 -23.34
N GLY A 47 -7.81 -4.16 -22.93
CA GLY A 47 -7.65 -3.38 -21.72
C GLY A 47 -8.40 -2.06 -21.77
N SER A 48 -9.67 -2.09 -21.38
CA SER A 48 -10.49 -0.89 -21.40
C SER A 48 -10.87 -0.47 -19.98
N SER A 49 -11.09 0.83 -19.78
CA SER A 49 -11.45 1.35 -18.47
C SER A 49 -12.82 0.82 -18.04
N GLY A 50 -12.91 0.41 -16.77
CA GLY A 50 -14.16 -0.11 -16.26
C GLY A 50 -15.16 0.98 -15.93
N SER A 51 -16.09 0.68 -15.04
CA SER A 51 -17.11 1.64 -14.65
C SER A 51 -16.64 2.48 -13.46
N SER A 52 -17.30 3.60 -13.24
CA SER A 52 -16.95 4.50 -12.14
C SER A 52 -17.38 3.91 -10.79
N GLY A 53 -16.40 3.45 -10.02
CA GLY A 53 -16.69 2.86 -8.72
C GLY A 53 -15.89 3.49 -7.61
N SER A 54 -14.56 3.38 -7.69
CA SER A 54 -13.68 3.94 -6.68
C SER A 54 -13.79 5.46 -6.64
N SER A 55 -14.65 5.96 -5.76
CA SER A 55 -14.85 7.40 -5.62
C SER A 55 -13.55 8.10 -5.24
N GLY A 56 -12.92 7.61 -4.18
CA GLY A 56 -11.67 8.21 -3.72
C GLY A 56 -11.63 9.71 -3.92
N ASP A 57 -12.23 10.44 -2.99
CA ASP A 57 -12.27 11.90 -3.06
C ASP A 57 -10.95 12.50 -2.58
N LYS A 58 -10.52 12.10 -1.38
CA LYS A 58 -9.28 12.60 -0.81
C LYS A 58 -8.35 11.44 -0.45
N GLU A 59 -7.66 10.90 -1.45
CA GLU A 59 -6.74 9.80 -1.23
C GLU A 59 -5.91 10.02 0.03
N ARG A 60 -5.43 8.92 0.61
CA ARG A 60 -4.61 9.00 1.82
C ARG A 60 -3.13 8.95 1.50
N HIS A 61 -2.36 9.79 2.17
CA HIS A 61 -0.91 9.84 1.96
C HIS A 61 -0.19 8.87 2.88
N GLY A 62 0.56 7.94 2.31
CA GLY A 62 1.30 6.97 3.09
C GLY A 62 2.77 6.94 2.75
N VAL A 63 3.58 6.45 3.67
CA VAL A 63 5.03 6.36 3.46
C VAL A 63 5.58 5.06 4.02
N ALA A 64 6.32 4.33 3.19
CA ALA A 64 6.92 3.07 3.59
C ALA A 64 7.97 3.28 4.68
N ILE A 65 7.92 2.45 5.71
CA ILE A 65 8.87 2.55 6.81
C ILE A 65 9.80 1.34 6.85
N TYR A 66 9.31 0.21 6.37
CA TYR A 66 10.09 -1.02 6.34
C TYR A 66 10.26 -1.54 4.91
N ASN A 67 11.50 -1.86 4.55
CA ASN A 67 11.79 -2.36 3.21
C ASN A 67 11.03 -3.66 2.94
N PHE A 68 10.12 -3.60 1.98
CA PHE A 68 9.32 -4.77 1.62
C PHE A 68 9.74 -5.32 0.26
N GLN A 69 9.82 -6.64 0.16
CA GLN A 69 10.21 -7.29 -1.09
C GLN A 69 9.14 -8.27 -1.56
N GLY A 70 8.56 -8.00 -2.72
CA GLY A 70 7.52 -8.86 -3.26
C GLY A 70 8.01 -9.67 -4.44
N SER A 71 7.09 -10.39 -5.08
CA SER A 71 7.43 -11.22 -6.23
C SER A 71 6.65 -10.77 -7.47
N GLY A 72 5.34 -10.60 -7.30
CA GLY A 72 4.50 -10.18 -8.41
C GLY A 72 3.06 -9.95 -7.99
N ALA A 73 2.37 -9.09 -8.73
CA ALA A 73 0.98 -8.77 -8.43
C ALA A 73 0.23 -10.02 -7.97
N PRO A 74 -0.84 -9.82 -7.19
CA PRO A 74 -1.28 -8.47 -6.78
C PRO A 74 -0.30 -7.82 -5.80
N GLN A 75 0.72 -8.57 -5.41
CA GLN A 75 1.73 -8.06 -4.48
C GLN A 75 2.57 -6.97 -5.12
N LEU A 76 2.95 -5.97 -4.32
CA LEU A 76 3.75 -4.86 -4.82
C LEU A 76 4.93 -4.59 -3.88
N SER A 77 6.08 -4.28 -4.47
CA SER A 77 7.28 -3.99 -3.69
C SER A 77 7.22 -2.58 -3.10
N LEU A 78 8.12 -2.30 -2.16
CA LEU A 78 8.18 -0.99 -1.53
C LEU A 78 9.57 -0.71 -0.97
N GLN A 79 9.93 0.56 -0.88
CA GLN A 79 11.23 0.95 -0.36
C GLN A 79 11.08 1.99 0.74
N ILE A 80 11.79 1.78 1.85
CA ILE A 80 11.74 2.70 2.97
C ILE A 80 11.95 4.14 2.51
N GLY A 81 10.99 5.01 2.84
CA GLY A 81 11.09 6.40 2.46
C GLY A 81 10.36 6.69 1.16
N ASP A 82 9.42 5.83 0.80
CA ASP A 82 8.65 6.00 -0.43
C ASP A 82 7.21 6.38 -0.12
N VAL A 83 6.68 7.32 -0.90
CA VAL A 83 5.30 7.77 -0.70
C VAL A 83 4.38 7.21 -1.78
N VAL A 84 3.47 6.32 -1.37
CA VAL A 84 2.53 5.72 -2.30
C VAL A 84 1.11 6.24 -2.08
N ARG A 85 0.37 6.39 -3.17
CA ARG A 85 -1.01 6.88 -3.09
C ARG A 85 -1.97 5.76 -2.71
N ILE A 86 -2.69 5.96 -1.63
CA ILE A 86 -3.66 4.96 -1.16
C ILE A 86 -5.03 5.19 -1.78
N GLN A 87 -5.54 4.18 -2.47
CA GLN A 87 -6.84 4.27 -3.11
C GLN A 87 -7.88 3.45 -2.35
N GLU A 88 -7.49 2.26 -1.91
CA GLU A 88 -8.39 1.38 -1.16
C GLU A 88 -7.70 0.81 0.08
N THR A 89 -8.49 0.53 1.11
CA THR A 89 -7.95 -0.02 2.34
C THR A 89 -8.79 -1.20 2.84
N CYS A 90 -8.21 -2.39 2.81
CA CYS A 90 -8.90 -3.58 3.26
C CYS A 90 -8.09 -4.33 4.31
N GLY A 91 -8.77 -4.84 5.32
CA GLY A 91 -8.09 -5.57 6.38
C GLY A 91 -6.79 -4.91 6.80
N ASP A 92 -5.70 -5.68 6.74
CA ASP A 92 -4.38 -5.16 7.12
C ASP A 92 -3.50 -5.00 5.89
N TRP A 93 -4.07 -4.42 4.84
CA TRP A 93 -3.32 -4.21 3.60
C TRP A 93 -3.90 -3.04 2.81
N TYR A 94 -3.01 -2.20 2.27
CA TYR A 94 -3.44 -1.03 1.51
C TYR A 94 -3.48 -1.35 0.01
N ARG A 95 -4.18 -0.52 -0.75
CA ARG A 95 -4.31 -0.71 -2.19
C ARG A 95 -4.02 0.60 -2.93
N GLY A 96 -2.94 0.61 -3.70
CA GLY A 96 -2.58 1.79 -4.45
C GLY A 96 -1.38 1.57 -5.35
N TYR A 97 -0.54 2.59 -5.47
CA TYR A 97 0.65 2.50 -6.31
C TYR A 97 1.70 3.53 -5.89
N LEU A 98 2.92 3.33 -6.37
CA LEU A 98 4.02 4.24 -6.03
C LEU A 98 3.89 5.55 -6.80
N ILE A 99 3.73 6.65 -6.08
CA ILE A 99 3.60 7.96 -6.69
C ILE A 99 4.84 8.33 -7.48
N LYS A 100 6.00 8.27 -6.83
CA LYS A 100 7.26 8.59 -7.47
C LYS A 100 7.41 7.83 -8.78
N HIS A 101 6.78 6.66 -8.85
CA HIS A 101 6.84 5.84 -10.05
C HIS A 101 5.55 5.03 -10.23
N LYS A 102 4.72 5.45 -11.16
CA LYS A 102 3.45 4.77 -11.43
C LYS A 102 3.66 3.59 -12.38
N MET A 103 4.84 2.97 -12.29
CA MET A 103 5.15 1.83 -13.14
C MET A 103 4.89 0.51 -12.40
N LEU A 104 4.61 0.62 -11.10
CA LEU A 104 4.32 -0.56 -10.29
C LEU A 104 3.08 -0.34 -9.43
N GLN A 105 2.10 -1.23 -9.57
CA GLN A 105 0.87 -1.13 -8.80
C GLN A 105 0.53 -2.47 -8.14
N GLY A 106 -0.14 -2.40 -7.00
CA GLY A 106 -0.51 -3.61 -6.29
C GLY A 106 -0.97 -3.34 -4.87
N ILE A 107 -0.68 -4.27 -3.96
CA ILE A 107 -1.07 -4.12 -2.56
C ILE A 107 0.13 -4.30 -1.63
N PHE A 108 -0.04 -3.88 -0.38
CA PHE A 108 1.03 -4.00 0.61
C PHE A 108 0.46 -3.94 2.03
N PRO A 109 1.25 -4.42 2.99
CA PRO A 109 0.86 -4.43 4.41
C PRO A 109 0.80 -3.03 5.00
N LYS A 110 -0.36 -2.66 5.53
CA LYS A 110 -0.54 -1.35 6.14
C LYS A 110 0.50 -1.10 7.22
N SER A 111 0.91 -2.16 7.90
CA SER A 111 1.91 -2.05 8.96
C SER A 111 3.22 -1.50 8.41
N PHE A 112 3.33 -1.46 7.10
CA PHE A 112 4.54 -0.96 6.44
C PHE A 112 4.32 0.45 5.91
N ILE A 113 3.06 0.84 5.78
CA ILE A 113 2.71 2.16 5.28
C ILE A 113 2.38 3.11 6.43
N HIS A 114 3.01 4.28 6.43
CA HIS A 114 2.79 5.28 7.46
C HIS A 114 1.92 6.42 6.94
N ILE A 115 0.72 6.55 7.50
CA ILE A 115 -0.20 7.60 7.08
C ILE A 115 0.29 8.97 7.53
N LYS A 116 0.57 9.84 6.57
CA LYS A 116 1.05 11.18 6.86
C LYS A 116 -0.09 12.08 7.30
N GLU A 117 -0.91 11.58 8.22
CA GLU A 117 -2.05 12.33 8.74
C GLU A 117 -1.67 13.09 10.01
N VAL A 118 -1.15 14.31 9.84
CA VAL A 118 -0.75 15.12 10.97
C VAL A 118 -1.97 15.68 11.71
N THR A 119 -2.96 16.14 10.95
CA THR A 119 -4.17 16.70 11.52
C THR A 119 -5.05 15.60 12.12
N GLY A 1 -0.60 -12.15 19.69
CA GLY A 1 -1.58 -12.85 18.87
C GLY A 1 -2.96 -12.22 18.96
N SER A 2 -3.51 -11.84 17.82
CA SER A 2 -4.83 -11.21 17.79
C SER A 2 -5.63 -11.71 16.58
N SER A 3 -6.73 -12.40 16.86
CA SER A 3 -7.58 -12.94 15.80
C SER A 3 -8.08 -11.82 14.88
N GLY A 4 -8.81 -10.88 15.45
CA GLY A 4 -9.34 -9.77 14.68
C GLY A 4 -9.71 -8.58 15.54
N SER A 5 -10.67 -8.79 16.44
CA SER A 5 -11.13 -7.72 17.33
C SER A 5 -10.72 -8.00 18.77
N SER A 6 -9.50 -8.48 18.95
CA SER A 6 -8.99 -8.81 20.28
C SER A 6 -8.14 -7.66 20.83
N GLY A 7 -8.27 -7.40 22.12
CA GLY A 7 -7.51 -6.34 22.76
C GLY A 7 -8.21 -5.00 22.67
N ARG A 8 -7.65 -4.00 23.33
CA ARG A 8 -8.23 -2.67 23.35
C ARG A 8 -7.37 -1.69 22.55
N LEU A 9 -8.01 -0.68 21.96
CA LEU A 9 -7.31 0.32 21.16
C LEU A 9 -6.92 1.52 22.03
N LEU A 10 -5.72 1.47 22.60
CA LEU A 10 -5.23 2.55 23.45
C LEU A 10 -4.80 3.74 22.60
N ASP A 11 -4.34 4.79 23.27
CA ASP A 11 -3.88 6.00 22.58
C ASP A 11 -3.29 7.00 23.57
N LEU A 12 -1.99 7.23 23.46
CA LEU A 12 -1.30 8.16 24.34
C LEU A 12 -0.53 9.20 23.54
N GLU A 13 0.48 8.74 22.80
CA GLU A 13 1.28 9.64 21.99
C GLU A 13 0.76 9.71 20.55
N ASN A 14 1.48 10.41 19.69
CA ASN A 14 1.08 10.55 18.29
C ASN A 14 1.65 9.43 17.45
N ILE A 15 2.91 9.10 17.67
CA ILE A 15 3.57 8.03 16.93
C ILE A 15 3.54 6.72 17.71
N GLN A 16 3.16 5.64 17.03
CA GLN A 16 3.09 4.33 17.66
C GLN A 16 3.79 3.27 16.81
N ILE A 17 5.09 3.43 16.61
CA ILE A 17 5.86 2.49 15.80
C ILE A 17 6.79 1.66 16.68
N PRO A 18 6.88 0.36 16.38
CA PRO A 18 7.74 -0.58 17.11
C PRO A 18 9.22 -0.32 16.87
N ASP A 19 10.07 -1.08 17.55
CA ASP A 19 11.51 -0.94 17.40
C ASP A 19 12.04 -1.86 16.31
N ALA A 20 11.44 -3.03 16.18
CA ALA A 20 11.85 -4.00 15.17
C ALA A 20 10.67 -4.41 14.30
N PRO A 21 10.97 -4.78 13.04
CA PRO A 21 9.94 -5.20 12.08
C PRO A 21 9.34 -6.55 12.43
N PRO A 22 8.03 -6.56 12.75
CA PRO A 22 7.32 -7.78 13.11
C PRO A 22 7.12 -8.71 11.92
N PRO A 23 6.67 -9.95 12.19
CA PRO A 23 6.44 -10.95 11.16
C PRO A 23 5.25 -10.60 10.27
N ILE A 24 5.52 -10.35 8.99
CA ILE A 24 4.47 -10.01 8.04
C ILE A 24 3.33 -11.02 8.09
N PRO A 25 2.10 -10.52 8.07
CA PRO A 25 0.90 -11.37 8.10
C PRO A 25 0.70 -12.14 6.80
N LYS A 26 -0.38 -12.93 6.74
CA LYS A 26 -0.67 -13.72 5.55
C LYS A 26 -1.41 -12.88 4.51
N GLU A 27 -1.05 -13.08 3.25
CA GLU A 27 -1.67 -12.33 2.16
C GLU A 27 -3.19 -12.50 2.19
N PRO A 28 -3.90 -11.37 2.23
CA PRO A 28 -5.37 -11.36 2.26
C PRO A 28 -5.98 -11.81 0.94
N SER A 29 -6.77 -12.87 0.99
CA SER A 29 -7.42 -13.40 -0.21
C SER A 29 -8.87 -12.95 -0.29
N ASN A 30 -9.09 -11.65 -0.10
CA ASN A 30 -10.43 -11.09 -0.16
C ASN A 30 -10.47 -9.86 -1.05
N TYR A 31 -9.88 -9.97 -2.24
CA TYR A 31 -9.85 -8.87 -3.19
C TYR A 31 -10.62 -9.23 -4.47
N ASP A 32 -11.09 -8.21 -5.16
CA ASP A 32 -11.84 -8.41 -6.40
C ASP A 32 -11.28 -7.54 -7.52
N PHE A 33 -11.06 -6.26 -7.22
CA PHE A 33 -10.53 -5.34 -8.22
C PHE A 33 -9.52 -6.03 -9.12
N SER A 34 -9.79 -6.00 -10.43
CA SER A 34 -8.90 -6.63 -11.40
C SER A 34 -7.88 -5.63 -11.94
N GLY A 35 -6.64 -5.75 -11.48
CA GLY A 35 -5.59 -4.85 -11.91
C GLY A 35 -5.41 -4.86 -13.42
N PRO A 36 -4.95 -3.73 -13.96
CA PRO A 36 -4.73 -3.57 -15.41
C PRO A 36 -3.56 -4.42 -15.91
N SER A 37 -2.51 -4.52 -15.09
CA SER A 37 -1.33 -5.29 -15.45
C SER A 37 -1.56 -6.78 -15.22
N SER A 38 -2.19 -7.43 -16.19
CA SER A 38 -2.49 -8.86 -16.09
C SER A 38 -2.69 -9.47 -17.48
N GLY A 39 -2.27 -10.72 -17.64
CA GLY A 39 -2.41 -11.39 -18.91
C GLY A 39 -3.49 -12.44 -18.89
N ILE A 40 -4.07 -12.74 -20.05
CA ILE A 40 -5.12 -13.73 -20.16
C ILE A 40 -4.77 -14.80 -21.19
N GLU A 41 -5.06 -16.05 -20.87
CA GLU A 41 -4.78 -17.17 -21.77
C GLU A 41 -4.96 -16.75 -23.22
N GLY A 42 -3.86 -16.52 -23.92
CA GLY A 42 -3.92 -16.11 -25.31
C GLY A 42 -3.25 -14.78 -25.55
N ARG A 43 -4.04 -13.77 -25.88
CA ARG A 43 -3.52 -12.44 -26.15
C ARG A 43 -4.66 -11.43 -26.28
N GLY A 44 -4.33 -10.15 -26.12
CA GLY A 44 -5.33 -9.10 -26.22
C GLY A 44 -5.67 -8.49 -24.88
N SER A 45 -5.03 -7.36 -24.57
CA SER A 45 -5.26 -6.68 -23.31
C SER A 45 -6.31 -5.58 -23.46
N SER A 46 -7.52 -5.85 -22.96
CA SER A 46 -8.61 -4.89 -23.04
C SER A 46 -8.50 -3.83 -21.95
N GLY A 47 -8.34 -2.57 -22.37
CA GLY A 47 -8.22 -1.49 -21.41
C GLY A 47 -8.99 -0.26 -21.85
N SER A 48 -10.28 -0.41 -22.09
CA SER A 48 -11.12 0.70 -22.51
C SER A 48 -11.37 1.67 -21.37
N SER A 49 -12.00 2.80 -21.68
CA SER A 49 -12.29 3.81 -20.68
C SER A 49 -13.71 3.66 -20.14
N GLY A 50 -14.05 4.46 -19.14
CA GLY A 50 -15.39 4.39 -18.56
C GLY A 50 -15.50 5.22 -17.30
N SER A 51 -15.27 4.58 -16.16
CA SER A 51 -15.35 5.26 -14.87
C SER A 51 -14.34 6.39 -14.78
N SER A 52 -14.81 7.62 -14.99
CA SER A 52 -13.94 8.79 -14.93
C SER A 52 -13.69 9.22 -13.49
N GLY A 53 -12.83 10.23 -13.32
CA GLY A 53 -12.51 10.71 -12.00
C GLY A 53 -12.87 12.17 -11.81
N SER A 54 -14.17 12.46 -11.86
CA SER A 54 -14.64 13.84 -11.71
C SER A 54 -14.51 14.30 -10.26
N SER A 55 -15.03 13.50 -9.34
CA SER A 55 -14.97 13.82 -7.92
C SER A 55 -14.78 12.57 -7.08
N GLY A 56 -14.17 12.73 -5.92
CA GLY A 56 -13.93 11.60 -5.03
C GLY A 56 -12.47 11.19 -4.99
N ASP A 57 -11.58 12.18 -5.00
CA ASP A 57 -10.15 11.91 -4.96
C ASP A 57 -9.59 12.09 -3.55
N LYS A 58 -10.33 11.58 -2.57
CA LYS A 58 -9.92 11.69 -1.18
C LYS A 58 -8.94 10.56 -0.81
N GLU A 59 -8.04 10.26 -1.74
CA GLU A 59 -7.05 9.21 -1.51
C GLU A 59 -6.23 9.50 -0.26
N ARG A 60 -5.77 8.42 0.39
CA ARG A 60 -4.98 8.56 1.61
C ARG A 60 -3.49 8.65 1.28
N HIS A 61 -2.75 9.37 2.14
CA HIS A 61 -1.32 9.54 1.94
C HIS A 61 -0.52 8.70 2.94
N GLY A 62 0.37 7.86 2.42
CA GLY A 62 1.17 7.02 3.28
C GLY A 62 2.65 7.06 2.93
N VAL A 63 3.48 6.46 3.78
CA VAL A 63 4.91 6.45 3.54
C VAL A 63 5.54 5.14 4.05
N ALA A 64 6.34 4.51 3.20
CA ALA A 64 6.99 3.26 3.56
C ALA A 64 8.03 3.48 4.67
N ILE A 65 7.89 2.73 5.76
CA ILE A 65 8.82 2.85 6.88
C ILE A 65 9.79 1.67 6.91
N TYR A 66 9.43 0.59 6.23
CA TYR A 66 10.27 -0.60 6.17
C TYR A 66 10.43 -1.09 4.74
N ASN A 67 11.67 -1.31 4.32
CA ASN A 67 11.95 -1.79 2.97
C ASN A 67 11.25 -3.12 2.71
N PHE A 68 10.20 -3.08 1.89
CA PHE A 68 9.45 -4.29 1.57
C PHE A 68 9.84 -4.82 0.19
N GLN A 69 10.20 -6.10 0.13
CA GLN A 69 10.60 -6.73 -1.12
C GLN A 69 9.63 -7.85 -1.50
N GLY A 70 8.86 -7.61 -2.56
CA GLY A 70 7.90 -8.61 -3.01
C GLY A 70 8.40 -9.38 -4.21
N SER A 71 7.49 -10.11 -4.87
CA SER A 71 7.85 -10.90 -6.04
C SER A 71 7.08 -10.42 -7.27
N GLY A 72 5.78 -10.25 -7.12
CA GLY A 72 4.96 -9.80 -8.22
C GLY A 72 3.49 -9.71 -7.87
N ALA A 73 2.74 -8.91 -8.62
CA ALA A 73 1.32 -8.75 -8.38
C ALA A 73 0.68 -10.06 -7.94
N PRO A 74 -0.38 -9.97 -7.13
CA PRO A 74 -0.90 -8.69 -6.65
C PRO A 74 0.04 -8.00 -5.67
N GLN A 75 1.09 -8.70 -5.28
CA GLN A 75 2.08 -8.16 -4.35
C GLN A 75 2.90 -7.06 -5.01
N LEU A 76 3.13 -5.98 -4.27
CA LEU A 76 3.91 -4.86 -4.78
C LEU A 76 5.06 -4.51 -3.84
N SER A 77 6.21 -4.19 -4.42
CA SER A 77 7.40 -3.84 -3.62
C SER A 77 7.34 -2.39 -3.18
N LEU A 78 8.04 -2.08 -2.09
CA LEU A 78 8.07 -0.73 -1.56
C LEU A 78 9.45 -0.39 -1.01
N GLN A 79 9.76 0.90 -0.93
CA GLN A 79 11.04 1.35 -0.42
C GLN A 79 10.86 2.41 0.65
N ILE A 80 11.66 2.33 1.71
CA ILE A 80 11.58 3.27 2.82
C ILE A 80 11.67 4.71 2.31
N GLY A 81 10.82 5.57 2.88
CA GLY A 81 10.83 6.97 2.47
C GLY A 81 10.09 7.20 1.16
N ASP A 82 9.31 6.20 0.75
CA ASP A 82 8.55 6.29 -0.49
C ASP A 82 7.06 6.50 -0.21
N VAL A 83 6.46 7.45 -0.89
CA VAL A 83 5.04 7.75 -0.71
C VAL A 83 4.20 7.06 -1.79
N VAL A 84 3.14 6.38 -1.35
CA VAL A 84 2.25 5.69 -2.27
C VAL A 84 0.82 6.21 -2.16
N ARG A 85 0.14 6.30 -3.29
CA ARG A 85 -1.25 6.78 -3.32
C ARG A 85 -2.22 5.65 -3.01
N ILE A 86 -2.75 5.65 -1.79
CA ILE A 86 -3.70 4.63 -1.36
C ILE A 86 -5.07 4.86 -1.99
N GLN A 87 -5.65 3.80 -2.55
CA GLN A 87 -6.96 3.89 -3.17
C GLN A 87 -7.97 3.00 -2.46
N GLU A 88 -7.49 1.88 -1.92
CA GLU A 88 -8.35 0.95 -1.20
C GLU A 88 -7.60 0.28 -0.05
N THR A 89 -8.31 0.00 1.04
CA THR A 89 -7.71 -0.63 2.20
C THR A 89 -8.54 -1.81 2.68
N CYS A 90 -7.95 -3.00 2.62
CA CYS A 90 -8.63 -4.22 3.05
C CYS A 90 -7.83 -4.95 4.11
N GLY A 91 -8.52 -5.47 5.12
CA GLY A 91 -7.87 -6.18 6.19
C GLY A 91 -6.65 -5.44 6.73
N ASP A 92 -5.50 -6.12 6.73
CA ASP A 92 -4.27 -5.51 7.21
C ASP A 92 -3.33 -5.20 6.05
N TRP A 93 -3.90 -4.97 4.88
CA TRP A 93 -3.12 -4.65 3.70
C TRP A 93 -3.70 -3.45 2.95
N TYR A 94 -2.83 -2.64 2.36
CA TYR A 94 -3.26 -1.47 1.63
C TYR A 94 -3.35 -1.76 0.13
N ARG A 95 -4.01 -0.87 -0.60
CA ARG A 95 -4.17 -1.04 -2.04
C ARG A 95 -3.86 0.27 -2.77
N GLY A 96 -2.75 0.28 -3.51
CA GLY A 96 -2.37 1.47 -4.25
C GLY A 96 -1.20 1.22 -5.18
N TYR A 97 -0.40 2.25 -5.42
CA TYR A 97 0.76 2.14 -6.29
C TYR A 97 1.79 3.21 -5.96
N LEU A 98 3.03 2.99 -6.42
CA LEU A 98 4.11 3.94 -6.19
C LEU A 98 3.91 5.21 -7.00
N ILE A 99 3.66 6.32 -6.30
CA ILE A 99 3.46 7.60 -6.95
C ILE A 99 4.62 7.95 -7.86
N LYS A 100 5.84 7.85 -7.32
CA LYS A 100 7.04 8.15 -8.08
C LYS A 100 7.16 7.25 -9.31
N HIS A 101 6.49 6.10 -9.25
CA HIS A 101 6.51 5.16 -10.36
C HIS A 101 5.18 4.40 -10.46
N LYS A 102 4.38 4.76 -11.45
CA LYS A 102 3.08 4.13 -11.65
C LYS A 102 3.23 2.84 -12.46
N MET A 103 4.47 2.50 -12.79
CA MET A 103 4.75 1.30 -13.56
C MET A 103 4.54 0.04 -12.71
N LEU A 104 4.38 0.25 -11.41
CA LEU A 104 4.17 -0.86 -10.49
C LEU A 104 2.94 -0.63 -9.62
N GLN A 105 2.09 -1.65 -9.53
CA GLN A 105 0.87 -1.56 -8.72
C GLN A 105 0.55 -2.90 -8.07
N GLY A 106 0.04 -2.85 -6.84
CA GLY A 106 -0.30 -4.06 -6.12
C GLY A 106 -0.76 -3.79 -4.71
N ILE A 107 -0.38 -4.66 -3.79
CA ILE A 107 -0.77 -4.51 -2.39
C ILE A 107 0.46 -4.58 -1.47
N PHE A 108 0.27 -4.14 -0.23
CA PHE A 108 1.37 -4.16 0.75
C PHE A 108 0.82 -4.15 2.17
N PRO A 109 1.66 -4.55 3.13
CA PRO A 109 1.29 -4.60 4.54
C PRO A 109 1.11 -3.21 5.15
N LYS A 110 -0.07 -2.96 5.71
CA LYS A 110 -0.38 -1.67 6.31
C LYS A 110 0.62 -1.34 7.42
N SER A 111 1.25 -2.38 7.98
CA SER A 111 2.23 -2.20 9.04
C SER A 111 3.52 -1.59 8.49
N PHE A 112 3.61 -1.49 7.17
CA PHE A 112 4.79 -0.93 6.52
C PHE A 112 4.49 0.47 5.99
N ILE A 113 3.21 0.81 5.91
CA ILE A 113 2.79 2.13 5.42
C ILE A 113 2.40 3.05 6.57
N HIS A 114 3.02 4.22 6.62
CA HIS A 114 2.73 5.19 7.67
C HIS A 114 1.77 6.27 7.16
N ILE A 115 0.51 6.16 7.55
CA ILE A 115 -0.51 7.12 7.14
C ILE A 115 -0.24 8.50 7.75
N LYS A 116 0.13 9.45 6.90
CA LYS A 116 0.42 10.81 7.36
C LYS A 116 -0.85 11.65 7.35
N GLU A 117 -1.40 11.89 8.54
CA GLU A 117 -2.62 12.70 8.68
C GLU A 117 -2.42 13.80 9.71
N VAL A 118 -1.92 14.94 9.26
CA VAL A 118 -1.69 16.08 10.14
C VAL A 118 -2.98 16.86 10.39
N THR A 119 -4.05 16.43 9.72
CA THR A 119 -5.35 17.09 9.86
C THR A 119 -6.40 16.13 10.40
N GLY A 1 -17.41 17.55 7.85
CA GLY A 1 -16.79 16.51 8.65
C GLY A 1 -15.54 16.99 9.35
N SER A 2 -15.72 17.64 10.50
CA SER A 2 -14.59 18.16 11.26
C SER A 2 -14.98 18.37 12.72
N SER A 3 -13.99 18.65 13.56
CA SER A 3 -14.22 18.88 14.98
C SER A 3 -14.36 20.37 15.29
N GLY A 4 -15.32 20.70 16.15
CA GLY A 4 -15.54 22.09 16.50
C GLY A 4 -15.04 22.41 17.90
N SER A 5 -15.95 22.89 18.75
CA SER A 5 -15.59 23.25 20.13
C SER A 5 -15.70 22.04 21.04
N SER A 6 -14.67 21.21 21.06
CA SER A 6 -14.64 20.01 21.89
C SER A 6 -13.35 19.92 22.68
N GLY A 7 -12.92 21.05 23.24
CA GLY A 7 -11.70 21.08 24.02
C GLY A 7 -10.45 21.08 23.14
N ARG A 8 -9.28 21.09 23.77
CA ARG A 8 -8.02 21.09 23.05
C ARG A 8 -7.28 19.77 23.23
N LEU A 9 -7.00 19.09 22.13
CA LEU A 9 -6.30 17.82 22.18
C LEU A 9 -5.52 17.58 20.89
N LEU A 10 -4.20 17.66 20.98
CA LEU A 10 -3.34 17.45 19.81
C LEU A 10 -2.55 16.15 19.95
N ASP A 11 -2.43 15.66 21.18
CA ASP A 11 -1.71 14.43 21.44
C ASP A 11 -2.37 13.25 20.75
N LEU A 12 -3.57 13.48 20.19
CA LEU A 12 -4.31 12.44 19.50
C LEU A 12 -3.38 11.55 18.69
N GLU A 13 -2.37 12.17 18.07
CA GLU A 13 -1.40 11.44 17.26
C GLU A 13 -0.46 10.62 18.14
N ASN A 14 -0.82 9.36 18.38
CA ASN A 14 0.00 8.48 19.21
C ASN A 14 0.46 7.28 18.40
N ILE A 15 1.63 7.40 17.77
CA ILE A 15 2.19 6.32 16.98
C ILE A 15 3.32 5.62 17.71
N GLN A 16 3.33 4.29 17.67
CA GLN A 16 4.37 3.51 18.32
C GLN A 16 4.92 2.44 17.39
N ILE A 17 6.14 2.64 16.92
CA ILE A 17 6.77 1.69 16.02
C ILE A 17 7.79 0.83 16.76
N PRO A 18 7.79 -0.48 16.45
CA PRO A 18 8.71 -1.44 17.08
C PRO A 18 10.15 -1.23 16.65
N ASP A 19 11.09 -1.63 17.50
CA ASP A 19 12.51 -1.48 17.20
C ASP A 19 12.88 -2.29 15.96
N ALA A 20 12.30 -3.48 15.84
CA ALA A 20 12.58 -4.34 14.69
C ALA A 20 11.32 -4.58 13.86
N PRO A 21 11.50 -4.81 12.56
CA PRO A 21 10.39 -5.06 11.64
C PRO A 21 9.70 -6.40 11.89
N PRO A 22 8.40 -6.36 12.17
CA PRO A 22 7.61 -7.56 12.44
C PRO A 22 7.42 -8.42 11.20
N PRO A 23 7.08 -9.71 11.40
CA PRO A 23 6.86 -10.65 10.30
C PRO A 23 5.58 -10.34 9.52
N ILE A 24 5.74 -9.88 8.29
CA ILE A 24 4.60 -9.55 7.44
C ILE A 24 3.44 -10.50 7.70
N PRO A 25 2.22 -9.94 7.74
CA PRO A 25 1.00 -10.71 7.98
C PRO A 25 0.65 -11.62 6.79
N LYS A 26 -0.47 -12.33 6.92
CA LYS A 26 -0.91 -13.23 5.86
C LYS A 26 -1.84 -12.51 4.89
N GLU A 27 -1.60 -12.72 3.59
CA GLU A 27 -2.41 -12.09 2.56
C GLU A 27 -3.90 -12.21 2.88
N PRO A 28 -4.68 -11.16 2.56
CA PRO A 28 -6.12 -11.14 2.80
C PRO A 28 -6.88 -12.09 1.90
N SER A 29 -8.19 -12.20 2.11
CA SER A 29 -9.03 -13.08 1.32
C SER A 29 -9.01 -12.67 -0.15
N ASN A 30 -9.74 -13.42 -0.97
CA ASN A 30 -9.82 -13.13 -2.40
C ASN A 30 -9.93 -11.62 -2.65
N TYR A 31 -8.82 -11.01 -3.05
CA TYR A 31 -8.81 -9.58 -3.32
C TYR A 31 -10.04 -9.15 -4.10
N ASP A 32 -10.88 -8.33 -3.47
CA ASP A 32 -12.10 -7.86 -4.11
C ASP A 32 -11.78 -6.81 -5.18
N PHE A 33 -11.59 -7.26 -6.41
CA PHE A 33 -11.29 -6.37 -7.51
C PHE A 33 -12.44 -6.30 -8.51
N SER A 34 -12.22 -5.59 -9.61
CA SER A 34 -13.25 -5.45 -10.64
C SER A 34 -13.20 -6.61 -11.63
N GLY A 35 -13.18 -7.83 -11.10
CA GLY A 35 -13.13 -9.01 -11.95
C GLY A 35 -12.61 -10.23 -11.22
N PRO A 36 -13.13 -11.41 -11.58
CA PRO A 36 -12.73 -12.67 -10.96
C PRO A 36 -11.30 -13.07 -11.34
N SER A 37 -10.99 -13.01 -12.63
CA SER A 37 -9.66 -13.37 -13.12
C SER A 37 -9.29 -12.54 -14.34
N SER A 38 -8.12 -11.92 -14.29
CA SER A 38 -7.64 -11.09 -15.40
C SER A 38 -7.99 -11.72 -16.74
N GLY A 39 -7.73 -13.02 -16.86
CA GLY A 39 -8.03 -13.72 -18.10
C GLY A 39 -6.94 -13.54 -19.14
N ILE A 40 -7.32 -13.09 -20.33
CA ILE A 40 -6.37 -12.88 -21.40
C ILE A 40 -6.86 -11.79 -22.35
N GLU A 41 -5.99 -11.37 -23.27
CA GLU A 41 -6.33 -10.35 -24.25
C GLU A 41 -7.75 -10.54 -24.77
N GLY A 42 -8.08 -11.78 -25.10
CA GLY A 42 -9.41 -12.08 -25.61
C GLY A 42 -9.38 -12.61 -27.02
N ARG A 43 -10.27 -13.56 -27.31
CA ARG A 43 -10.34 -14.17 -28.63
C ARG A 43 -10.57 -13.11 -29.71
N GLY A 44 -11.63 -12.32 -29.54
CA GLY A 44 -11.95 -11.28 -30.49
C GLY A 44 -11.76 -9.88 -29.91
N SER A 45 -11.10 -9.02 -30.68
CA SER A 45 -10.85 -7.65 -30.24
C SER A 45 -12.12 -6.82 -30.28
N SER A 46 -12.87 -6.85 -29.18
CA SER A 46 -14.12 -6.10 -29.09
C SER A 46 -14.62 -6.05 -27.65
N GLY A 47 -14.55 -4.86 -27.06
CA GLY A 47 -14.99 -4.70 -25.68
C GLY A 47 -14.24 -3.59 -24.96
N SER A 48 -14.91 -2.95 -24.00
CA SER A 48 -14.30 -1.87 -23.24
C SER A 48 -15.04 -1.64 -21.93
N SER A 49 -14.35 -1.06 -20.96
CA SER A 49 -14.95 -0.79 -19.65
C SER A 49 -14.85 0.69 -19.31
N GLY A 50 -15.11 1.54 -20.30
CA GLY A 50 -15.05 2.98 -20.08
C GLY A 50 -13.92 3.37 -19.15
N SER A 51 -14.15 4.42 -18.37
CA SER A 51 -13.14 4.90 -17.43
C SER A 51 -13.77 5.84 -16.39
N SER A 52 -13.24 5.79 -15.18
CA SER A 52 -13.74 6.63 -14.09
C SER A 52 -12.60 7.32 -13.35
N GLY A 53 -12.94 8.30 -12.53
CA GLY A 53 -11.93 9.02 -11.78
C GLY A 53 -11.35 10.18 -12.55
N SER A 54 -12.19 11.18 -12.82
CA SER A 54 -11.76 12.36 -13.57
C SER A 54 -11.05 13.36 -12.65
N SER A 55 -11.70 13.68 -11.54
CA SER A 55 -11.15 14.63 -10.57
C SER A 55 -11.61 14.30 -9.16
N GLY A 56 -10.73 14.54 -8.19
CA GLY A 56 -11.06 14.26 -6.81
C GLY A 56 -9.87 13.75 -6.01
N ASP A 57 -9.13 14.68 -5.40
CA ASP A 57 -7.96 14.32 -4.61
C ASP A 57 -8.35 14.06 -3.16
N LYS A 58 -9.37 13.23 -2.96
CA LYS A 58 -9.84 12.90 -1.62
C LYS A 58 -9.32 11.54 -1.18
N GLU A 59 -8.09 11.22 -1.59
CA GLU A 59 -7.47 9.95 -1.24
C GLU A 59 -6.63 10.08 0.02
N ARG A 60 -5.99 8.99 0.41
CA ARG A 60 -5.15 8.99 1.61
C ARG A 60 -3.67 9.01 1.23
N HIS A 61 -2.87 9.68 2.04
CA HIS A 61 -1.43 9.78 1.80
C HIS A 61 -0.65 8.89 2.76
N GLY A 62 0.09 7.94 2.21
CA GLY A 62 0.87 7.03 3.04
C GLY A 62 2.34 7.05 2.68
N VAL A 63 3.18 6.66 3.63
CA VAL A 63 4.63 6.63 3.40
C VAL A 63 5.25 5.39 4.01
N ALA A 64 6.04 4.67 3.20
CA ALA A 64 6.70 3.46 3.66
C ALA A 64 7.71 3.76 4.75
N ILE A 65 7.64 3.00 5.84
CA ILE A 65 8.55 3.19 6.97
C ILE A 65 9.55 2.03 7.06
N TYR A 66 9.24 0.94 6.38
CA TYR A 66 10.09 -0.24 6.40
C TYR A 66 10.32 -0.77 4.99
N ASN A 67 11.51 -1.29 4.73
CA ASN A 67 11.85 -1.83 3.43
C ASN A 67 11.11 -3.14 3.16
N PHE A 68 10.06 -3.06 2.36
CA PHE A 68 9.26 -4.24 2.04
C PHE A 68 9.69 -4.83 0.70
N GLN A 69 10.04 -6.12 0.72
CA GLN A 69 10.47 -6.81 -0.49
C GLN A 69 9.60 -8.04 -0.76
N GLY A 70 8.82 -7.96 -1.82
CA GLY A 70 7.95 -9.07 -2.18
C GLY A 70 8.52 -9.92 -3.30
N SER A 71 7.64 -10.40 -4.18
CA SER A 71 8.06 -11.23 -5.30
C SER A 71 7.39 -10.78 -6.59
N GLY A 72 6.09 -10.51 -6.51
CA GLY A 72 5.36 -10.07 -7.68
C GLY A 72 3.88 -9.90 -7.41
N ALA A 73 3.22 -9.08 -8.22
CA ALA A 73 1.79 -8.84 -8.06
C ALA A 73 1.06 -10.11 -7.65
N PRO A 74 -0.06 -9.94 -6.92
CA PRO A 74 -0.55 -8.62 -6.53
C PRO A 74 0.34 -7.94 -5.50
N GLN A 75 1.38 -8.64 -5.07
CA GLN A 75 2.31 -8.11 -4.08
C GLN A 75 3.22 -7.05 -4.71
N LEU A 76 3.22 -5.86 -4.13
CA LEU A 76 4.05 -4.76 -4.64
C LEU A 76 5.15 -4.41 -3.64
N SER A 77 6.34 -4.14 -4.16
CA SER A 77 7.47 -3.79 -3.31
C SER A 77 7.38 -2.34 -2.85
N LEU A 78 8.16 -2.00 -1.83
CA LEU A 78 8.16 -0.64 -1.28
C LEU A 78 9.50 -0.32 -0.64
N GLN A 79 9.83 0.97 -0.60
CA GLN A 79 11.09 1.42 -0.02
C GLN A 79 10.86 2.55 0.98
N ILE A 80 11.54 2.48 2.12
CA ILE A 80 11.40 3.50 3.15
C ILE A 80 11.49 4.89 2.56
N GLY A 81 10.57 5.77 2.95
CA GLY A 81 10.57 7.13 2.44
C GLY A 81 9.84 7.26 1.12
N ASP A 82 9.05 6.24 0.78
CA ASP A 82 8.30 6.24 -0.47
C ASP A 82 6.82 6.47 -0.20
N VAL A 83 6.19 7.33 -1.01
CA VAL A 83 4.77 7.62 -0.86
C VAL A 83 3.95 6.94 -1.95
N VAL A 84 2.81 6.39 -1.55
CA VAL A 84 1.92 5.71 -2.50
C VAL A 84 0.49 6.22 -2.37
N ARG A 85 -0.18 6.33 -3.51
CA ARG A 85 -1.56 6.81 -3.53
C ARG A 85 -2.53 5.69 -3.16
N ILE A 86 -3.05 5.74 -1.94
CA ILE A 86 -3.99 4.73 -1.46
C ILE A 86 -5.36 4.91 -2.11
N GLN A 87 -5.85 3.85 -2.73
CA GLN A 87 -7.15 3.88 -3.39
C GLN A 87 -8.14 2.95 -2.69
N GLU A 88 -7.63 1.81 -2.22
CA GLU A 88 -8.47 0.84 -1.53
C GLU A 88 -7.67 0.08 -0.48
N THR A 89 -8.38 -0.50 0.49
CA THR A 89 -7.74 -1.26 1.56
C THR A 89 -8.29 -2.67 1.65
N CYS A 90 -7.41 -3.66 1.58
CA CYS A 90 -7.81 -5.05 1.65
C CYS A 90 -7.34 -5.69 2.94
N GLY A 91 -8.23 -5.77 3.93
CA GLY A 91 -7.88 -6.35 5.20
C GLY A 91 -6.68 -5.68 5.85
N ASP A 92 -5.66 -6.46 6.18
CA ASP A 92 -4.45 -5.93 6.80
C ASP A 92 -3.49 -5.39 5.74
N TRP A 93 -3.98 -5.24 4.52
CA TRP A 93 -3.17 -4.73 3.43
C TRP A 93 -3.85 -3.56 2.74
N TYR A 94 -3.07 -2.71 2.10
CA TYR A 94 -3.60 -1.54 1.40
C TYR A 94 -3.70 -1.81 -0.10
N ARG A 95 -4.14 -0.81 -0.84
CA ARG A 95 -4.29 -0.94 -2.30
C ARG A 95 -3.93 0.37 -2.99
N GLY A 96 -2.82 0.35 -3.71
CA GLY A 96 -2.37 1.54 -4.42
C GLY A 96 -1.19 1.26 -5.33
N TYR A 97 -0.37 2.29 -5.56
CA TYR A 97 0.80 2.15 -6.43
C TYR A 97 1.86 3.19 -6.07
N LEU A 98 2.99 3.13 -6.77
CA LEU A 98 4.08 4.06 -6.53
C LEU A 98 3.85 5.37 -7.29
N ILE A 99 3.68 6.45 -6.55
CA ILE A 99 3.46 7.76 -7.14
C ILE A 99 4.63 8.17 -8.04
N LYS A 100 5.84 7.88 -7.58
CA LYS A 100 7.05 8.21 -8.34
C LYS A 100 7.29 7.19 -9.44
N HIS A 101 6.84 5.96 -9.21
CA HIS A 101 7.01 4.89 -10.19
C HIS A 101 5.71 4.09 -10.35
N LYS A 102 4.68 4.75 -10.88
CA LYS A 102 3.39 4.10 -11.09
C LYS A 102 3.56 2.79 -11.87
N MET A 103 4.63 2.71 -12.66
CA MET A 103 4.90 1.52 -13.44
C MET A 103 4.62 0.25 -12.64
N LEU A 104 4.68 0.37 -11.32
CA LEU A 104 4.43 -0.76 -10.43
C LEU A 104 3.20 -0.52 -9.57
N GLN A 105 2.25 -1.45 -9.62
CA GLN A 105 1.03 -1.34 -8.84
C GLN A 105 0.70 -2.66 -8.16
N GLY A 106 0.19 -2.58 -6.92
CA GLY A 106 -0.16 -3.77 -6.19
C GLY A 106 -0.65 -3.47 -4.78
N ILE A 107 -0.34 -4.36 -3.85
CA ILE A 107 -0.75 -4.18 -2.47
C ILE A 107 0.44 -4.28 -1.52
N PHE A 108 0.24 -3.88 -0.27
CA PHE A 108 1.30 -3.92 0.73
C PHE A 108 0.71 -3.90 2.14
N PRO A 109 1.52 -4.32 3.13
CA PRO A 109 1.10 -4.35 4.53
C PRO A 109 0.95 -2.95 5.12
N LYS A 110 -0.16 -2.72 5.81
CA LYS A 110 -0.41 -1.43 6.44
C LYS A 110 0.63 -1.11 7.50
N SER A 111 1.17 -2.15 8.12
CA SER A 111 2.18 -1.99 9.17
C SER A 111 3.43 -1.31 8.61
N PHE A 112 3.56 -1.33 7.28
CA PHE A 112 4.71 -0.71 6.63
C PHE A 112 4.35 0.65 6.07
N ILE A 113 3.05 0.95 6.02
CA ILE A 113 2.58 2.23 5.50
C ILE A 113 2.25 3.19 6.64
N HIS A 114 2.80 4.39 6.57
CA HIS A 114 2.57 5.41 7.59
C HIS A 114 1.57 6.45 7.09
N ILE A 115 0.32 6.29 7.49
CA ILE A 115 -0.73 7.22 7.09
C ILE A 115 -0.50 8.60 7.69
N LYS A 116 0.03 9.51 6.87
CA LYS A 116 0.30 10.87 7.32
C LYS A 116 -0.90 11.78 7.07
N GLU A 117 -1.32 12.51 8.10
CA GLU A 117 -2.46 13.41 7.99
C GLU A 117 -2.11 14.80 8.54
N VAL A 118 -1.52 15.64 7.69
CA VAL A 118 -1.14 16.98 8.09
C VAL A 118 -1.74 18.02 7.16
N THR A 119 -1.41 17.93 5.88
CA THR A 119 -1.93 18.86 4.88
C THR A 119 -3.42 18.65 4.64
#